data_2JRP
#
_entry.id   2JRP
#
loop_
_entity.id
_entity.type
_entity.pdbx_description
1 polymer 'Putative cytoplasmic protein'
2 non-polymer 'ZINC ION'
#
_entity_poly.entity_id   1
_entity_poly.type   'polypeptide(L)'
_entity_poly.pdbx_seq_one_letter_code
;MEITCPVCHHALERNGDTAHCETCAKDFSLQALCPDCRQPLQVLKACGAVDYFCQNGHGLISKKRVNFVISDQLEHHHHH
H
;
_entity_poly.pdbx_strand_id   A
#
loop_
_chem_comp.id
_chem_comp.type
_chem_comp.name
_chem_comp.formula
ZN non-polymer 'ZINC ION' 'Zn 2'
#
# COMPACT_ATOMS: atom_id res chain seq x y z
N MET A 1 -17.08 2.38 0.35
CA MET A 1 -15.81 2.46 -0.40
C MET A 1 -15.37 1.08 -0.88
N GLU A 2 -15.10 0.18 0.07
CA GLU A 2 -14.66 -1.18 -0.23
C GLU A 2 -13.36 -1.20 -1.04
N ILE A 3 -12.96 -2.39 -1.47
CA ILE A 3 -11.78 -2.57 -2.30
C ILE A 3 -12.14 -3.47 -3.48
N THR A 4 -12.09 -2.91 -4.68
CA THR A 4 -12.43 -3.64 -5.88
C THR A 4 -11.47 -3.33 -7.01
N CYS A 5 -11.33 -4.27 -7.94
CA CYS A 5 -10.50 -4.09 -9.11
C CYS A 5 -11.10 -2.99 -10.00
N PRO A 6 -10.25 -2.09 -10.53
CA PRO A 6 -10.68 -1.02 -11.44
C PRO A 6 -11.21 -1.57 -12.77
N VAL A 7 -11.11 -2.89 -12.93
CA VAL A 7 -11.59 -3.55 -14.12
C VAL A 7 -12.83 -4.37 -13.79
N CYS A 8 -12.65 -5.33 -12.90
CA CYS A 8 -13.75 -6.19 -12.48
C CYS A 8 -14.20 -5.84 -11.07
N HIS A 9 -15.23 -5.00 -10.98
CA HIS A 9 -15.80 -4.63 -9.69
C HIS A 9 -16.55 -5.82 -9.07
N HIS A 10 -15.81 -6.68 -8.38
CA HIS A 10 -16.42 -7.77 -7.62
C HIS A 10 -16.12 -7.57 -6.15
N ALA A 11 -14.94 -8.04 -5.73
CA ALA A 11 -14.47 -7.90 -4.36
C ALA A 11 -13.02 -8.36 -4.26
N LEU A 12 -12.16 -7.49 -3.75
CA LEU A 12 -10.75 -7.82 -3.55
C LEU A 12 -10.49 -8.13 -2.09
N GLU A 13 -9.83 -9.24 -1.83
CA GLU A 13 -9.58 -9.67 -0.46
C GLU A 13 -8.21 -9.21 0.00
N ARG A 14 -8.15 -8.67 1.20
CA ARG A 14 -6.92 -8.13 1.76
C ARG A 14 -6.29 -9.15 2.71
N ASN A 15 -5.01 -9.46 2.51
CA ASN A 15 -4.31 -10.39 3.40
C ASN A 15 -3.31 -9.61 4.25
N GLY A 16 -3.28 -8.32 4.03
CA GLY A 16 -2.26 -7.50 4.64
C GLY A 16 -1.17 -7.24 3.64
N ASP A 17 -0.70 -5.99 3.55
CA ASP A 17 0.27 -5.58 2.52
C ASP A 17 -0.36 -5.60 1.13
N THR A 18 -0.83 -6.76 0.69
CA THR A 18 -1.35 -6.92 -0.66
C THR A 18 -2.80 -7.37 -0.64
N ALA A 19 -3.56 -6.90 -1.62
CA ALA A 19 -4.94 -7.34 -1.83
C ALA A 19 -5.01 -8.14 -3.13
N HIS A 20 -5.65 -9.29 -3.09
CA HIS A 20 -5.68 -10.17 -4.25
C HIS A 20 -6.91 -9.91 -5.11
N CYS A 21 -6.67 -9.76 -6.40
CA CYS A 21 -7.73 -9.60 -7.37
C CYS A 21 -8.15 -10.98 -7.88
N GLU A 22 -9.41 -11.31 -7.63
CA GLU A 22 -10.01 -12.59 -8.04
C GLU A 22 -9.80 -12.88 -9.53
N THR A 23 -10.79 -12.56 -10.36
CA THR A 23 -10.58 -12.55 -11.80
C THR A 23 -9.53 -11.50 -12.11
N CYS A 24 -8.67 -11.81 -13.10
CA CYS A 24 -7.51 -10.98 -13.48
C CYS A 24 -6.22 -11.61 -12.93
N ALA A 25 -6.35 -12.30 -11.78
CA ALA A 25 -5.22 -12.99 -11.16
C ALA A 25 -4.10 -12.00 -10.80
N LYS A 26 -4.50 -10.78 -10.48
CA LYS A 26 -3.57 -9.71 -10.17
C LYS A 26 -3.47 -9.50 -8.67
N ASP A 27 -2.28 -9.20 -8.18
CA ASP A 27 -2.11 -8.86 -6.78
C ASP A 27 -1.75 -7.40 -6.65
N PHE A 28 -2.52 -6.67 -5.86
CA PHE A 28 -2.29 -5.25 -5.65
C PHE A 28 -1.62 -5.01 -4.32
N SER A 29 -0.33 -4.69 -4.34
CA SER A 29 0.39 -4.37 -3.13
C SER A 29 0.16 -2.91 -2.77
N LEU A 30 -0.29 -2.68 -1.55
CA LEU A 30 -0.56 -1.33 -1.08
C LEU A 30 0.53 -0.87 -0.14
N GLN A 31 0.96 0.37 -0.30
CA GLN A 31 2.00 0.92 0.54
C GLN A 31 1.43 1.98 1.46
N ALA A 32 1.93 2.02 2.68
CA ALA A 32 1.45 2.96 3.67
C ALA A 32 2.18 4.29 3.55
N LEU A 33 1.46 5.30 3.06
CA LEU A 33 2.01 6.64 2.86
C LEU A 33 1.36 7.64 3.82
N CYS A 34 2.04 8.74 4.06
CA CYS A 34 1.46 9.86 4.80
C CYS A 34 0.93 10.90 3.82
N PRO A 35 -0.10 11.66 4.22
CA PRO A 35 -0.67 12.71 3.39
C PRO A 35 0.26 13.93 3.29
N ASP A 36 1.20 14.04 4.23
CA ASP A 36 2.11 15.17 4.26
C ASP A 36 3.50 14.76 3.78
N CYS A 37 3.99 13.62 4.24
CA CYS A 37 5.25 13.08 3.73
C CYS A 37 4.99 11.86 2.86
N ARG A 38 4.96 12.08 1.55
CA ARG A 38 4.63 11.02 0.61
C ARG A 38 5.86 10.17 0.29
N GLN A 39 6.14 9.24 1.18
CA GLN A 39 7.27 8.34 1.04
C GLN A 39 6.87 6.97 1.56
N PRO A 40 7.75 5.95 1.43
CA PRO A 40 7.56 4.67 2.12
C PRO A 40 7.70 4.81 3.64
N LEU A 41 7.83 6.07 4.08
CA LEU A 41 7.90 6.43 5.50
C LEU A 41 9.13 5.84 6.16
N GLN A 42 9.00 4.59 6.60
CA GLN A 42 10.10 3.86 7.21
C GLN A 42 9.76 2.39 7.17
N VAL A 43 10.67 1.59 6.66
CA VAL A 43 10.41 0.19 6.41
C VAL A 43 10.59 -0.65 7.66
N LEU A 44 9.47 -1.02 8.28
CA LEU A 44 9.49 -1.90 9.43
C LEU A 44 9.28 -3.33 8.96
N LYS A 45 10.25 -4.19 9.23
CA LYS A 45 10.16 -5.58 8.80
C LYS A 45 10.22 -6.52 9.98
N ALA A 46 9.37 -7.52 9.96
CA ALA A 46 9.33 -8.54 11.01
C ALA A 46 9.05 -9.90 10.40
N CYS A 47 10.03 -10.80 10.50
CA CYS A 47 9.92 -12.13 9.92
C CYS A 47 9.68 -12.06 8.41
N GLY A 48 10.17 -10.99 7.79
CA GLY A 48 9.97 -10.81 6.36
C GLY A 48 8.86 -9.83 6.06
N ALA A 49 7.80 -9.87 6.85
CA ALA A 49 6.65 -8.98 6.67
C ALA A 49 7.08 -7.53 6.80
N VAL A 50 6.41 -6.65 6.08
CA VAL A 50 6.80 -5.25 6.02
C VAL A 50 5.62 -4.33 6.25
N ASP A 51 5.86 -3.26 7.01
CA ASP A 51 4.89 -2.20 7.21
C ASP A 51 5.60 -0.86 7.12
N TYR A 52 4.98 0.11 6.48
CA TYR A 52 5.61 1.41 6.30
C TYR A 52 5.08 2.39 7.34
N PHE A 53 5.95 2.73 8.28
CA PHE A 53 5.56 3.51 9.44
C PHE A 53 6.69 4.44 9.86
N CYS A 54 6.52 5.73 9.61
CA CYS A 54 7.56 6.71 9.92
C CYS A 54 7.58 7.03 11.40
N GLN A 55 8.38 6.29 12.16
CA GLN A 55 8.42 6.45 13.61
C GLN A 55 9.06 7.79 14.00
N ASN A 56 10.38 7.81 14.07
CA ASN A 56 11.10 8.99 14.52
C ASN A 56 11.49 9.87 13.33
N GLY A 57 11.46 9.26 12.15
CA GLY A 57 11.82 9.97 10.94
C GLY A 57 10.77 10.97 10.50
N HIS A 58 9.64 10.99 11.21
CA HIS A 58 8.55 11.91 10.89
C HIS A 58 7.55 11.99 12.02
N GLY A 59 6.91 10.86 12.30
CA GLY A 59 5.83 10.83 13.26
C GLY A 59 4.84 9.76 12.92
N LEU A 60 4.38 9.05 13.94
CA LEU A 60 3.51 7.90 13.77
C LEU A 60 2.10 8.31 13.38
N ILE A 61 1.38 7.39 12.75
CA ILE A 61 -0.03 7.60 12.42
C ILE A 61 -0.83 6.42 12.93
N SER A 62 -2.09 6.64 13.25
CA SER A 62 -3.00 5.53 13.46
C SER A 62 -3.19 4.85 12.13
N LYS A 63 -3.12 3.52 12.10
CA LYS A 63 -3.18 2.78 10.84
C LYS A 63 -4.56 2.90 10.21
N LYS A 64 -5.48 3.50 10.96
CA LYS A 64 -6.82 3.79 10.50
C LYS A 64 -6.82 5.04 9.61
N ARG A 65 -5.74 5.82 9.68
CA ARG A 65 -5.64 7.07 8.94
C ARG A 65 -4.44 7.09 8.01
N VAL A 66 -3.79 5.94 7.84
CA VAL A 66 -2.65 5.86 6.95
C VAL A 66 -3.13 5.64 5.51
N ASN A 67 -2.48 6.29 4.57
CA ASN A 67 -2.90 6.22 3.17
C ASN A 67 -2.28 5.00 2.50
N PHE A 68 -3.04 3.90 2.46
CA PHE A 68 -2.59 2.69 1.79
C PHE A 68 -2.92 2.78 0.30
N VAL A 69 -1.93 3.12 -0.50
CA VAL A 69 -2.14 3.29 -1.93
C VAL A 69 -1.55 2.11 -2.70
N ILE A 70 -2.23 1.70 -3.77
CA ILE A 70 -1.75 0.63 -4.62
C ILE A 70 -0.70 1.15 -5.59
N SER A 71 0.56 0.99 -5.24
CA SER A 71 1.65 1.44 -6.08
C SER A 71 2.50 0.26 -6.55
N ASP A 72 2.12 -0.32 -7.68
CA ASP A 72 2.87 -1.43 -8.27
C ASP A 72 3.56 -0.95 -9.54
N GLN A 73 3.51 0.35 -9.77
CA GLN A 73 4.10 0.96 -10.96
C GLN A 73 5.61 1.12 -10.80
N LEU A 74 6.30 1.25 -11.92
CA LEU A 74 7.75 1.41 -11.93
C LEU A 74 8.11 2.83 -11.49
N GLU A 75 8.63 2.94 -10.26
CA GLU A 75 9.01 4.23 -9.70
C GLU A 75 10.53 4.42 -9.73
N HIS A 76 11.25 3.40 -10.16
CA HIS A 76 12.70 3.44 -10.15
C HIS A 76 13.27 4.42 -11.17
N HIS A 77 13.37 4.03 -12.43
CA HIS A 77 14.01 4.89 -13.42
C HIS A 77 13.00 5.40 -14.47
N HIS A 78 12.25 6.42 -14.08
CA HIS A 78 11.38 7.16 -14.99
C HIS A 78 10.54 8.14 -14.19
N HIS A 79 9.99 7.64 -13.09
CA HIS A 79 9.28 8.48 -12.13
C HIS A 79 10.30 9.34 -11.39
N HIS A 80 10.68 10.45 -12.00
CA HIS A 80 11.76 11.27 -11.49
C HIS A 80 11.26 12.45 -10.67
N HIS A 81 12.09 12.88 -9.74
CA HIS A 81 11.73 13.95 -8.81
C HIS A 81 12.89 14.92 -8.67
ZN ZN B . -11.36 -9.81 -10.99
ZN ZN C . 4.45 10.14 9.83
N MET A 1 -13.47 1.54 4.45
CA MET A 1 -12.82 2.05 3.21
C MET A 1 -12.07 0.92 2.52
N GLU A 2 -12.66 0.37 1.48
CA GLU A 2 -12.04 -0.72 0.74
C GLU A 2 -11.40 -0.23 -0.55
N ILE A 3 -10.33 -0.91 -0.96
CA ILE A 3 -9.69 -0.62 -2.23
C ILE A 3 -10.48 -1.30 -3.33
N THR A 4 -11.26 -0.50 -4.04
CA THR A 4 -12.13 -1.02 -5.07
C THR A 4 -11.36 -1.33 -6.36
N CYS A 5 -11.42 -2.59 -6.78
CA CYS A 5 -10.82 -3.00 -8.04
C CYS A 5 -11.58 -2.36 -9.20
N PRO A 6 -10.86 -1.66 -10.08
CA PRO A 6 -11.48 -0.98 -11.23
C PRO A 6 -12.06 -1.96 -12.24
N VAL A 7 -11.54 -3.19 -12.24
CA VAL A 7 -11.95 -4.19 -13.21
C VAL A 7 -13.21 -4.91 -12.75
N CYS A 8 -13.10 -5.66 -11.65
CA CYS A 8 -14.24 -6.45 -11.19
C CYS A 8 -15.20 -5.62 -10.34
N HIS A 9 -14.82 -4.38 -10.06
CA HIS A 9 -15.63 -3.45 -9.27
C HIS A 9 -16.01 -4.09 -7.93
N HIS A 10 -14.99 -4.60 -7.25
CA HIS A 10 -15.18 -5.27 -5.97
C HIS A 10 -14.08 -4.87 -5.03
N ALA A 11 -14.32 -5.05 -3.73
CA ALA A 11 -13.32 -4.76 -2.72
C ALA A 11 -12.17 -5.75 -2.82
N LEU A 12 -10.97 -5.24 -2.97
CA LEU A 12 -9.79 -6.09 -3.01
C LEU A 12 -9.47 -6.66 -1.64
N GLU A 13 -8.84 -7.81 -1.62
CA GLU A 13 -8.47 -8.47 -0.39
C GLU A 13 -6.99 -8.24 -0.11
N ARG A 14 -6.70 -7.36 0.83
CA ARG A 14 -5.33 -6.97 1.11
C ARG A 14 -4.64 -7.94 2.05
N ASN A 15 -3.40 -8.27 1.73
CA ASN A 15 -2.57 -9.10 2.59
C ASN A 15 -1.67 -8.21 3.41
N GLY A 16 -1.36 -7.05 2.84
CA GLY A 16 -0.45 -6.11 3.45
C GLY A 16 0.32 -5.34 2.41
N ASP A 17 1.36 -5.98 1.86
CA ASP A 17 2.13 -5.39 0.76
C ASP A 17 1.44 -5.67 -0.56
N THR A 18 0.49 -6.59 -0.54
CA THR A 18 -0.18 -7.02 -1.75
C THR A 18 -1.70 -6.98 -1.60
N ALA A 19 -2.38 -6.63 -2.67
CA ALA A 19 -3.82 -6.68 -2.74
C ALA A 19 -4.24 -7.78 -3.70
N HIS A 20 -4.76 -8.87 -3.17
CA HIS A 20 -5.14 -9.99 -3.97
C HIS A 20 -6.56 -9.82 -4.48
N CYS A 21 -6.74 -9.83 -5.79
CA CYS A 21 -8.06 -9.68 -6.36
C CYS A 21 -8.82 -10.99 -6.28
N GLU A 22 -9.99 -10.90 -5.69
CA GLU A 22 -10.88 -12.04 -5.47
C GLU A 22 -11.56 -12.51 -6.75
N THR A 23 -11.36 -11.79 -7.84
CA THR A 23 -12.10 -12.09 -9.06
C THR A 23 -11.17 -12.18 -10.28
N CYS A 24 -10.42 -11.12 -10.53
CA CYS A 24 -9.57 -11.02 -11.71
C CYS A 24 -8.27 -11.82 -11.51
N ALA A 25 -8.13 -12.41 -10.32
CA ALA A 25 -6.99 -13.28 -10.00
C ALA A 25 -5.67 -12.53 -10.11
N LYS A 26 -5.73 -11.21 -10.04
CA LYS A 26 -4.55 -10.37 -10.18
C LYS A 26 -4.11 -9.85 -8.82
N ASP A 27 -2.81 -9.72 -8.63
CA ASP A 27 -2.27 -9.20 -7.38
C ASP A 27 -1.70 -7.81 -7.59
N PHE A 28 -2.10 -6.88 -6.73
CA PHE A 28 -1.66 -5.50 -6.84
C PHE A 28 -0.70 -5.16 -5.71
N SER A 29 0.16 -4.17 -5.94
CA SER A 29 1.11 -3.75 -4.92
C SER A 29 0.49 -2.67 -4.04
N LEU A 30 0.56 -2.89 -2.73
CA LEU A 30 0.03 -1.91 -1.77
C LEU A 30 1.15 -1.30 -0.95
N GLN A 31 1.01 -0.03 -0.65
CA GLN A 31 1.94 0.67 0.21
C GLN A 31 1.17 1.54 1.20
N ALA A 32 1.54 1.44 2.47
CA ALA A 32 0.97 2.31 3.48
C ALA A 32 1.65 3.66 3.42
N LEU A 33 1.01 4.62 2.76
CA LEU A 33 1.60 5.94 2.61
C LEU A 33 1.03 6.91 3.62
N CYS A 34 1.83 7.91 3.95
CA CYS A 34 1.40 8.98 4.83
C CYS A 34 0.94 10.15 3.95
N PRO A 35 -0.23 10.72 4.26
CA PRO A 35 -0.87 11.77 3.44
C PRO A 35 0.10 12.86 3.00
N ASP A 36 0.97 13.27 3.93
CA ASP A 36 2.01 14.25 3.63
C ASP A 36 3.24 13.56 3.05
N CYS A 37 4.24 13.33 3.89
CA CYS A 37 5.42 12.54 3.54
C CYS A 37 5.03 11.16 3.02
N ARG A 38 5.20 10.93 1.73
CA ARG A 38 4.89 9.63 1.14
C ARG A 38 6.17 8.85 0.85
N GLN A 39 7.25 9.24 1.52
CA GLN A 39 8.57 8.68 1.24
C GLN A 39 9.25 8.17 2.52
N PRO A 40 9.56 9.06 3.50
CA PRO A 40 10.43 8.72 4.63
C PRO A 40 9.72 7.95 5.75
N LEU A 41 8.85 7.02 5.39
CA LEU A 41 8.21 6.17 6.38
C LEU A 41 9.14 5.03 6.76
N GLN A 42 9.22 4.74 8.05
CA GLN A 42 10.06 3.66 8.53
C GLN A 42 9.44 2.32 8.16
N VAL A 43 10.28 1.39 7.72
CA VAL A 43 9.83 0.06 7.42
C VAL A 43 10.03 -0.82 8.64
N LEU A 44 9.02 -0.87 9.50
CA LEU A 44 9.11 -1.59 10.75
C LEU A 44 8.90 -3.08 10.52
N LYS A 45 9.99 -3.80 10.40
CA LYS A 45 9.95 -5.24 10.16
C LYS A 45 9.94 -5.99 11.48
N ALA A 46 8.78 -6.49 11.86
CA ALA A 46 8.64 -7.18 13.14
C ALA A 46 7.97 -8.53 12.95
N CYS A 47 7.70 -9.21 14.06
CA CYS A 47 7.09 -10.54 14.02
C CYS A 47 5.63 -10.45 13.54
N GLY A 48 4.95 -9.37 13.90
CA GLY A 48 3.58 -9.17 13.46
C GLY A 48 3.49 -8.99 11.96
N ALA A 49 4.06 -7.89 11.48
CA ALA A 49 4.07 -7.60 10.06
C ALA A 49 5.16 -6.56 9.74
N VAL A 50 5.19 -6.12 8.50
CA VAL A 50 6.09 -5.05 8.10
C VAL A 50 5.31 -3.74 7.97
N ASP A 51 5.42 -2.90 8.98
CA ASP A 51 4.62 -1.69 9.05
C ASP A 51 5.37 -0.50 8.50
N TYR A 52 4.80 0.15 7.50
CA TYR A 52 5.31 1.42 7.01
C TYR A 52 4.69 2.51 7.85
N PHE A 53 5.44 2.94 8.86
CA PHE A 53 4.86 3.66 9.98
C PHE A 53 5.81 4.73 10.49
N CYS A 54 5.34 5.96 10.52
CA CYS A 54 6.12 7.06 11.06
C CYS A 54 6.19 6.94 12.58
N GLN A 55 7.17 6.22 13.10
CA GLN A 55 7.31 6.14 14.55
C GLN A 55 8.18 7.28 15.03
N ASN A 56 8.99 7.81 14.12
CA ASN A 56 9.82 8.96 14.39
C ASN A 56 9.72 9.94 13.24
N GLY A 57 10.26 11.14 13.43
CA GLY A 57 10.21 12.15 12.40
C GLY A 57 8.86 12.84 12.33
N HIS A 58 7.84 12.10 11.91
CA HIS A 58 6.49 12.66 11.81
C HIS A 58 5.70 12.34 13.07
N GLY A 59 5.25 11.11 13.19
CA GLY A 59 4.40 10.71 14.30
C GLY A 59 3.53 9.54 13.91
N LEU A 60 3.28 8.65 14.86
CA LEU A 60 2.56 7.42 14.58
C LEU A 60 1.14 7.69 14.08
N ILE A 61 0.95 7.48 12.79
CA ILE A 61 -0.36 7.64 12.17
C ILE A 61 -1.15 6.35 12.34
N SER A 62 -2.39 6.45 12.78
CA SER A 62 -3.24 5.29 12.97
C SER A 62 -3.32 4.48 11.68
N LYS A 63 -3.37 3.15 11.81
CA LYS A 63 -3.41 2.27 10.65
C LYS A 63 -4.76 2.37 9.95
N LYS A 64 -5.67 3.12 10.56
CA LYS A 64 -6.96 3.41 9.95
C LYS A 64 -6.86 4.69 9.12
N ARG A 65 -5.81 5.47 9.38
CA ARG A 65 -5.62 6.74 8.71
C ARG A 65 -4.51 6.68 7.66
N VAL A 66 -3.61 5.71 7.79
CA VAL A 66 -2.58 5.50 6.79
C VAL A 66 -3.23 5.08 5.47
N ASN A 67 -2.71 5.61 4.37
CA ASN A 67 -3.33 5.37 3.08
C ASN A 67 -2.70 4.16 2.39
N PHE A 68 -3.31 3.00 2.60
CA PHE A 68 -2.94 1.80 1.85
C PHE A 68 -3.47 1.91 0.44
N VAL A 69 -2.62 2.35 -0.48
CA VAL A 69 -3.04 2.57 -1.86
C VAL A 69 -2.11 1.87 -2.83
N ILE A 70 -2.58 1.72 -4.06
CA ILE A 70 -1.75 1.15 -5.11
C ILE A 70 -0.90 2.25 -5.73
N SER A 71 0.18 2.58 -5.07
CA SER A 71 1.10 3.60 -5.55
C SER A 71 2.13 2.99 -6.48
N ASP A 72 2.30 1.69 -6.37
CA ASP A 72 3.25 0.96 -7.21
C ASP A 72 2.53 0.42 -8.43
N GLN A 73 2.71 1.08 -9.56
CA GLN A 73 2.03 0.70 -10.79
C GLN A 73 2.95 0.87 -12.00
N LEU A 74 2.50 0.39 -13.14
CA LEU A 74 3.27 0.49 -14.37
C LEU A 74 2.56 1.41 -15.36
N GLU A 75 3.14 2.57 -15.59
CA GLU A 75 2.54 3.54 -16.49
C GLU A 75 3.28 3.59 -17.82
N HIS A 76 2.68 4.30 -18.77
CA HIS A 76 3.23 4.47 -20.12
C HIS A 76 2.27 5.31 -20.96
N HIS A 77 0.99 5.17 -20.65
CA HIS A 77 -0.09 5.90 -21.31
C HIS A 77 -1.43 5.40 -20.76
N HIS A 78 -1.42 5.12 -19.47
CA HIS A 78 -2.56 4.53 -18.77
C HIS A 78 -2.85 3.14 -19.33
N HIS A 79 -3.84 3.06 -20.23
CA HIS A 79 -4.19 1.81 -20.88
C HIS A 79 -5.34 2.06 -21.84
N HIS A 80 -6.54 2.18 -21.28
CA HIS A 80 -7.74 2.46 -22.07
C HIS A 80 -8.88 2.85 -21.14
N HIS A 81 -9.50 4.00 -21.39
CA HIS A 81 -10.62 4.43 -20.59
C HIS A 81 -11.90 4.36 -21.40
ZN ZN B . -12.72 -8.72 -7.56
ZN ZN C . 3.64 12.41 7.14
N MET A 1 -16.89 2.79 -2.18
CA MET A 1 -17.49 1.54 -1.64
C MET A 1 -16.42 0.73 -0.92
N GLU A 2 -15.41 0.30 -1.66
CA GLU A 2 -14.31 -0.48 -1.10
C GLU A 2 -13.00 -0.05 -1.74
N ILE A 3 -11.99 -0.90 -1.66
CA ILE A 3 -10.78 -0.70 -2.43
C ILE A 3 -11.11 -0.93 -3.88
N THR A 4 -11.59 -2.13 -4.15
CA THR A 4 -12.20 -2.50 -5.42
C THR A 4 -11.19 -2.57 -6.57
N CYS A 5 -11.17 -3.70 -7.26
CA CYS A 5 -10.36 -3.86 -8.45
C CYS A 5 -11.05 -3.13 -9.61
N PRO A 6 -10.38 -2.12 -10.20
CA PRO A 6 -10.97 -1.24 -11.22
C PRO A 6 -11.65 -2.01 -12.36
N VAL A 7 -10.97 -3.01 -12.88
CA VAL A 7 -11.48 -3.77 -14.02
C VAL A 7 -12.37 -4.92 -13.59
N CYS A 8 -12.82 -4.88 -12.34
CA CYS A 8 -13.70 -5.90 -11.81
C CYS A 8 -14.95 -5.30 -11.16
N HIS A 9 -14.78 -4.13 -10.53
CA HIS A 9 -15.85 -3.51 -9.75
C HIS A 9 -16.20 -4.40 -8.56
N HIS A 10 -15.24 -5.21 -8.14
CA HIS A 10 -15.43 -6.15 -7.04
C HIS A 10 -14.32 -5.97 -6.02
N ALA A 11 -14.57 -6.44 -4.80
CA ALA A 11 -13.67 -6.25 -3.66
C ALA A 11 -12.23 -6.71 -3.91
N LEU A 12 -11.30 -6.03 -3.26
CA LEU A 12 -9.89 -6.44 -3.25
C LEU A 12 -9.49 -6.92 -1.86
N GLU A 13 -9.19 -8.21 -1.76
CA GLU A 13 -8.85 -8.80 -0.47
C GLU A 13 -7.48 -8.35 -0.01
N ARG A 14 -7.47 -7.47 0.99
CA ARG A 14 -6.24 -6.89 1.50
C ARG A 14 -5.50 -7.89 2.39
N ASN A 15 -4.34 -8.32 1.93
CA ASN A 15 -3.51 -9.24 2.70
C ASN A 15 -2.34 -8.50 3.34
N GLY A 16 -2.47 -7.18 3.40
CA GLY A 16 -1.44 -6.36 3.99
C GLY A 16 -0.44 -5.87 2.98
N ASP A 17 0.53 -6.71 2.67
CA ASP A 17 1.59 -6.37 1.71
C ASP A 17 1.02 -6.20 0.31
N THR A 18 -0.06 -6.92 0.05
CA THR A 18 -0.68 -6.90 -1.26
C THR A 18 -2.19 -7.03 -1.14
N ALA A 19 -2.89 -6.59 -2.17
CA ALA A 19 -4.32 -6.80 -2.27
C ALA A 19 -4.60 -7.79 -3.39
N HIS A 20 -5.12 -8.94 -3.03
CA HIS A 20 -5.30 -10.02 -3.97
C HIS A 20 -6.72 -10.05 -4.51
N CYS A 21 -6.86 -9.91 -5.81
CA CYS A 21 -8.16 -9.95 -6.45
C CYS A 21 -8.62 -11.40 -6.59
N GLU A 22 -9.91 -11.60 -6.45
CA GLU A 22 -10.52 -12.92 -6.63
C GLU A 22 -10.90 -13.09 -8.09
N THR A 23 -11.30 -12.00 -8.68
CA THR A 23 -11.65 -11.93 -10.08
C THR A 23 -10.44 -11.45 -10.90
N CYS A 24 -9.57 -12.40 -11.27
CA CYS A 24 -8.23 -12.14 -11.83
C CYS A 24 -7.20 -12.28 -10.73
N ALA A 25 -6.22 -13.14 -10.93
CA ALA A 25 -5.19 -13.42 -9.95
C ALA A 25 -4.13 -12.31 -9.93
N LYS A 26 -4.60 -11.09 -10.03
CA LYS A 26 -3.74 -9.93 -10.06
C LYS A 26 -3.53 -9.40 -8.64
N ASP A 27 -2.27 -9.29 -8.23
CA ASP A 27 -1.94 -8.82 -6.91
C ASP A 27 -1.55 -7.35 -6.96
N PHE A 28 -2.09 -6.58 -6.03
CA PHE A 28 -1.84 -5.16 -5.98
C PHE A 28 -0.99 -4.82 -4.75
N SER A 29 0.30 -4.58 -4.96
CA SER A 29 1.19 -4.19 -3.88
C SER A 29 0.69 -2.93 -3.21
N LEU A 30 0.50 -3.00 -1.90
CA LEU A 30 -0.02 -1.87 -1.14
C LEU A 30 1.11 -1.18 -0.40
N GLN A 31 1.19 0.13 -0.57
CA GLN A 31 2.21 0.91 0.08
C GLN A 31 1.57 1.95 0.99
N ALA A 32 1.98 1.95 2.25
CA ALA A 32 1.42 2.86 3.23
C ALA A 32 2.12 4.21 3.18
N LEU A 33 1.35 5.24 2.85
CA LEU A 33 1.86 6.62 2.82
C LEU A 33 1.15 7.45 3.89
N CYS A 34 1.74 8.59 4.22
CA CYS A 34 1.13 9.50 5.17
C CYS A 34 0.41 10.63 4.44
N PRO A 35 -0.51 11.32 5.14
CA PRO A 35 -1.19 12.50 4.59
C PRO A 35 -0.20 13.61 4.24
N ASP A 36 0.85 13.73 5.05
CA ASP A 36 1.86 14.76 4.84
C ASP A 36 3.07 14.15 4.11
N CYS A 37 3.29 12.86 4.29
CA CYS A 37 4.43 12.19 3.72
C CYS A 37 4.04 11.42 2.46
N ARG A 38 4.34 11.99 1.31
CA ARG A 38 4.14 11.29 0.04
C ARG A 38 5.39 10.46 -0.27
N GLN A 39 6.37 10.60 0.61
CA GLN A 39 7.60 9.84 0.52
C GLN A 39 7.45 8.52 1.25
N PRO A 40 8.04 7.45 0.71
CA PRO A 40 8.01 6.12 1.34
C PRO A 40 8.42 6.20 2.81
N LEU A 41 7.52 5.77 3.68
CA LEU A 41 7.76 5.83 5.11
C LEU A 41 8.83 4.81 5.51
N GLN A 42 9.07 4.64 6.80
CA GLN A 42 10.12 3.75 7.26
C GLN A 42 9.66 2.30 7.08
N VAL A 43 10.52 1.49 6.52
CA VAL A 43 10.19 0.11 6.22
C VAL A 43 10.23 -0.74 7.49
N LEU A 44 9.06 -1.07 8.00
CA LEU A 44 8.95 -1.95 9.14
C LEU A 44 8.47 -3.33 8.68
N LYS A 45 8.81 -4.36 9.44
CA LYS A 45 8.50 -5.71 9.03
C LYS A 45 7.40 -6.32 9.90
N ALA A 46 6.34 -6.78 9.25
CA ALA A 46 5.28 -7.50 9.91
C ALA A 46 5.19 -8.91 9.35
N CYS A 47 5.84 -9.84 10.04
CA CYS A 47 5.98 -11.22 9.57
C CYS A 47 6.81 -11.27 8.30
N GLY A 48 6.15 -11.11 7.15
CA GLY A 48 6.85 -11.07 5.88
C GLY A 48 6.33 -9.94 5.00
N ALA A 49 5.46 -9.13 5.58
CA ALA A 49 4.86 -8.01 4.85
C ALA A 49 5.60 -6.72 5.17
N VAL A 50 5.70 -5.84 4.18
CA VAL A 50 6.39 -4.57 4.35
C VAL A 50 5.41 -3.49 4.82
N ASP A 51 5.59 -3.04 6.04
CA ASP A 51 4.72 -2.02 6.62
C ASP A 51 5.44 -0.69 6.68
N TYR A 52 4.92 0.31 5.98
CA TYR A 52 5.53 1.62 5.98
C TYR A 52 4.98 2.45 7.13
N PHE A 53 5.86 2.76 8.06
CA PHE A 53 5.49 3.45 9.30
C PHE A 53 6.69 4.29 9.75
N CYS A 54 6.67 5.57 9.42
CA CYS A 54 7.85 6.42 9.62
C CYS A 54 8.01 6.86 11.07
N GLN A 55 8.69 6.03 11.85
CA GLN A 55 9.04 6.37 13.23
C GLN A 55 10.06 7.50 13.24
N ASN A 56 10.78 7.62 12.13
CA ASN A 56 11.76 8.69 11.96
C ASN A 56 11.25 9.71 10.95
N GLY A 57 11.23 10.98 11.34
CA GLY A 57 10.83 12.04 10.45
C GLY A 57 9.33 12.24 10.45
N HIS A 58 8.67 11.70 11.46
CA HIS A 58 7.22 11.81 11.58
C HIS A 58 6.77 11.31 12.94
N GLY A 59 6.85 10.00 13.14
CA GLY A 59 6.45 9.42 14.41
C GLY A 59 5.62 8.17 14.22
N LEU A 60 4.31 8.32 14.29
CA LEU A 60 3.41 7.19 14.17
C LEU A 60 2.06 7.62 13.64
N ILE A 61 1.40 6.72 12.91
CA ILE A 61 0.11 7.02 12.32
C ILE A 61 -0.89 5.92 12.68
N SER A 62 -2.12 6.30 13.00
CA SER A 62 -3.17 5.33 13.21
C SER A 62 -3.38 4.54 11.93
N LYS A 63 -3.31 3.21 12.02
CA LYS A 63 -3.34 2.36 10.83
C LYS A 63 -4.69 2.44 10.10
N LYS A 64 -5.68 3.07 10.72
CA LYS A 64 -6.97 3.27 10.07
C LYS A 64 -6.95 4.52 9.20
N ARG A 65 -6.01 5.42 9.49
CA ARG A 65 -5.94 6.70 8.81
C ARG A 65 -4.69 6.78 7.94
N VAL A 66 -4.04 5.65 7.74
CA VAL A 66 -2.88 5.58 6.89
C VAL A 66 -3.31 5.59 5.42
N ASN A 67 -2.59 6.34 4.60
CA ASN A 67 -2.92 6.43 3.19
C ASN A 67 -2.20 5.32 2.42
N PHE A 68 -2.61 4.09 2.68
CA PHE A 68 -2.07 2.95 1.94
C PHE A 68 -2.84 2.76 0.64
N VAL A 69 -2.12 2.88 -0.47
CA VAL A 69 -2.73 2.80 -1.79
C VAL A 69 -2.08 1.72 -2.63
N ILE A 70 -2.63 1.50 -3.82
CA ILE A 70 -2.12 0.51 -4.73
C ILE A 70 -0.94 1.06 -5.52
N SER A 71 0.24 0.52 -5.25
CA SER A 71 1.44 0.89 -5.96
C SER A 71 2.24 -0.37 -6.23
N ASP A 72 1.86 -1.09 -7.27
CA ASP A 72 2.44 -2.39 -7.57
C ASP A 72 3.59 -2.27 -8.55
N GLN A 73 3.67 -1.14 -9.23
CA GLN A 73 4.72 -0.95 -10.23
C GLN A 73 5.53 0.30 -9.96
N LEU A 74 6.62 0.12 -9.23
CA LEU A 74 7.60 1.19 -9.06
C LEU A 74 8.65 1.09 -10.16
N GLU A 75 9.71 1.88 -10.04
CA GLU A 75 10.80 1.84 -10.99
C GLU A 75 11.47 0.47 -10.95
N HIS A 76 11.48 -0.12 -9.75
CA HIS A 76 12.05 -1.46 -9.53
C HIS A 76 13.55 -1.46 -9.69
N HIS A 77 14.14 -0.26 -9.82
CA HIS A 77 15.55 -0.10 -10.10
C HIS A 77 15.94 -0.94 -11.31
N HIS A 78 15.60 -0.45 -12.50
CA HIS A 78 15.85 -1.21 -13.73
C HIS A 78 17.34 -1.34 -13.99
N HIS A 79 17.90 -2.43 -13.52
CA HIS A 79 19.32 -2.69 -13.66
C HIS A 79 19.58 -3.56 -14.88
N HIS A 80 20.36 -3.05 -15.81
CA HIS A 80 20.80 -3.84 -16.94
C HIS A 80 22.06 -4.59 -16.55
N HIS A 81 21.99 -5.91 -16.59
CA HIS A 81 23.04 -6.77 -16.07
C HIS A 81 23.13 -6.64 -14.55
ZN ZN B . -11.00 -8.87 -9.98
ZN ZN C . 4.98 13.27 7.82
N MET A 1 -11.82 4.01 1.89
CA MET A 1 -12.19 3.53 0.54
C MET A 1 -12.01 2.02 0.44
N GLU A 2 -13.01 1.34 -0.08
CA GLU A 2 -12.98 -0.11 -0.19
C GLU A 2 -12.18 -0.54 -1.42
N ILE A 3 -11.34 -1.55 -1.24
CA ILE A 3 -10.42 -1.99 -2.28
C ILE A 3 -11.17 -2.62 -3.45
N THR A 4 -11.18 -1.92 -4.58
CA THR A 4 -11.86 -2.38 -5.77
C THR A 4 -10.95 -2.27 -6.99
N CYS A 5 -11.06 -3.23 -7.91
CA CYS A 5 -10.26 -3.23 -9.12
C CYS A 5 -10.86 -2.26 -10.14
N PRO A 6 -10.01 -1.44 -10.79
CA PRO A 6 -10.44 -0.39 -11.72
C PRO A 6 -11.00 -0.94 -13.05
N VAL A 7 -10.93 -2.24 -13.24
CA VAL A 7 -11.44 -2.85 -14.46
C VAL A 7 -12.61 -3.78 -14.13
N CYS A 8 -12.41 -4.65 -13.15
CA CYS A 8 -13.50 -5.50 -12.68
C CYS A 8 -13.99 -4.99 -11.33
N HIS A 9 -15.04 -4.17 -11.38
CA HIS A 9 -15.63 -3.59 -10.17
C HIS A 9 -16.13 -4.67 -9.21
N HIS A 10 -15.23 -5.13 -8.35
CA HIS A 10 -15.55 -6.10 -7.30
C HIS A 10 -14.66 -5.81 -6.11
N ALA A 11 -15.09 -6.22 -4.92
CA ALA A 11 -14.25 -6.10 -3.73
C ALA A 11 -13.08 -7.07 -3.83
N LEU A 12 -11.89 -6.57 -3.57
CA LEU A 12 -10.69 -7.39 -3.72
C LEU A 12 -10.36 -8.14 -2.44
N GLU A 13 -9.64 -9.25 -2.59
CA GLU A 13 -9.30 -10.10 -1.48
C GLU A 13 -7.96 -9.67 -0.87
N ARG A 14 -8.02 -8.88 0.19
CA ARG A 14 -6.80 -8.41 0.82
C ARG A 14 -6.13 -9.55 1.58
N ASN A 15 -4.82 -9.65 1.43
CA ASN A 15 -4.03 -10.66 2.11
C ASN A 15 -2.73 -10.05 2.60
N GLY A 16 -2.76 -9.53 3.82
CA GLY A 16 -1.58 -8.93 4.42
C GLY A 16 -1.08 -7.72 3.66
N ASP A 17 0.11 -7.84 3.09
CA ASP A 17 0.76 -6.76 2.35
C ASP A 17 0.14 -6.60 0.97
N THR A 18 -0.43 -7.68 0.46
CA THR A 18 -0.91 -7.72 -0.90
C THR A 18 -2.45 -7.71 -0.97
N ALA A 19 -2.97 -7.17 -2.05
CA ALA A 19 -4.38 -7.24 -2.34
C ALA A 19 -4.63 -8.12 -3.56
N HIS A 20 -5.19 -9.29 -3.33
CA HIS A 20 -5.42 -10.26 -4.39
C HIS A 20 -6.72 -9.94 -5.14
N CYS A 21 -6.60 -9.70 -6.43
CA CYS A 21 -7.76 -9.44 -7.25
C CYS A 21 -8.46 -10.75 -7.60
N GLU A 22 -9.79 -10.76 -7.49
CA GLU A 22 -10.61 -11.94 -7.77
C GLU A 22 -10.52 -12.34 -9.25
N THR A 23 -11.40 -11.79 -10.08
CA THR A 23 -11.29 -11.91 -11.51
C THR A 23 -10.06 -11.12 -11.97
N CYS A 24 -9.39 -11.61 -13.01
CA CYS A 24 -8.08 -11.11 -13.43
C CYS A 24 -7.10 -11.14 -12.26
N ALA A 25 -6.36 -12.25 -12.17
CA ALA A 25 -5.48 -12.51 -11.04
C ALA A 25 -4.32 -11.53 -10.99
N LYS A 26 -4.45 -10.55 -10.11
CA LYS A 26 -3.40 -9.57 -9.86
C LYS A 26 -3.37 -9.22 -8.38
N ASP A 27 -2.26 -9.48 -7.71
CA ASP A 27 -2.12 -9.05 -6.33
C ASP A 27 -1.22 -7.83 -6.25
N PHE A 28 -1.73 -6.79 -5.62
CA PHE A 28 -1.02 -5.52 -5.55
C PHE A 28 -0.46 -5.30 -4.15
N SER A 29 0.78 -4.85 -4.09
CA SER A 29 1.38 -4.52 -2.80
C SER A 29 0.82 -3.19 -2.31
N LEU A 30 0.27 -3.20 -1.10
CA LEU A 30 -0.36 -2.02 -0.54
C LEU A 30 0.57 -1.31 0.42
N GLN A 31 0.87 -0.06 0.11
CA GLN A 31 1.73 0.75 0.96
C GLN A 31 0.92 1.85 1.60
N ALA A 32 1.29 2.22 2.82
CA ALA A 32 0.62 3.29 3.53
C ALA A 32 1.26 4.62 3.19
N LEU A 33 0.47 5.53 2.65
CA LEU A 33 0.95 6.86 2.33
C LEU A 33 0.41 7.89 3.31
N CYS A 34 1.24 8.84 3.68
CA CYS A 34 0.79 9.96 4.50
C CYS A 34 0.59 11.17 3.60
N PRO A 35 -0.48 11.92 3.85
CA PRO A 35 -0.94 13.03 2.98
C PRO A 35 0.10 14.13 2.79
N ASP A 36 1.01 14.29 3.74
CA ASP A 36 2.01 15.36 3.66
C ASP A 36 3.17 14.98 2.76
N CYS A 37 3.56 13.71 2.76
CA CYS A 37 4.71 13.28 1.98
C CYS A 37 4.30 12.83 0.58
N ARG A 38 3.30 11.95 0.51
CA ARG A 38 2.84 11.37 -0.76
C ARG A 38 3.97 10.59 -1.44
N GLN A 39 4.95 10.20 -0.63
CA GLN A 39 6.09 9.44 -1.09
C GLN A 39 6.29 8.25 -0.18
N PRO A 40 6.97 7.18 -0.65
CA PRO A 40 7.13 5.92 0.10
C PRO A 40 7.46 6.11 1.57
N LEU A 41 6.50 5.78 2.42
CA LEU A 41 6.72 5.76 3.86
C LEU A 41 7.58 4.55 4.21
N GLN A 42 8.39 4.68 5.26
CA GLN A 42 9.32 3.63 5.63
C GLN A 42 8.60 2.33 5.96
N VAL A 43 8.87 1.30 5.16
CA VAL A 43 8.28 -0.02 5.38
C VAL A 43 8.90 -0.68 6.61
N LEU A 44 8.11 -0.79 7.65
CA LEU A 44 8.58 -1.29 8.93
C LEU A 44 7.78 -2.52 9.33
N LYS A 45 8.43 -3.68 9.32
CA LYS A 45 7.77 -4.90 9.73
C LYS A 45 8.03 -5.14 11.21
N ALA A 46 7.15 -4.60 12.04
CA ALA A 46 7.31 -4.65 13.48
C ALA A 46 6.87 -6.00 14.05
N CYS A 47 7.81 -6.95 14.03
CA CYS A 47 7.61 -8.28 14.62
C CYS A 47 6.54 -9.07 13.87
N GLY A 48 5.28 -8.84 14.21
CA GLY A 48 4.20 -9.57 13.59
C GLY A 48 3.23 -8.66 12.86
N ALA A 49 3.60 -7.39 12.75
CA ALA A 49 2.76 -6.41 12.08
C ALA A 49 3.52 -5.75 10.94
N VAL A 50 2.85 -5.55 9.82
CA VAL A 50 3.46 -4.87 8.67
C VAL A 50 2.99 -3.43 8.61
N ASP A 51 3.93 -2.52 8.81
CA ASP A 51 3.61 -1.10 8.86
C ASP A 51 4.40 -0.33 7.81
N TYR A 52 3.90 0.86 7.50
CA TYR A 52 4.56 1.78 6.56
C TYR A 52 4.43 3.20 7.09
N PHE A 53 5.45 3.69 7.77
CA PHE A 53 5.41 5.06 8.29
C PHE A 53 6.81 5.62 8.48
N CYS A 54 6.91 6.94 8.37
CA CYS A 54 8.17 7.65 8.54
C CYS A 54 8.57 7.65 10.01
N GLN A 55 9.30 6.62 10.42
CA GLN A 55 9.70 6.46 11.82
C GLN A 55 10.57 7.62 12.26
N ASN A 56 11.54 7.99 11.42
CA ASN A 56 12.38 9.14 11.71
C ASN A 56 12.31 10.12 10.55
N GLY A 57 12.46 11.40 10.84
CA GLY A 57 12.40 12.42 9.82
C GLY A 57 11.06 13.12 9.79
N HIS A 58 10.03 12.43 10.26
CA HIS A 58 8.68 12.98 10.30
C HIS A 58 8.00 12.59 11.61
N GLY A 59 7.81 11.31 11.82
CA GLY A 59 7.11 10.82 12.98
C GLY A 59 6.08 9.80 12.58
N LEU A 60 5.74 8.90 13.49
CA LEU A 60 4.82 7.82 13.18
C LEU A 60 3.40 8.36 12.98
N ILE A 61 2.75 7.87 11.95
CA ILE A 61 1.37 8.23 11.68
C ILE A 61 0.48 7.06 12.09
N SER A 62 -0.66 7.37 12.69
CA SER A 62 -1.60 6.36 13.14
C SER A 62 -1.90 5.36 12.02
N LYS A 63 -1.68 4.09 12.30
CA LYS A 63 -1.82 3.03 11.31
C LYS A 63 -3.28 2.91 10.84
N LYS A 64 -4.20 3.35 11.69
CA LYS A 64 -5.62 3.35 11.35
C LYS A 64 -6.00 4.64 10.62
N ARG A 65 -5.03 5.50 10.40
CA ARG A 65 -5.26 6.78 9.74
C ARG A 65 -4.52 6.84 8.41
N VAL A 66 -3.45 6.05 8.28
CA VAL A 66 -2.68 6.00 7.04
C VAL A 66 -3.53 5.45 5.90
N ASN A 67 -3.15 5.78 4.68
CA ASN A 67 -3.90 5.32 3.52
C ASN A 67 -3.10 4.26 2.76
N PHE A 68 -3.53 3.01 2.90
CA PHE A 68 -2.92 1.90 2.18
C PHE A 68 -3.44 1.82 0.75
N VAL A 69 -2.59 2.15 -0.21
CA VAL A 69 -2.98 2.10 -1.61
C VAL A 69 -1.98 1.29 -2.42
N ILE A 70 -2.29 1.09 -3.69
CA ILE A 70 -1.42 0.34 -4.58
C ILE A 70 -0.25 1.21 -5.00
N SER A 71 0.96 0.82 -4.60
CA SER A 71 2.14 1.61 -4.89
C SER A 71 3.31 0.72 -5.30
N ASP A 72 3.87 1.02 -6.47
CA ASP A 72 5.08 0.36 -6.94
C ASP A 72 5.69 1.24 -8.03
N GLN A 73 6.77 0.80 -8.64
CA GLN A 73 7.47 1.61 -9.63
C GLN A 73 7.80 0.78 -10.87
N LEU A 74 7.37 -0.48 -10.87
CA LEU A 74 7.69 -1.43 -11.93
C LEU A 74 9.20 -1.67 -11.96
N GLU A 75 9.82 -1.48 -10.79
CA GLU A 75 11.24 -1.66 -10.63
C GLU A 75 11.48 -3.00 -9.94
N HIS A 76 11.94 -3.99 -10.71
CA HIS A 76 12.01 -5.36 -10.22
C HIS A 76 13.32 -5.65 -9.50
N HIS A 77 13.99 -4.59 -9.04
CA HIS A 77 15.17 -4.70 -8.19
C HIS A 77 16.41 -5.12 -8.98
N HIS A 78 17.55 -4.52 -8.62
CA HIS A 78 18.81 -4.75 -9.32
C HIS A 78 18.71 -4.18 -10.73
N HIS A 79 19.00 -2.90 -10.85
CA HIS A 79 18.75 -2.20 -12.10
C HIS A 79 19.98 -1.45 -12.59
N HIS A 80 20.84 -2.16 -13.32
CA HIS A 80 21.92 -1.51 -14.04
C HIS A 80 21.62 -1.65 -15.53
N HIS A 81 20.87 -2.69 -15.87
CA HIS A 81 20.32 -2.86 -17.21
C HIS A 81 18.84 -2.55 -17.16
ZN ZN B . -10.33 -8.40 -10.58
ZN ZN C . 6.07 14.65 5.04
N MET A 1 -15.45 2.17 2.07
CA MET A 1 -14.09 1.80 2.53
C MET A 1 -13.71 0.39 2.06
N GLU A 2 -14.63 -0.26 1.34
CA GLU A 2 -14.36 -1.60 0.81
C GLU A 2 -13.24 -1.55 -0.21
N ILE A 3 -12.20 -2.35 0.00
CA ILE A 3 -11.18 -2.52 -1.00
C ILE A 3 -11.75 -3.28 -2.19
N THR A 4 -11.96 -2.58 -3.29
CA THR A 4 -12.63 -3.16 -4.43
C THR A 4 -11.81 -2.94 -5.70
N CYS A 5 -11.67 -4.00 -6.51
CA CYS A 5 -11.02 -3.87 -7.81
C CYS A 5 -11.89 -3.04 -8.75
N PRO A 6 -11.31 -2.05 -9.45
CA PRO A 6 -12.06 -1.09 -10.28
C PRO A 6 -12.82 -1.74 -11.43
N VAL A 7 -12.10 -2.17 -12.46
CA VAL A 7 -12.73 -2.73 -13.64
C VAL A 7 -13.29 -4.13 -13.35
N CYS A 8 -12.66 -4.81 -12.41
CA CYS A 8 -13.05 -6.15 -12.03
C CYS A 8 -13.96 -6.11 -10.80
N HIS A 9 -14.81 -5.09 -10.76
CA HIS A 9 -15.68 -4.76 -9.61
C HIS A 9 -16.34 -5.99 -8.98
N HIS A 10 -15.73 -6.49 -7.92
CA HIS A 10 -16.32 -7.55 -7.10
C HIS A 10 -15.39 -7.88 -5.93
N ALA A 11 -15.20 -6.91 -5.04
CA ALA A 11 -14.39 -7.07 -3.82
C ALA A 11 -12.94 -7.50 -4.09
N LEU A 12 -12.05 -7.16 -3.18
CA LEU A 12 -10.66 -7.60 -3.23
C LEU A 12 -10.38 -8.58 -2.10
N GLU A 13 -9.27 -9.29 -2.21
CA GLU A 13 -8.83 -10.20 -1.18
C GLU A 13 -7.47 -9.74 -0.65
N ARG A 14 -7.44 -9.26 0.58
CA ARG A 14 -6.20 -8.76 1.15
C ARG A 14 -5.29 -9.90 1.59
N ASN A 15 -4.05 -9.85 1.15
CA ASN A 15 -3.04 -10.81 1.56
C ASN A 15 -2.42 -10.34 2.88
N GLY A 16 -2.65 -9.07 3.19
CA GLY A 16 -2.15 -8.50 4.41
C GLY A 16 -1.30 -7.28 4.14
N ASP A 17 -0.09 -7.53 3.66
CA ASP A 17 0.82 -6.46 3.30
C ASP A 17 0.60 -6.03 1.85
N THR A 18 0.01 -6.93 1.07
CA THR A 18 -0.32 -6.65 -0.31
C THR A 18 -1.78 -6.94 -0.59
N ALA A 19 -2.29 -6.46 -1.72
CA ALA A 19 -3.68 -6.68 -2.09
C ALA A 19 -3.75 -7.61 -3.29
N HIS A 20 -4.85 -8.33 -3.40
CA HIS A 20 -5.00 -9.34 -4.42
C HIS A 20 -6.42 -9.38 -4.96
N CYS A 21 -6.55 -9.45 -6.27
CA CYS A 21 -7.85 -9.65 -6.90
C CYS A 21 -8.23 -11.12 -6.82
N GLU A 22 -9.28 -11.42 -6.04
CA GLU A 22 -9.77 -12.77 -5.90
C GLU A 22 -10.77 -13.08 -7.01
N THR A 23 -11.20 -12.02 -7.67
CA THR A 23 -12.19 -12.08 -8.71
C THR A 23 -11.51 -12.22 -10.07
N CYS A 24 -10.20 -12.03 -10.05
CA CYS A 24 -9.42 -11.85 -11.25
C CYS A 24 -7.98 -12.30 -11.01
N ALA A 25 -7.10 -12.05 -11.97
CA ALA A 25 -5.70 -12.40 -11.81
C ALA A 25 -4.84 -11.15 -11.74
N LYS A 26 -4.98 -10.41 -10.65
CA LYS A 26 -4.24 -9.17 -10.45
C LYS A 26 -3.75 -9.08 -9.02
N ASP A 27 -2.50 -8.70 -8.85
CA ASP A 27 -1.93 -8.49 -7.53
C ASP A 27 -1.45 -7.04 -7.40
N PHE A 28 -1.75 -6.43 -6.27
CA PHE A 28 -1.46 -5.02 -6.08
C PHE A 28 -0.46 -4.80 -4.95
N SER A 29 0.62 -4.10 -5.26
CA SER A 29 1.60 -3.72 -4.27
C SER A 29 1.07 -2.54 -3.45
N LEU A 30 0.99 -2.73 -2.13
CA LEU A 30 0.42 -1.72 -1.26
C LEU A 30 1.51 -0.91 -0.58
N GLN A 31 1.43 0.40 -0.73
CA GLN A 31 2.34 1.30 -0.05
C GLN A 31 1.57 2.10 0.99
N ALA A 32 1.66 1.67 2.24
CA ALA A 32 1.00 2.38 3.33
C ALA A 32 1.70 3.72 3.57
N LEU A 33 1.13 4.78 3.03
CA LEU A 33 1.74 6.09 3.09
C LEU A 33 1.04 6.97 4.11
N CYS A 34 1.79 7.85 4.74
CA CYS A 34 1.24 8.80 5.67
C CYS A 34 0.99 10.14 4.98
N PRO A 35 -0.28 10.49 4.77
CA PRO A 35 -0.70 11.67 4.03
C PRO A 35 -0.09 12.97 4.54
N ASP A 36 0.07 13.08 5.85
CA ASP A 36 0.62 14.28 6.47
C ASP A 36 2.08 14.48 6.07
N CYS A 37 3.00 13.84 6.78
CA CYS A 37 4.40 13.88 6.43
C CYS A 37 4.70 12.83 5.36
N ARG A 38 4.47 13.19 4.11
CA ARG A 38 4.56 12.24 3.00
C ARG A 38 6.00 12.06 2.55
N GLN A 39 6.66 11.10 3.18
CA GLN A 39 8.02 10.71 2.85
C GLN A 39 8.11 9.22 3.14
N PRO A 40 9.09 8.51 2.55
CA PRO A 40 9.27 7.06 2.78
C PRO A 40 9.21 6.70 4.26
N LEU A 41 8.22 5.89 4.63
CA LEU A 41 8.04 5.45 6.01
C LEU A 41 9.05 4.37 6.37
N GLN A 42 9.03 3.96 7.62
CA GLN A 42 9.91 2.91 8.08
C GLN A 42 9.26 1.56 7.83
N VAL A 43 9.95 0.71 7.09
CA VAL A 43 9.40 -0.58 6.70
C VAL A 43 9.49 -1.56 7.86
N LEU A 44 8.38 -1.74 8.54
CA LEU A 44 8.31 -2.66 9.67
C LEU A 44 7.92 -4.05 9.19
N LYS A 45 8.93 -4.85 8.86
CA LYS A 45 8.70 -6.22 8.42
C LYS A 45 8.62 -7.13 9.64
N ALA A 46 7.40 -7.47 10.02
CA ALA A 46 7.17 -8.24 11.23
C ALA A 46 7.29 -9.73 10.96
N CYS A 47 8.52 -10.22 10.99
CA CYS A 47 8.82 -11.63 10.84
C CYS A 47 8.41 -12.16 9.47
N GLY A 48 8.35 -11.26 8.48
CA GLY A 48 8.01 -11.66 7.13
C GLY A 48 7.29 -10.58 6.35
N ALA A 49 6.09 -10.24 6.79
CA ALA A 49 5.27 -9.27 6.07
C ALA A 49 5.68 -7.85 6.43
N VAL A 50 5.58 -6.95 5.47
CA VAL A 50 6.00 -5.57 5.66
C VAL A 50 4.82 -4.67 6.02
N ASP A 51 5.10 -3.65 6.80
CA ASP A 51 4.11 -2.64 7.14
C ASP A 51 4.80 -1.28 7.24
N TYR A 52 4.26 -0.28 6.58
CA TYR A 52 4.87 1.04 6.59
C TYR A 52 4.25 1.88 7.68
N PHE A 53 5.05 2.23 8.68
CA PHE A 53 4.58 2.97 9.84
C PHE A 53 5.69 3.85 10.39
N CYS A 54 5.39 5.12 10.60
CA CYS A 54 6.34 6.04 11.20
C CYS A 54 6.48 5.71 12.68
N GLN A 55 7.40 4.80 12.99
CA GLN A 55 7.56 4.31 14.35
C GLN A 55 8.40 5.28 15.18
N ASN A 56 9.54 5.66 14.65
CA ASN A 56 10.46 6.55 15.35
C ASN A 56 10.44 7.93 14.72
N GLY A 57 10.65 7.97 13.41
CA GLY A 57 10.69 9.22 12.70
C GLY A 57 9.33 9.60 12.16
N HIS A 58 9.22 10.84 11.68
CA HIS A 58 7.98 11.38 11.12
C HIS A 58 6.93 11.61 12.21
N GLY A 59 6.27 10.53 12.60
CA GLY A 59 5.19 10.61 13.55
C GLY A 59 4.16 9.54 13.26
N LEU A 60 3.93 8.68 14.23
CA LEU A 60 3.01 7.57 14.08
C LEU A 60 1.60 8.06 13.77
N ILE A 61 1.22 7.94 12.51
CA ILE A 61 -0.12 8.29 12.09
C ILE A 61 -1.04 7.11 12.35
N SER A 62 -2.19 7.37 12.94
CA SER A 62 -3.17 6.33 13.21
C SER A 62 -3.43 5.50 11.95
N LYS A 63 -3.49 4.18 12.10
CA LYS A 63 -3.56 3.28 10.96
C LYS A 63 -4.84 3.49 10.15
N LYS A 64 -5.85 4.09 10.77
CA LYS A 64 -7.08 4.43 10.04
C LYS A 64 -6.87 5.65 9.14
N ARG A 65 -5.79 6.38 9.39
CA ARG A 65 -5.46 7.57 8.60
C ARG A 65 -4.32 7.27 7.64
N VAL A 66 -3.78 6.07 7.74
CA VAL A 66 -2.72 5.63 6.84
C VAL A 66 -3.31 5.27 5.48
N ASN A 67 -2.80 5.89 4.43
CA ASN A 67 -3.33 5.68 3.11
C ASN A 67 -2.57 4.58 2.39
N PHE A 68 -3.14 3.39 2.35
CA PHE A 68 -2.57 2.28 1.63
C PHE A 68 -2.75 2.51 0.13
N VAL A 69 -1.69 2.96 -0.52
CA VAL A 69 -1.75 3.31 -1.92
C VAL A 69 -1.28 2.16 -2.80
N ILE A 70 -2.11 1.78 -3.76
CA ILE A 70 -1.73 0.80 -4.76
C ILE A 70 -0.75 1.44 -5.74
N SER A 71 0.53 1.23 -5.48
CA SER A 71 1.56 1.88 -6.28
C SER A 71 2.78 0.98 -6.42
N ASP A 72 2.99 0.48 -7.62
CA ASP A 72 4.20 -0.25 -7.95
C ASP A 72 5.32 0.75 -8.26
N GLN A 73 6.23 0.89 -7.31
CA GLN A 73 7.28 1.90 -7.41
C GLN A 73 8.65 1.28 -7.59
N LEU A 74 8.68 0.07 -8.14
CA LEU A 74 9.92 -0.66 -8.34
C LEU A 74 10.82 0.07 -9.34
N GLU A 75 10.20 0.76 -10.29
CA GLU A 75 10.93 1.49 -11.31
C GLU A 75 10.95 2.98 -10.99
N HIS A 76 10.42 3.31 -9.80
CA HIS A 76 10.10 4.68 -9.44
C HIS A 76 9.01 5.20 -10.35
N HIS A 77 7.77 4.93 -9.98
CA HIS A 77 6.63 5.30 -10.80
C HIS A 77 6.63 6.80 -11.02
N HIS A 78 6.97 7.19 -12.23
CA HIS A 78 7.27 8.58 -12.55
C HIS A 78 6.54 8.99 -13.81
N HIS A 79 5.62 9.94 -13.68
CA HIS A 79 4.78 10.36 -14.80
C HIS A 79 5.62 11.08 -15.85
N HIS A 80 6.21 12.19 -15.44
CA HIS A 80 7.06 12.97 -16.34
C HIS A 80 8.01 13.81 -15.50
N HIS A 81 7.50 14.33 -14.40
CA HIS A 81 8.32 15.06 -13.44
C HIS A 81 7.93 14.62 -12.04
ZN ZN B . -13.17 -9.54 -5.92
ZN ZN C . 5.15 10.71 7.07
N MET A 1 -15.48 1.38 3.00
CA MET A 1 -14.46 1.75 1.98
C MET A 1 -13.70 0.51 1.55
N GLU A 2 -14.06 -0.03 0.41
CA GLU A 2 -13.50 -1.29 -0.04
C GLU A 2 -12.54 -1.07 -1.21
N ILE A 3 -11.40 -1.75 -1.15
CA ILE A 3 -10.44 -1.71 -2.23
C ILE A 3 -10.96 -2.52 -3.41
N THR A 4 -11.26 -1.84 -4.51
CA THR A 4 -11.89 -2.49 -5.65
C THR A 4 -10.99 -2.45 -6.89
N CYS A 5 -10.94 -3.56 -7.60
CA CYS A 5 -10.30 -3.60 -8.91
C CYS A 5 -11.11 -2.74 -9.88
N PRO A 6 -10.42 -1.86 -10.63
CA PRO A 6 -11.08 -0.88 -11.51
C PRO A 6 -11.98 -1.51 -12.58
N VAL A 7 -11.69 -2.76 -12.94
CA VAL A 7 -12.48 -3.45 -13.96
C VAL A 7 -13.46 -4.42 -13.31
N CYS A 8 -13.43 -4.50 -11.99
CA CYS A 8 -14.27 -5.46 -11.27
C CYS A 8 -15.35 -4.79 -10.45
N HIS A 9 -15.02 -3.67 -9.81
CA HIS A 9 -15.92 -3.05 -8.82
C HIS A 9 -16.19 -4.02 -7.68
N HIS A 10 -15.29 -4.99 -7.55
CA HIS A 10 -15.37 -6.00 -6.51
C HIS A 10 -14.29 -5.74 -5.48
N ALA A 11 -14.58 -6.03 -4.22
CA ALA A 11 -13.63 -5.83 -3.15
C ALA A 11 -12.54 -6.90 -3.22
N LEU A 12 -11.30 -6.46 -3.15
CA LEU A 12 -10.16 -7.36 -3.26
C LEU A 12 -9.83 -7.98 -1.90
N GLU A 13 -9.45 -9.24 -1.90
CA GLU A 13 -9.08 -9.92 -0.67
C GLU A 13 -7.71 -9.43 -0.18
N ARG A 14 -7.70 -8.96 1.06
CA ARG A 14 -6.51 -8.33 1.63
C ARG A 14 -5.83 -9.27 2.61
N ASN A 15 -4.78 -9.94 2.14
CA ASN A 15 -4.07 -10.93 2.96
C ASN A 15 -3.05 -10.24 3.86
N GLY A 16 -1.84 -10.03 3.35
CA GLY A 16 -0.83 -9.31 4.09
C GLY A 16 -0.76 -7.87 3.65
N ASP A 17 -1.90 -7.20 3.76
CA ASP A 17 -2.09 -5.83 3.25
C ASP A 17 -1.90 -5.80 1.73
N THR A 18 -1.95 -6.98 1.13
CA THR A 18 -1.90 -7.11 -0.31
C THR A 18 -3.28 -7.49 -0.81
N ALA A 19 -3.70 -6.94 -1.94
CA ALA A 19 -5.08 -7.08 -2.37
C ALA A 19 -5.19 -7.97 -3.61
N HIS A 20 -5.68 -9.18 -3.40
CA HIS A 20 -5.84 -10.14 -4.48
C HIS A 20 -7.17 -9.91 -5.20
N CYS A 21 -7.09 -9.76 -6.52
CA CYS A 21 -8.30 -9.62 -7.33
C CYS A 21 -8.95 -10.98 -7.58
N GLU A 22 -10.26 -11.02 -7.38
CA GLU A 22 -11.02 -12.25 -7.44
C GLU A 22 -11.06 -12.87 -8.84
N THR A 23 -11.15 -12.03 -9.85
CA THR A 23 -11.38 -12.53 -11.21
C THR A 23 -10.15 -12.38 -12.10
N CYS A 24 -9.36 -11.32 -11.89
CA CYS A 24 -8.22 -11.06 -12.75
C CYS A 24 -7.00 -11.87 -12.33
N ALA A 25 -7.08 -12.52 -11.17
CA ALA A 25 -5.98 -13.32 -10.63
C ALA A 25 -4.73 -12.47 -10.45
N LYS A 26 -4.96 -11.20 -10.15
CA LYS A 26 -3.89 -10.23 -10.02
C LYS A 26 -3.98 -9.52 -8.68
N ASP A 27 -2.95 -9.65 -7.86
CA ASP A 27 -2.94 -8.99 -6.56
C ASP A 27 -2.12 -7.72 -6.63
N PHE A 28 -2.57 -6.70 -5.92
CA PHE A 28 -1.94 -5.40 -5.92
C PHE A 28 -1.17 -5.17 -4.62
N SER A 29 0.09 -4.80 -4.75
CA SER A 29 0.91 -4.47 -3.61
C SER A 29 0.65 -3.02 -3.21
N LEU A 30 0.20 -2.83 -1.97
CA LEU A 30 -0.13 -1.50 -1.50
C LEU A 30 1.01 -0.98 -0.63
N GLN A 31 1.21 0.33 -0.67
CA GLN A 31 2.26 0.96 0.10
C GLN A 31 1.66 1.92 1.11
N ALA A 32 2.00 1.71 2.38
CA ALA A 32 1.55 2.58 3.45
C ALA A 32 2.29 3.92 3.40
N LEU A 33 1.55 4.99 3.21
CA LEU A 33 2.11 6.33 3.22
C LEU A 33 1.35 7.21 4.19
N CYS A 34 1.94 8.34 4.58
CA CYS A 34 1.36 9.20 5.59
C CYS A 34 0.57 10.34 4.97
N PRO A 35 -0.71 10.48 5.35
CA PRO A 35 -1.50 11.65 4.97
C PRO A 35 -1.05 12.89 5.74
N ASP A 36 -0.32 12.66 6.83
CA ASP A 36 0.18 13.73 7.68
C ASP A 36 1.57 14.17 7.24
N CYS A 37 2.23 13.32 6.44
CA CYS A 37 3.58 13.59 5.96
C CYS A 37 3.92 12.67 4.79
N ARG A 38 3.65 13.12 3.57
CA ARG A 38 3.84 12.28 2.39
C ARG A 38 5.30 12.27 1.93
N GLN A 39 6.08 11.50 2.67
CA GLN A 39 7.47 11.19 2.34
C GLN A 39 7.71 9.75 2.74
N PRO A 40 8.80 9.11 2.28
CA PRO A 40 9.13 7.73 2.67
C PRO A 40 9.06 7.53 4.18
N LEU A 41 8.24 6.57 4.62
CA LEU A 41 8.06 6.30 6.04
C LEU A 41 9.21 5.45 6.57
N GLN A 42 9.17 5.12 7.84
CA GLN A 42 10.17 4.25 8.42
C GLN A 42 9.75 2.81 8.17
N VAL A 43 10.55 2.09 7.41
CA VAL A 43 10.22 0.73 7.01
C VAL A 43 10.45 -0.23 8.16
N LEU A 44 9.37 -0.65 8.78
CA LEU A 44 9.43 -1.50 9.96
C LEU A 44 9.33 -2.96 9.56
N LYS A 45 10.46 -3.65 9.58
CA LYS A 45 10.51 -5.06 9.28
C LYS A 45 10.33 -5.87 10.56
N ALA A 46 9.28 -6.69 10.62
CA ALA A 46 9.01 -7.48 11.80
C ALA A 46 9.69 -8.84 11.72
N CYS A 47 8.96 -9.85 11.24
CA CYS A 47 9.51 -11.17 11.07
C CYS A 47 9.22 -11.67 9.66
N GLY A 48 7.95 -11.93 9.38
CA GLY A 48 7.54 -12.36 8.06
C GLY A 48 6.60 -11.36 7.42
N ALA A 49 6.79 -10.10 7.79
CA ALA A 49 5.96 -9.02 7.28
C ALA A 49 6.67 -7.69 7.49
N VAL A 50 6.22 -6.67 6.76
CA VAL A 50 6.82 -5.34 6.84
C VAL A 50 5.73 -4.28 6.84
N ASP A 51 5.93 -3.22 7.60
CA ASP A 51 4.97 -2.13 7.70
C ASP A 51 5.70 -0.80 7.52
N TYR A 52 4.96 0.27 7.33
CA TYR A 52 5.54 1.60 7.19
C TYR A 52 4.93 2.51 8.24
N PHE A 53 5.70 2.84 9.26
CA PHE A 53 5.16 3.60 10.38
C PHE A 53 6.23 4.49 11.02
N CYS A 54 5.86 5.72 11.32
CA CYS A 54 6.76 6.67 11.96
C CYS A 54 6.85 6.40 13.45
N GLN A 55 7.98 5.86 13.90
CA GLN A 55 8.25 5.77 15.32
C GLN A 55 8.79 7.11 15.80
N ASN A 56 9.83 7.60 15.11
CA ASN A 56 10.40 8.91 15.40
C ASN A 56 10.93 9.54 14.12
N GLY A 57 10.81 10.86 14.02
CA GLY A 57 11.42 11.59 12.92
C GLY A 57 10.60 11.55 11.64
N HIS A 58 9.30 11.76 11.75
CA HIS A 58 8.43 11.85 10.57
C HIS A 58 7.04 12.33 10.97
N GLY A 59 6.34 11.51 11.75
CA GLY A 59 5.03 11.89 12.24
C GLY A 59 4.08 10.72 12.26
N LEU A 60 3.89 10.14 13.44
CA LEU A 60 3.06 8.94 13.61
C LEU A 60 1.61 9.20 13.19
N ILE A 61 0.96 8.15 12.72
CA ILE A 61 -0.43 8.25 12.28
C ILE A 61 -1.25 7.16 12.94
N SER A 62 -2.57 7.32 12.92
CA SER A 62 -3.46 6.23 13.24
C SER A 62 -3.39 5.22 12.10
N LYS A 63 -2.89 4.02 12.36
CA LYS A 63 -2.55 3.10 11.29
C LYS A 63 -3.79 2.46 10.66
N LYS A 64 -4.96 2.85 11.15
CA LYS A 64 -6.22 2.51 10.49
C LYS A 64 -6.46 3.44 9.30
N ARG A 65 -5.86 4.62 9.36
CA ARG A 65 -6.13 5.67 8.40
C ARG A 65 -4.86 6.01 7.60
N VAL A 66 -3.99 5.02 7.44
CA VAL A 66 -2.81 5.19 6.61
C VAL A 66 -3.22 5.34 5.15
N ASN A 67 -2.51 6.18 4.42
CA ASN A 67 -2.82 6.39 3.02
C ASN A 67 -2.24 5.24 2.20
N PHE A 68 -2.97 4.14 2.15
CA PHE A 68 -2.55 2.98 1.38
C PHE A 68 -2.78 3.21 -0.11
N VAL A 69 -1.70 3.49 -0.81
CA VAL A 69 -1.77 3.71 -2.25
C VAL A 69 -1.20 2.51 -2.99
N ILE A 70 -1.67 2.30 -4.21
CA ILE A 70 -1.12 1.24 -5.04
C ILE A 70 0.30 1.62 -5.43
N SER A 71 1.25 0.74 -5.12
CA SER A 71 2.66 1.04 -5.30
C SER A 71 3.02 1.07 -6.79
N ASP A 72 3.06 2.27 -7.34
CA ASP A 72 3.50 2.46 -8.72
C ASP A 72 5.02 2.46 -8.77
N GLN A 73 5.58 2.03 -9.88
CA GLN A 73 7.03 2.05 -10.06
C GLN A 73 7.46 3.34 -10.74
N LEU A 74 6.49 4.22 -10.96
CA LEU A 74 6.77 5.54 -11.52
C LEU A 74 7.18 6.49 -10.40
N GLU A 75 8.41 6.31 -9.93
CA GLU A 75 8.94 7.10 -8.83
C GLU A 75 9.27 8.51 -9.31
N HIS A 76 10.11 8.59 -10.33
CA HIS A 76 10.53 9.87 -10.87
C HIS A 76 9.50 10.39 -11.84
N HIS A 77 8.78 11.41 -11.40
CA HIS A 77 7.67 11.96 -12.17
C HIS A 77 8.18 12.91 -13.26
N HIS A 78 9.44 13.31 -13.12
CA HIS A 78 10.10 14.16 -14.11
C HIS A 78 11.17 13.35 -14.84
N HIS A 79 11.16 13.43 -16.16
CA HIS A 79 12.17 12.73 -16.95
C HIS A 79 12.97 13.71 -17.79
N HIS A 80 12.38 14.18 -18.88
CA HIS A 80 13.09 15.06 -19.81
C HIS A 80 12.09 15.88 -20.62
N HIS A 81 12.40 17.15 -20.83
CA HIS A 81 11.59 17.97 -21.70
C HIS A 81 12.26 18.05 -23.07
ZN ZN B . -13.38 -9.47 -10.62
ZN ZN C . 3.22 11.05 9.40
N MET A 1 -13.43 3.89 3.50
CA MET A 1 -13.90 2.78 2.64
C MET A 1 -12.74 1.91 2.20
N GLU A 2 -13.04 0.85 1.46
CA GLU A 2 -12.03 -0.10 1.03
C GLU A 2 -11.53 0.24 -0.38
N ILE A 3 -10.34 -0.24 -0.71
CA ILE A 3 -9.76 0.01 -2.03
C ILE A 3 -10.52 -0.79 -3.09
N THR A 4 -10.70 -0.20 -4.26
CA THR A 4 -11.41 -0.85 -5.34
C THR A 4 -10.54 -0.96 -6.60
N CYS A 5 -10.58 -2.13 -7.24
CA CYS A 5 -9.80 -2.38 -8.45
C CYS A 5 -10.28 -1.49 -9.59
N PRO A 6 -9.35 -0.95 -10.40
CA PRO A 6 -9.67 -0.05 -11.51
C PRO A 6 -10.64 -0.66 -12.52
N VAL A 7 -10.58 -1.97 -12.69
CA VAL A 7 -11.45 -2.67 -13.62
C VAL A 7 -12.76 -3.05 -12.94
N CYS A 8 -12.64 -3.76 -11.83
CA CYS A 8 -13.79 -4.15 -11.05
C CYS A 8 -13.86 -3.35 -9.76
N HIS A 9 -14.45 -2.16 -9.85
CA HIS A 9 -14.71 -1.36 -8.66
C HIS A 9 -15.81 -2.02 -7.84
N HIS A 10 -15.43 -3.06 -7.13
CA HIS A 10 -16.36 -3.87 -6.36
C HIS A 10 -15.90 -3.91 -4.92
N ALA A 11 -14.81 -4.63 -4.69
CA ALA A 11 -14.20 -4.74 -3.38
C ALA A 11 -12.90 -5.53 -3.49
N LEU A 12 -11.89 -5.12 -2.75
CA LEU A 12 -10.63 -5.83 -2.73
C LEU A 12 -10.39 -6.48 -1.40
N GLU A 13 -9.74 -7.63 -1.41
CA GLU A 13 -9.42 -8.36 -0.21
C GLU A 13 -8.08 -7.87 0.34
N ARG A 14 -8.12 -6.84 1.16
CA ARG A 14 -6.91 -6.30 1.75
C ARG A 14 -6.55 -7.08 3.00
N ASN A 15 -5.54 -7.92 2.89
CA ASN A 15 -5.06 -8.73 4.00
C ASN A 15 -4.03 -7.97 4.81
N GLY A 16 -4.10 -6.64 4.74
CA GLY A 16 -3.16 -5.80 5.43
C GLY A 16 -2.42 -4.89 4.46
N ASP A 17 -1.24 -5.30 4.07
CA ASP A 17 -0.42 -4.51 3.15
C ASP A 17 -0.44 -5.13 1.75
N THR A 18 -1.37 -6.04 1.54
CA THR A 18 -1.54 -6.69 0.24
C THR A 18 -3.02 -6.88 -0.06
N ALA A 19 -3.43 -6.53 -1.27
CA ALA A 19 -4.84 -6.64 -1.66
C ALA A 19 -5.01 -7.66 -2.78
N HIS A 20 -5.90 -8.63 -2.55
CA HIS A 20 -6.17 -9.66 -3.54
C HIS A 20 -7.49 -9.37 -4.26
N CYS A 21 -7.53 -9.62 -5.56
CA CYS A 21 -8.73 -9.44 -6.34
C CYS A 21 -9.22 -10.79 -6.87
N GLU A 22 -10.36 -11.26 -6.40
CA GLU A 22 -10.96 -12.48 -6.94
C GLU A 22 -11.47 -12.24 -8.36
N THR A 23 -12.13 -11.10 -8.56
CA THR A 23 -12.43 -10.64 -9.90
C THR A 23 -11.10 -10.29 -10.57
N CYS A 24 -10.75 -10.96 -11.65
CA CYS A 24 -9.41 -10.84 -12.26
C CYS A 24 -8.32 -11.06 -11.21
N ALA A 25 -7.87 -12.31 -11.12
CA ALA A 25 -6.88 -12.72 -10.13
C ALA A 25 -5.61 -11.87 -10.18
N LYS A 26 -5.59 -10.83 -9.35
CA LYS A 26 -4.45 -9.94 -9.25
C LYS A 26 -4.25 -9.54 -7.80
N ASP A 27 -3.03 -9.66 -7.31
CA ASP A 27 -2.70 -9.22 -5.98
C ASP A 27 -1.81 -7.98 -6.05
N PHE A 28 -2.21 -6.94 -5.33
CA PHE A 28 -1.52 -5.67 -5.39
C PHE A 28 -0.73 -5.44 -4.11
N SER A 29 0.54 -5.11 -4.26
CA SER A 29 1.37 -4.75 -3.13
C SER A 29 1.06 -3.31 -2.75
N LEU A 30 0.68 -3.11 -1.50
CA LEU A 30 0.28 -1.79 -1.04
C LEU A 30 1.40 -1.12 -0.27
N GLN A 31 1.57 0.16 -0.50
CA GLN A 31 2.56 0.93 0.21
C GLN A 31 1.89 1.92 1.14
N ALA A 32 2.24 1.85 2.41
CA ALA A 32 1.68 2.74 3.42
C ALA A 32 2.16 4.17 3.20
N LEU A 33 1.25 5.05 2.83
CA LEU A 33 1.58 6.44 2.57
C LEU A 33 0.75 7.37 3.46
N CYS A 34 1.27 8.56 3.70
CA CYS A 34 0.54 9.57 4.45
C CYS A 34 -0.14 10.55 3.50
N PRO A 35 -1.35 10.99 3.84
CA PRO A 35 -2.01 12.10 3.15
C PRO A 35 -1.27 13.41 3.43
N ASP A 36 -0.60 13.44 4.57
CA ASP A 36 0.24 14.56 4.97
C ASP A 36 1.60 14.50 4.26
N CYS A 37 2.53 13.73 4.80
CA CYS A 37 3.82 13.52 4.16
C CYS A 37 3.75 12.38 3.16
N ARG A 38 3.62 12.73 1.88
CA ARG A 38 3.47 11.73 0.83
C ARG A 38 4.85 11.21 0.40
N GLN A 39 5.44 10.44 1.29
CA GLN A 39 6.75 9.83 1.06
C GLN A 39 6.76 8.45 1.71
N PRO A 40 7.83 7.64 1.54
CA PRO A 40 7.92 6.28 2.12
C PRO A 40 7.85 6.25 3.65
N LEU A 41 7.66 7.42 4.26
CA LEU A 41 7.49 7.54 5.71
C LEU A 41 8.76 7.09 6.45
N GLN A 42 8.85 5.82 6.77
CA GLN A 42 9.99 5.26 7.47
C GLN A 42 9.97 3.74 7.35
N VAL A 43 11.01 3.18 6.75
CA VAL A 43 11.08 1.75 6.52
C VAL A 43 11.27 1.01 7.84
N LEU A 44 10.31 0.16 8.17
CA LEU A 44 10.39 -0.65 9.37
C LEU A 44 10.28 -2.12 9.00
N LYS A 45 11.07 -2.97 9.64
CA LYS A 45 10.99 -4.40 9.42
C LYS A 45 10.11 -5.02 10.49
N ALA A 46 9.42 -6.10 10.12
CA ALA A 46 8.39 -6.71 10.97
C ALA A 46 7.15 -5.83 10.96
N CYS A 47 6.33 -5.90 12.01
CA CYS A 47 5.04 -5.20 12.07
C CYS A 47 4.06 -5.85 11.08
N GLY A 48 4.44 -5.83 9.81
CA GLY A 48 3.73 -6.58 8.79
C GLY A 48 4.69 -7.47 8.02
N ALA A 49 5.79 -6.85 7.60
CA ALA A 49 6.86 -7.53 6.87
C ALA A 49 7.95 -6.51 6.53
N VAL A 50 7.69 -5.75 5.48
CA VAL A 50 8.50 -4.58 5.13
C VAL A 50 7.59 -3.37 5.11
N ASP A 51 7.60 -2.63 6.19
CA ASP A 51 6.56 -1.62 6.43
C ASP A 51 7.09 -0.21 6.18
N TYR A 52 6.15 0.70 5.95
CA TYR A 52 6.45 2.11 5.79
C TYR A 52 5.57 2.89 6.77
N PHE A 53 6.12 3.22 7.92
CA PHE A 53 5.32 3.67 9.04
C PHE A 53 6.13 4.66 9.89
N CYS A 54 5.79 5.95 9.79
CA CYS A 54 6.58 6.99 10.45
C CYS A 54 6.06 7.24 11.86
N GLN A 55 6.57 6.49 12.82
CA GLN A 55 6.19 6.65 14.22
C GLN A 55 6.63 8.01 14.72
N ASN A 56 7.86 8.37 14.36
CA ASN A 56 8.42 9.66 14.72
C ASN A 56 8.55 10.51 13.46
N GLY A 57 8.93 11.78 13.63
CA GLY A 57 9.00 12.69 12.50
C GLY A 57 7.63 13.26 12.18
N HIS A 58 6.71 12.38 11.81
CA HIS A 58 5.32 12.77 11.68
C HIS A 58 4.52 12.20 12.85
N GLY A 59 4.27 10.90 12.81
CA GLY A 59 3.44 10.30 13.83
C GLY A 59 2.76 9.07 13.31
N LEU A 60 2.75 8.02 14.11
CA LEU A 60 2.21 6.73 13.70
C LEU A 60 0.72 6.84 13.40
N ILE A 61 0.32 6.27 12.27
CA ILE A 61 -1.07 6.27 11.86
C ILE A 61 -1.61 4.85 11.90
N SER A 62 -2.77 4.65 12.47
CA SER A 62 -3.38 3.34 12.50
C SER A 62 -3.59 2.85 11.07
N LYS A 63 -3.29 1.58 10.81
CA LYS A 63 -3.33 1.06 9.45
C LYS A 63 -4.77 0.96 8.90
N LYS A 64 -5.73 1.42 9.70
CA LYS A 64 -7.11 1.55 9.26
C LYS A 64 -7.29 2.91 8.58
N ARG A 65 -6.36 3.82 8.90
CA ARG A 65 -6.43 5.20 8.44
C ARG A 65 -5.29 5.51 7.45
N VAL A 66 -4.31 4.62 7.39
CA VAL A 66 -3.17 4.78 6.48
C VAL A 66 -3.63 4.69 5.02
N ASN A 67 -3.07 5.54 4.18
CA ASN A 67 -3.39 5.54 2.75
C ASN A 67 -2.53 4.51 2.03
N PHE A 68 -3.12 3.35 1.76
CA PHE A 68 -2.42 2.29 1.07
C PHE A 68 -2.48 2.48 -0.44
N VAL A 69 -1.36 2.86 -1.02
CA VAL A 69 -1.29 3.10 -2.45
C VAL A 69 -0.61 1.93 -3.15
N ILE A 70 -1.09 1.59 -4.34
CA ILE A 70 -0.51 0.53 -5.13
C ILE A 70 0.73 1.04 -5.86
N SER A 71 1.80 0.24 -5.85
CA SER A 71 3.01 0.61 -6.56
C SER A 71 2.82 0.46 -8.07
N ASP A 72 2.20 1.46 -8.67
CA ASP A 72 1.91 1.44 -10.10
C ASP A 72 3.01 2.14 -10.90
N GLN A 73 3.39 3.33 -10.45
CA GLN A 73 4.45 4.07 -11.12
C GLN A 73 5.81 3.75 -10.52
N LEU A 74 6.53 2.84 -11.16
CA LEU A 74 7.85 2.45 -10.69
C LEU A 74 8.90 2.76 -11.74
N GLU A 75 9.51 3.94 -11.62
CA GLU A 75 10.55 4.37 -12.55
C GLU A 75 11.79 3.51 -12.40
N HIS A 76 12.45 3.61 -11.25
CA HIS A 76 13.57 2.72 -10.94
C HIS A 76 13.04 1.45 -10.29
N HIS A 77 13.54 0.31 -10.75
CA HIS A 77 13.02 -0.97 -10.31
C HIS A 77 14.15 -1.97 -10.06
N HIS A 78 14.30 -2.38 -8.81
CA HIS A 78 15.38 -3.26 -8.41
C HIS A 78 14.88 -4.69 -8.18
N HIS A 79 14.58 -5.38 -9.27
CA HIS A 79 14.28 -6.80 -9.20
C HIS A 79 15.53 -7.58 -9.61
N HIS A 80 16.34 -6.96 -10.46
CA HIS A 80 17.58 -7.56 -10.92
C HIS A 80 18.76 -6.96 -10.15
N HIS A 81 19.91 -7.57 -10.29
CA HIS A 81 21.12 -7.08 -9.64
C HIS A 81 21.89 -6.20 -10.62
ZN ZN B . -11.22 -7.69 -9.62
ZN ZN C . 2.69 11.15 7.77
N MET A 1 -9.43 6.22 -2.20
CA MET A 1 -9.71 6.26 -0.75
C MET A 1 -9.59 4.86 -0.15
N GLU A 2 -10.37 3.94 -0.69
CA GLU A 2 -10.36 2.56 -0.23
C GLU A 2 -9.83 1.67 -1.36
N ILE A 3 -9.34 0.49 -1.00
CA ILE A 3 -8.80 -0.43 -1.99
C ILE A 3 -9.91 -1.10 -2.79
N THR A 4 -10.29 -0.46 -3.88
CA THR A 4 -11.33 -0.97 -4.76
C THR A 4 -10.79 -1.11 -6.18
N CYS A 5 -10.91 -2.29 -6.75
CA CYS A 5 -10.44 -2.54 -8.10
C CYS A 5 -11.37 -1.90 -9.12
N PRO A 6 -10.86 -0.99 -9.95
CA PRO A 6 -11.66 -0.25 -10.94
C PRO A 6 -12.07 -1.12 -12.13
N VAL A 7 -11.67 -2.38 -12.11
CA VAL A 7 -11.99 -3.29 -13.20
C VAL A 7 -13.26 -4.09 -12.89
N CYS A 8 -13.49 -4.34 -11.60
CA CYS A 8 -14.64 -5.12 -11.17
C CYS A 8 -15.51 -4.34 -10.19
N HIS A 9 -15.01 -3.18 -9.76
CA HIS A 9 -15.71 -2.30 -8.83
C HIS A 9 -15.96 -3.03 -7.50
N HIS A 10 -15.03 -3.90 -7.13
CA HIS A 10 -15.12 -4.65 -5.90
C HIS A 10 -14.01 -4.25 -4.93
N ALA A 11 -14.34 -4.23 -3.64
CA ALA A 11 -13.34 -3.97 -2.60
C ALA A 11 -12.39 -5.17 -2.49
N LEU A 12 -11.11 -4.89 -2.31
CA LEU A 12 -10.09 -5.92 -2.34
C LEU A 12 -9.70 -6.37 -0.94
N GLU A 13 -9.05 -7.53 -0.86
CA GLU A 13 -8.56 -8.05 0.40
C GLU A 13 -7.10 -7.66 0.58
N ARG A 14 -6.79 -7.10 1.75
CA ARG A 14 -5.44 -6.62 2.02
C ARG A 14 -4.67 -7.62 2.86
N ASN A 15 -3.69 -8.27 2.25
CA ASN A 15 -2.84 -9.20 2.97
C ASN A 15 -1.38 -8.76 2.89
N GLY A 16 -0.98 -7.92 3.83
CA GLY A 16 0.38 -7.44 3.87
C GLY A 16 0.76 -6.64 2.63
N ASP A 17 1.76 -7.14 1.91
CA ASP A 17 2.29 -6.46 0.73
C ASP A 17 1.39 -6.61 -0.49
N THR A 18 0.40 -7.49 -0.40
CA THR A 18 -0.42 -7.82 -1.54
C THR A 18 -1.91 -7.63 -1.27
N ALA A 19 -2.59 -7.02 -2.23
CA ALA A 19 -4.04 -6.93 -2.21
C ALA A 19 -4.57 -7.80 -3.34
N HIS A 20 -5.25 -8.87 -2.97
CA HIS A 20 -5.70 -9.83 -3.96
C HIS A 20 -7.10 -9.49 -4.45
N CYS A 21 -7.25 -9.46 -5.76
CA CYS A 21 -8.53 -9.19 -6.38
C CYS A 21 -9.22 -10.50 -6.75
N GLU A 22 -10.31 -10.82 -6.05
CA GLU A 22 -11.05 -12.05 -6.31
C GLU A 22 -11.66 -12.03 -7.71
N THR A 23 -12.74 -11.27 -7.88
CA THR A 23 -13.32 -11.07 -9.20
C THR A 23 -12.32 -10.35 -10.08
N CYS A 24 -12.08 -10.88 -11.29
CA CYS A 24 -10.95 -10.48 -12.14
C CYS A 24 -9.66 -10.49 -11.33
N ALA A 25 -8.97 -11.63 -11.36
CA ALA A 25 -7.76 -11.85 -10.59
C ALA A 25 -6.66 -10.88 -10.96
N LYS A 26 -6.28 -10.07 -9.98
CA LYS A 26 -5.21 -9.09 -10.12
C LYS A 26 -4.58 -8.87 -8.75
N ASP A 27 -3.27 -9.07 -8.66
CA ASP A 27 -2.59 -8.89 -7.38
C ASP A 27 -1.90 -7.54 -7.34
N PHE A 28 -2.40 -6.66 -6.49
CA PHE A 28 -1.87 -5.32 -6.37
C PHE A 28 -0.92 -5.22 -5.18
N SER A 29 0.32 -4.85 -5.44
CA SER A 29 1.28 -4.61 -4.38
C SER A 29 0.90 -3.34 -3.62
N LEU A 30 0.69 -3.46 -2.32
CA LEU A 30 0.28 -2.32 -1.51
C LEU A 30 1.42 -1.83 -0.64
N GLN A 31 1.48 -0.51 -0.48
CA GLN A 31 2.43 0.13 0.42
C GLN A 31 1.72 1.25 1.17
N ALA A 32 1.93 1.30 2.48
CA ALA A 32 1.29 2.30 3.31
C ALA A 32 1.90 3.68 3.07
N LEU A 33 1.07 4.63 2.65
CA LEU A 33 1.54 5.98 2.42
C LEU A 33 0.79 6.95 3.32
N CYS A 34 1.38 8.11 3.53
CA CYS A 34 0.83 9.11 4.44
C CYS A 34 0.03 10.13 3.67
N PRO A 35 -1.29 10.21 3.91
CA PRO A 35 -2.15 11.28 3.38
C PRO A 35 -1.86 12.58 4.11
N ASP A 36 -0.61 13.00 4.01
CA ASP A 36 -0.06 14.00 4.89
C ASP A 36 1.29 14.49 4.35
N CYS A 37 2.34 13.68 4.56
CA CYS A 37 3.66 14.00 4.05
C CYS A 37 3.89 13.24 2.75
N ARG A 38 3.22 12.10 2.65
CA ARG A 38 3.23 11.26 1.45
C ARG A 38 4.65 10.80 1.09
N GLN A 39 5.51 10.76 2.09
CA GLN A 39 6.81 10.16 1.93
C GLN A 39 6.65 8.64 1.92
N PRO A 40 7.69 7.89 1.51
CA PRO A 40 7.67 6.43 1.55
C PRO A 40 7.60 5.90 2.99
N LEU A 41 7.56 6.83 3.94
CA LEU A 41 7.45 6.53 5.36
C LEU A 41 8.67 5.76 5.85
N GLN A 42 8.63 5.34 7.09
CA GLN A 42 9.73 4.62 7.68
C GLN A 42 9.33 3.17 7.90
N VAL A 43 10.08 2.27 7.29
CA VAL A 43 9.77 0.85 7.36
C VAL A 43 10.12 0.30 8.73
N LEU A 44 9.11 -0.20 9.42
CA LEU A 44 9.31 -0.73 10.75
C LEU A 44 9.13 -2.24 10.75
N LYS A 45 10.24 -2.94 10.68
CA LYS A 45 10.25 -4.39 10.61
C LYS A 45 10.14 -4.98 12.01
N ALA A 46 8.97 -5.51 12.32
CA ALA A 46 8.70 -6.09 13.63
C ALA A 46 8.85 -7.60 13.58
N CYS A 47 8.68 -8.24 14.73
CA CYS A 47 8.75 -9.69 14.80
C CYS A 47 7.51 -10.31 14.16
N GLY A 48 7.68 -10.80 12.93
CA GLY A 48 6.57 -11.38 12.19
C GLY A 48 5.59 -10.34 11.69
N ALA A 49 6.06 -9.10 11.54
CA ALA A 49 5.21 -8.02 11.10
C ALA A 49 6.02 -6.98 10.34
N VAL A 50 5.38 -6.29 9.41
CA VAL A 50 6.00 -5.21 8.67
C VAL A 50 5.06 -4.01 8.55
N ASP A 51 5.34 -2.96 9.30
CA ASP A 51 4.52 -1.75 9.26
C ASP A 51 5.28 -0.62 8.59
N TYR A 52 4.53 0.34 8.08
CA TYR A 52 5.12 1.50 7.42
C TYR A 52 4.49 2.78 7.97
N PHE A 53 5.23 3.48 8.83
CA PHE A 53 4.79 4.79 9.32
C PHE A 53 5.95 5.58 9.89
N CYS A 54 5.84 6.90 9.77
CA CYS A 54 6.91 7.81 10.13
C CYS A 54 6.99 8.00 11.64
N GLN A 55 7.92 7.31 12.31
CA GLN A 55 8.10 7.44 13.75
C GLN A 55 8.41 8.89 14.13
N ASN A 56 9.37 9.47 13.43
CA ASN A 56 9.79 10.84 13.70
C ASN A 56 9.41 11.74 12.53
N GLY A 57 9.60 13.04 12.69
CA GLY A 57 9.16 14.00 11.69
C GLY A 57 7.70 14.34 11.88
N HIS A 58 6.87 13.31 11.86
CA HIS A 58 5.46 13.45 12.15
C HIS A 58 5.09 12.57 13.34
N GLY A 59 5.04 11.26 13.10
CA GLY A 59 4.59 10.34 14.12
C GLY A 59 3.61 9.33 13.57
N LEU A 60 3.41 8.26 14.31
CA LEU A 60 2.50 7.17 13.93
C LEU A 60 1.12 7.68 13.49
N ILE A 61 0.62 7.11 12.41
CA ILE A 61 -0.74 7.35 11.98
C ILE A 61 -1.52 6.05 12.16
N SER A 62 -2.77 6.15 12.61
CA SER A 62 -3.60 4.96 12.77
C SER A 62 -3.65 4.16 11.47
N LYS A 63 -3.11 2.94 11.51
CA LYS A 63 -2.83 2.15 10.31
C LYS A 63 -4.11 1.78 9.54
N LYS A 64 -5.26 2.03 10.15
CA LYS A 64 -6.54 1.78 9.48
C LYS A 64 -6.82 2.90 8.48
N ARG A 65 -6.37 4.11 8.80
CA ARG A 65 -6.64 5.28 7.97
C ARG A 65 -5.41 5.69 7.18
N VAL A 66 -4.33 4.93 7.32
CA VAL A 66 -3.16 5.13 6.49
C VAL A 66 -3.49 4.72 5.06
N ASN A 67 -3.11 5.54 4.10
CA ASN A 67 -3.51 5.30 2.73
C ASN A 67 -2.57 4.31 2.05
N PHE A 68 -2.96 3.04 2.06
CA PHE A 68 -2.22 2.00 1.37
C PHE A 68 -2.39 2.17 -0.13
N VAL A 69 -1.34 2.63 -0.79
CA VAL A 69 -1.38 2.89 -2.21
C VAL A 69 -0.86 1.69 -2.98
N ILE A 70 -1.22 1.61 -4.26
CA ILE A 70 -0.78 0.51 -5.09
C ILE A 70 0.60 0.80 -5.64
N SER A 71 1.56 0.00 -5.20
CA SER A 71 2.94 0.15 -5.63
C SER A 71 3.12 -0.38 -7.04
N ASP A 72 2.76 0.46 -8.01
CA ASP A 72 2.92 0.12 -9.41
C ASP A 72 4.39 0.11 -9.77
N GLN A 73 5.04 1.25 -9.56
CA GLN A 73 6.46 1.41 -9.83
C GLN A 73 7.08 2.42 -8.87
N LEU A 74 7.68 1.93 -7.80
CA LEU A 74 8.38 2.80 -6.88
C LEU A 74 9.78 3.11 -7.40
N GLU A 75 10.30 4.26 -7.03
CA GLU A 75 11.63 4.68 -7.47
C GLU A 75 12.71 3.95 -6.68
N HIS A 76 12.29 3.05 -5.81
CA HIS A 76 13.20 2.21 -5.04
C HIS A 76 13.23 0.81 -5.66
N HIS A 77 12.67 0.69 -6.85
CA HIS A 77 12.66 -0.59 -7.57
C HIS A 77 14.09 -0.99 -7.90
N HIS A 78 14.35 -2.30 -7.86
CA HIS A 78 15.70 -2.80 -8.09
C HIS A 78 16.09 -2.65 -9.57
N HIS A 79 16.62 -1.47 -9.89
CA HIS A 79 17.12 -1.21 -11.24
C HIS A 79 18.60 -1.59 -11.31
N HIS A 80 19.41 -0.92 -10.51
CA HIS A 80 20.84 -1.19 -10.45
C HIS A 80 21.41 -0.58 -9.19
N HIS A 81 22.14 -1.38 -8.43
CA HIS A 81 22.79 -0.89 -7.23
C HIS A 81 24.30 -0.87 -7.42
ZN ZN B . -10.26 -8.16 -10.12
ZN ZN C . 2.36 13.83 8.71
N MET A 1 -14.65 4.52 -1.14
CA MET A 1 -13.73 4.17 -0.03
C MET A 1 -13.28 2.71 -0.16
N GLU A 2 -13.66 2.07 -1.25
CA GLU A 2 -13.18 0.74 -1.58
C GLU A 2 -12.18 0.88 -2.71
N ILE A 3 -11.10 0.11 -2.69
CA ILE A 3 -10.04 0.25 -3.67
C ILE A 3 -10.57 -0.06 -5.07
N THR A 4 -11.15 -1.26 -5.19
CA THR A 4 -11.79 -1.72 -6.42
C THR A 4 -10.78 -1.96 -7.54
N CYS A 5 -10.86 -3.14 -8.16
CA CYS A 5 -10.07 -3.41 -9.35
C CYS A 5 -10.71 -2.69 -10.53
N PRO A 6 -10.00 -1.69 -11.08
CA PRO A 6 -10.56 -0.78 -12.09
C PRO A 6 -11.01 -1.50 -13.37
N VAL A 7 -10.44 -2.67 -13.62
CA VAL A 7 -10.75 -3.42 -14.84
C VAL A 7 -11.76 -4.53 -14.58
N CYS A 8 -12.31 -4.58 -13.38
CA CYS A 8 -13.27 -5.61 -13.03
C CYS A 8 -14.51 -5.02 -12.37
N HIS A 9 -14.35 -3.87 -11.71
CA HIS A 9 -15.44 -3.21 -10.99
C HIS A 9 -15.86 -4.07 -9.80
N HIS A 10 -15.01 -5.01 -9.43
CA HIS A 10 -15.28 -5.89 -8.30
C HIS A 10 -14.60 -5.35 -7.05
N ALA A 11 -15.09 -5.77 -5.90
CA ALA A 11 -14.53 -5.34 -4.63
C ALA A 11 -13.27 -6.13 -4.32
N LEU A 12 -12.18 -5.44 -4.12
CA LEU A 12 -10.89 -6.08 -3.88
C LEU A 12 -10.88 -6.79 -2.54
N GLU A 13 -10.71 -8.10 -2.60
CA GLU A 13 -10.58 -8.92 -1.40
C GLU A 13 -9.20 -8.68 -0.79
N ARG A 14 -9.14 -7.79 0.19
CA ARG A 14 -7.86 -7.40 0.75
C ARG A 14 -7.59 -8.13 2.05
N ASN A 15 -6.32 -8.37 2.31
CA ASN A 15 -5.90 -8.98 3.57
C ASN A 15 -5.66 -7.89 4.60
N GLY A 16 -5.69 -6.66 4.11
CA GLY A 16 -5.42 -5.51 4.93
C GLY A 16 -4.33 -4.65 4.32
N ASP A 17 -3.18 -5.27 4.12
CA ASP A 17 -2.05 -4.63 3.46
C ASP A 17 -2.11 -4.83 1.96
N THR A 18 -2.35 -6.06 1.55
CA THR A 18 -2.41 -6.40 0.13
C THR A 18 -3.85 -6.69 -0.30
N ALA A 19 -4.12 -6.53 -1.59
CA ALA A 19 -5.46 -6.72 -2.11
C ALA A 19 -5.47 -7.77 -3.23
N HIS A 20 -6.42 -8.69 -3.17
CA HIS A 20 -6.52 -9.75 -4.16
C HIS A 20 -7.76 -9.57 -5.02
N CYS A 21 -7.57 -9.52 -6.33
CA CYS A 21 -8.70 -9.52 -7.25
C CYS A 21 -8.99 -10.95 -7.67
N GLU A 22 -10.17 -11.44 -7.30
CA GLU A 22 -10.54 -12.83 -7.59
C GLU A 22 -10.77 -13.01 -9.09
N THR A 23 -11.23 -11.95 -9.74
CA THR A 23 -11.41 -11.97 -11.18
C THR A 23 -10.19 -11.40 -11.88
N CYS A 24 -9.05 -12.04 -11.62
CA CYS A 24 -7.75 -11.62 -12.16
C CYS A 24 -6.67 -12.61 -11.72
N ALA A 25 -6.82 -13.13 -10.51
CA ALA A 25 -5.81 -13.98 -9.87
C ALA A 25 -4.55 -13.16 -9.62
N LYS A 26 -4.74 -11.85 -9.55
CA LYS A 26 -3.66 -10.90 -9.40
C LYS A 26 -3.71 -10.28 -8.01
N ASP A 27 -2.60 -10.34 -7.30
CA ASP A 27 -2.50 -9.72 -5.99
C ASP A 27 -1.78 -8.39 -6.11
N PHE A 28 -2.36 -7.36 -5.52
CA PHE A 28 -1.81 -6.03 -5.59
C PHE A 28 -1.04 -5.72 -4.32
N SER A 29 0.19 -5.27 -4.49
CA SER A 29 1.03 -4.89 -3.37
C SER A 29 1.00 -3.39 -3.20
N LEU A 30 0.44 -2.92 -2.10
CA LEU A 30 0.29 -1.50 -1.86
C LEU A 30 1.33 -1.02 -0.86
N GLN A 31 1.51 0.28 -0.78
CA GLN A 31 2.43 0.87 0.19
C GLN A 31 1.66 1.63 1.24
N ALA A 32 2.11 1.55 2.48
CA ALA A 32 1.48 2.28 3.57
C ALA A 32 1.99 3.71 3.60
N LEU A 33 1.25 4.61 2.99
CA LEU A 33 1.64 6.00 2.95
C LEU A 33 0.92 6.78 4.06
N CYS A 34 1.49 7.91 4.46
CA CYS A 34 0.87 8.73 5.48
C CYS A 34 0.10 9.88 4.84
N PRO A 35 -1.24 9.81 4.89
CA PRO A 35 -2.14 10.73 4.17
C PRO A 35 -2.03 12.19 4.62
N ASP A 36 -1.78 12.40 5.90
CA ASP A 36 -1.68 13.76 6.43
C ASP A 36 -0.39 14.43 5.97
N CYS A 37 0.73 13.74 6.16
CA CYS A 37 2.03 14.25 5.73
C CYS A 37 2.62 13.34 4.66
N ARG A 38 2.19 13.54 3.42
CA ARG A 38 2.47 12.60 2.33
C ARG A 38 3.89 12.74 1.81
N GLN A 39 4.79 12.00 2.44
CA GLN A 39 6.19 11.90 2.05
C GLN A 39 6.69 10.55 2.55
N PRO A 40 7.76 9.99 1.96
CA PRO A 40 8.30 8.68 2.35
C PRO A 40 8.39 8.49 3.87
N LEU A 41 7.76 7.43 4.37
CA LEU A 41 7.72 7.16 5.79
C LEU A 41 9.02 6.49 6.23
N GLN A 42 9.10 6.15 7.50
CA GLN A 42 10.28 5.51 8.06
C GLN A 42 10.12 4.00 7.96
N VAL A 43 11.11 3.34 7.38
CA VAL A 43 11.03 1.90 7.16
C VAL A 43 11.38 1.14 8.43
N LEU A 44 10.36 0.63 9.09
CA LEU A 44 10.54 -0.15 10.29
C LEU A 44 10.57 -1.63 9.92
N LYS A 45 11.78 -2.16 9.80
CA LYS A 45 11.98 -3.54 9.36
C LYS A 45 11.84 -4.52 10.51
N ALA A 46 11.05 -5.57 10.26
CA ALA A 46 10.95 -6.70 11.17
C ALA A 46 11.35 -7.95 10.43
N CYS A 47 11.12 -9.12 11.03
CA CYS A 47 11.46 -10.37 10.38
C CYS A 47 10.43 -10.69 9.29
N GLY A 48 10.68 -10.19 8.08
CA GLY A 48 9.79 -10.45 6.97
C GLY A 48 8.88 -9.26 6.68
N ALA A 49 8.39 -8.64 7.75
CA ALA A 49 7.49 -7.51 7.62
C ALA A 49 8.26 -6.20 7.53
N VAL A 50 7.91 -5.37 6.56
CA VAL A 50 8.49 -4.05 6.44
C VAL A 50 7.40 -2.99 6.57
N ASP A 51 7.39 -2.31 7.69
CA ASP A 51 6.35 -1.33 7.98
C ASP A 51 6.78 0.07 7.56
N TYR A 52 5.90 0.76 6.85
CA TYR A 52 6.10 2.17 6.57
C TYR A 52 5.46 2.97 7.69
N PHE A 53 6.27 3.51 8.57
CA PHE A 53 5.76 4.20 9.74
C PHE A 53 6.71 5.32 10.14
N CYS A 54 6.32 6.56 9.86
CA CYS A 54 7.18 7.69 10.15
C CYS A 54 7.11 8.05 11.63
N GLN A 55 8.06 7.51 12.39
CA GLN A 55 8.10 7.73 13.83
C GLN A 55 9.04 8.88 14.19
N ASN A 56 10.31 8.76 13.79
CA ASN A 56 11.31 9.78 14.11
C ASN A 56 11.19 10.98 13.17
N GLY A 57 10.16 10.97 12.36
CA GLY A 57 9.88 12.07 11.46
C GLY A 57 8.43 12.06 11.05
N HIS A 58 7.91 13.18 10.59
CA HIS A 58 6.49 13.32 10.22
C HIS A 58 5.60 13.26 11.46
N GLY A 59 5.38 12.04 11.94
CA GLY A 59 4.51 11.81 13.06
C GLY A 59 3.79 10.49 12.92
N LEU A 60 3.80 9.70 13.99
CA LEU A 60 3.19 8.37 13.96
C LEU A 60 1.75 8.43 13.45
N ILE A 61 1.45 7.57 12.49
CA ILE A 61 0.13 7.51 11.91
C ILE A 61 -0.64 6.34 12.49
N SER A 62 -1.88 6.59 12.91
CA SER A 62 -2.73 5.53 13.42
C SER A 62 -2.86 4.44 12.36
N LYS A 63 -2.73 3.18 12.79
CA LYS A 63 -2.59 2.06 11.86
C LYS A 63 -3.91 1.68 11.19
N LYS A 64 -4.93 2.49 11.39
CA LYS A 64 -6.19 2.32 10.66
C LYS A 64 -6.24 3.28 9.48
N ARG A 65 -6.10 4.56 9.75
CA ARG A 65 -6.14 5.56 8.68
C ARG A 65 -4.76 5.70 8.04
N VAL A 66 -4.34 4.65 7.36
CA VAL A 66 -3.11 4.66 6.60
C VAL A 66 -3.46 4.69 5.12
N ASN A 67 -2.69 5.45 4.35
CA ASN A 67 -2.95 5.59 2.93
C ASN A 67 -2.34 4.42 2.17
N PHE A 68 -3.04 3.30 2.18
CA PHE A 68 -2.61 2.13 1.42
C PHE A 68 -2.86 2.40 -0.06
N VAL A 69 -1.81 2.73 -0.77
CA VAL A 69 -1.94 3.15 -2.16
C VAL A 69 -1.07 2.31 -3.10
N ILE A 70 -1.61 2.03 -4.28
CA ILE A 70 -0.85 1.39 -5.34
C ILE A 70 -0.04 2.47 -6.06
N SER A 71 1.12 2.79 -5.52
CA SER A 71 1.94 3.89 -6.00
C SER A 71 2.45 3.65 -7.41
N ASP A 72 2.02 4.50 -8.34
CA ASP A 72 2.59 4.49 -9.68
C ASP A 72 3.94 5.19 -9.65
N GLN A 73 4.98 4.42 -9.35
CA GLN A 73 6.33 4.94 -9.32
C GLN A 73 7.19 4.18 -10.32
N LEU A 74 6.55 3.27 -11.04
CA LEU A 74 7.23 2.47 -12.04
C LEU A 74 6.95 3.01 -13.44
N GLU A 75 7.95 2.96 -14.29
CA GLU A 75 7.80 3.47 -15.66
C GLU A 75 6.82 2.61 -16.43
N HIS A 76 5.66 3.17 -16.74
CA HIS A 76 4.65 2.45 -17.50
C HIS A 76 4.57 2.96 -18.93
N HIS A 77 5.60 3.73 -19.31
CA HIS A 77 5.77 4.23 -20.67
C HIS A 77 4.76 5.33 -21.00
N HIS A 78 5.28 6.52 -21.29
CA HIS A 78 4.46 7.64 -21.73
C HIS A 78 3.86 7.31 -23.08
N HIS A 79 4.64 6.65 -23.92
CA HIS A 79 4.15 6.18 -25.21
C HIS A 79 3.50 4.82 -25.05
N HIS A 80 2.19 4.82 -24.87
CA HIS A 80 1.41 3.59 -24.76
C HIS A 80 0.05 3.79 -25.42
N HIS A 81 -0.67 2.71 -25.66
CA HIS A 81 -1.97 2.82 -26.28
C HIS A 81 -3.07 2.58 -25.25
ZN ZN B . -9.74 -8.65 -13.33
ZN ZN C . 4.05 11.61 6.37
N MET A 1 -15.48 4.29 0.21
CA MET A 1 -14.50 4.23 -0.90
C MET A 1 -14.04 2.79 -1.13
N GLU A 2 -13.80 2.07 -0.03
CA GLU A 2 -13.32 0.69 -0.07
C GLU A 2 -11.96 0.61 -0.73
N ILE A 3 -11.49 -0.61 -0.93
CA ILE A 3 -10.36 -0.87 -1.80
C ILE A 3 -10.88 -1.53 -3.06
N THR A 4 -11.06 -0.74 -4.11
CA THR A 4 -11.83 -1.21 -5.26
C THR A 4 -11.00 -1.25 -6.54
N CYS A 5 -10.99 -2.42 -7.17
CA CYS A 5 -10.41 -2.57 -8.50
C CYS A 5 -11.27 -1.79 -9.50
N PRO A 6 -10.66 -0.85 -10.23
CA PRO A 6 -11.37 0.08 -11.13
C PRO A 6 -12.29 -0.62 -12.14
N VAL A 7 -11.82 -1.74 -12.68
CA VAL A 7 -12.57 -2.44 -13.72
C VAL A 7 -13.67 -3.33 -13.11
N CYS A 8 -13.63 -3.52 -11.79
CA CYS A 8 -14.55 -4.42 -11.14
C CYS A 8 -15.68 -3.70 -10.41
N HIS A 9 -15.29 -2.74 -9.55
CA HIS A 9 -16.23 -2.14 -8.61
C HIS A 9 -16.88 -3.25 -7.78
N HIS A 10 -16.06 -4.20 -7.36
CA HIS A 10 -16.52 -5.35 -6.60
C HIS A 10 -15.64 -5.55 -5.37
N ALA A 11 -15.02 -4.45 -4.92
CA ALA A 11 -14.11 -4.47 -3.78
C ALA A 11 -12.88 -5.35 -4.02
N LEU A 12 -12.07 -5.49 -2.98
CA LEU A 12 -10.87 -6.31 -3.03
C LEU A 12 -10.66 -6.99 -1.67
N GLU A 13 -9.82 -8.01 -1.65
CA GLU A 13 -9.50 -8.69 -0.41
C GLU A 13 -8.00 -8.63 -0.16
N ARG A 14 -7.62 -8.16 1.02
CA ARG A 14 -6.21 -8.06 1.37
C ARG A 14 -5.67 -9.42 1.78
N ASN A 15 -4.77 -9.95 0.97
CA ASN A 15 -4.22 -11.28 1.19
C ASN A 15 -3.12 -11.22 2.26
N GLY A 16 -2.66 -10.00 2.53
CA GLY A 16 -1.64 -9.80 3.54
C GLY A 16 -0.78 -8.61 3.19
N ASP A 17 0.13 -8.80 2.25
CA ASP A 17 0.98 -7.72 1.75
C ASP A 17 0.46 -7.24 0.40
N THR A 18 -0.41 -8.03 -0.19
CA THR A 18 -1.01 -7.67 -1.47
C THR A 18 -2.53 -7.66 -1.38
N ALA A 19 -3.16 -7.10 -2.39
CA ALA A 19 -4.61 -7.13 -2.50
C ALA A 19 -5.00 -8.04 -3.66
N HIS A 20 -5.80 -9.05 -3.38
CA HIS A 20 -6.12 -10.05 -4.37
C HIS A 20 -7.45 -9.74 -5.03
N CYS A 21 -7.43 -9.61 -6.34
CA CYS A 21 -8.65 -9.39 -7.10
C CYS A 21 -9.20 -10.73 -7.57
N GLU A 22 -10.37 -11.11 -7.07
CA GLU A 22 -11.00 -12.35 -7.47
C GLU A 22 -11.63 -12.18 -8.86
N THR A 23 -12.52 -11.21 -8.97
CA THR A 23 -13.06 -10.82 -10.27
C THR A 23 -11.93 -10.22 -11.10
N CYS A 24 -11.57 -10.88 -12.18
CA CYS A 24 -10.31 -10.64 -12.90
C CYS A 24 -9.13 -10.86 -11.96
N ALA A 25 -8.56 -12.05 -12.03
CA ALA A 25 -7.53 -12.49 -11.09
C ALA A 25 -6.22 -11.76 -11.30
N LYS A 26 -5.97 -10.77 -10.46
CA LYS A 26 -4.70 -10.08 -10.42
C LYS A 26 -4.46 -9.57 -9.01
N ASP A 27 -3.20 -9.47 -8.62
CA ASP A 27 -2.86 -9.01 -7.29
C ASP A 27 -2.14 -7.67 -7.37
N PHE A 28 -2.33 -6.86 -6.33
CA PHE A 28 -1.71 -5.56 -6.27
C PHE A 28 -0.82 -5.45 -5.04
N SER A 29 0.42 -5.03 -5.23
CA SER A 29 1.33 -4.80 -4.11
C SER A 29 0.92 -3.54 -3.36
N LEU A 30 0.70 -3.65 -2.07
CA LEU A 30 0.23 -2.53 -1.27
C LEU A 30 1.37 -1.88 -0.51
N GLN A 31 1.39 -0.56 -0.54
CA GLN A 31 2.41 0.21 0.15
C GLN A 31 1.77 1.11 1.19
N ALA A 32 2.17 0.94 2.44
CA ALA A 32 1.70 1.79 3.52
C ALA A 32 2.21 3.21 3.32
N LEU A 33 1.30 4.14 3.10
CA LEU A 33 1.67 5.53 2.85
C LEU A 33 0.95 6.45 3.83
N CYS A 34 1.54 7.61 4.08
CA CYS A 34 0.99 8.55 5.04
C CYS A 34 0.33 9.72 4.29
N PRO A 35 -0.91 10.06 4.67
CA PRO A 35 -1.71 11.08 3.97
C PRO A 35 -1.06 12.48 3.98
N ASP A 36 -0.46 12.84 5.10
CA ASP A 36 0.17 14.16 5.26
C ASP A 36 1.55 14.21 4.61
N CYS A 37 2.09 13.05 4.28
CA CYS A 37 3.43 12.97 3.72
C CYS A 37 3.56 11.76 2.81
N ARG A 38 3.28 11.97 1.53
CA ARG A 38 3.35 10.91 0.54
C ARG A 38 4.77 10.75 0.02
N GLN A 39 5.59 10.14 0.85
CA GLN A 39 7.00 9.89 0.55
C GLN A 39 7.42 8.59 1.22
N PRO A 40 8.67 8.13 1.00
CA PRO A 40 9.21 6.99 1.75
C PRO A 40 9.16 7.25 3.25
N LEU A 41 8.24 6.56 3.92
CA LEU A 41 8.02 6.75 5.35
C LEU A 41 9.16 6.15 6.14
N GLN A 42 9.01 6.10 7.45
CA GLN A 42 10.04 5.57 8.31
C GLN A 42 9.95 4.06 8.30
N VAL A 43 10.84 3.45 7.54
CA VAL A 43 10.82 2.02 7.34
C VAL A 43 11.23 1.30 8.61
N LEU A 44 10.24 0.78 9.32
CA LEU A 44 10.47 0.08 10.55
C LEU A 44 10.35 -1.42 10.31
N LYS A 45 11.43 -2.15 10.50
CA LYS A 45 11.43 -3.57 10.23
C LYS A 45 10.90 -4.37 11.43
N ALA A 46 9.89 -5.18 11.17
CA ALA A 46 9.32 -6.05 12.19
C ALA A 46 9.98 -7.42 12.12
N CYS A 47 9.42 -8.39 12.83
CA CYS A 47 9.93 -9.76 12.82
C CYS A 47 10.06 -10.29 11.39
N GLY A 48 8.96 -10.25 10.65
CA GLY A 48 8.98 -10.68 9.27
C GLY A 48 8.10 -9.81 8.40
N ALA A 49 8.11 -8.52 8.68
CA ALA A 49 7.28 -7.57 7.95
C ALA A 49 7.93 -6.20 7.94
N VAL A 50 7.43 -5.31 7.09
CA VAL A 50 7.95 -3.96 6.98
C VAL A 50 6.85 -2.95 7.28
N ASP A 51 7.02 -2.20 8.36
CA ASP A 51 6.05 -1.19 8.75
C ASP A 51 6.49 0.18 8.27
N TYR A 52 5.68 0.79 7.41
CA TYR A 52 5.89 2.19 7.07
C TYR A 52 5.11 3.04 8.05
N PHE A 53 5.79 3.51 9.07
CA PHE A 53 5.15 4.19 10.19
C PHE A 53 6.06 5.30 10.70
N CYS A 54 5.58 6.53 10.59
CA CYS A 54 6.39 7.68 10.96
C CYS A 54 6.63 7.72 12.46
N GLN A 55 7.70 7.10 12.92
CA GLN A 55 8.01 7.07 14.34
C GLN A 55 8.68 8.37 14.77
N ASN A 56 9.54 8.92 13.91
CA ASN A 56 10.29 10.12 14.24
C ASN A 56 10.07 11.24 13.21
N GLY A 57 9.75 10.86 11.98
CA GLY A 57 9.64 11.85 10.91
C GLY A 57 8.24 12.45 10.79
N HIS A 58 7.49 12.43 11.89
CA HIS A 58 6.13 12.96 11.93
C HIS A 58 5.48 12.62 13.27
N GLY A 59 5.37 11.32 13.52
CA GLY A 59 4.64 10.86 14.68
C GLY A 59 3.66 9.77 14.27
N LEU A 60 3.42 8.82 15.16
CA LEU A 60 2.56 7.68 14.86
C LEU A 60 1.20 8.14 14.35
N ILE A 61 0.73 7.49 13.31
CA ILE A 61 -0.52 7.85 12.66
C ILE A 61 -1.60 6.86 13.08
N SER A 62 -2.85 7.28 13.01
CA SER A 62 -3.97 6.39 13.22
C SER A 62 -3.89 5.27 12.17
N LYS A 63 -3.97 4.03 12.61
CA LYS A 63 -3.73 2.90 11.71
C LYS A 63 -4.83 2.76 10.65
N LYS A 64 -5.99 3.38 10.89
CA LYS A 64 -7.04 3.40 9.89
C LYS A 64 -6.83 4.53 8.90
N ARG A 65 -5.80 5.33 9.13
CA ARG A 65 -5.48 6.44 8.26
C ARG A 65 -4.20 6.19 7.49
N VAL A 66 -3.67 4.98 7.59
CA VAL A 66 -2.52 4.60 6.80
C VAL A 66 -2.99 4.24 5.39
N ASN A 67 -2.76 5.14 4.46
CA ASN A 67 -3.22 4.93 3.10
C ASN A 67 -2.37 3.92 2.38
N PHE A 68 -2.82 2.67 2.41
CA PHE A 68 -2.16 1.61 1.68
C PHE A 68 -2.46 1.79 0.19
N VAL A 69 -1.45 2.21 -0.56
CA VAL A 69 -1.63 2.49 -1.98
C VAL A 69 -1.09 1.35 -2.84
N ILE A 70 -1.40 1.39 -4.13
CA ILE A 70 -0.95 0.36 -5.05
C ILE A 70 0.25 0.86 -5.86
N SER A 71 1.41 0.26 -5.62
CA SER A 71 2.61 0.61 -6.33
C SER A 71 3.08 -0.56 -7.19
N ASP A 72 2.84 -0.47 -8.49
CA ASP A 72 3.21 -1.54 -9.41
C ASP A 72 4.29 -1.09 -10.39
N GLN A 73 4.64 0.20 -10.34
CA GLN A 73 5.64 0.75 -11.24
C GLN A 73 7.04 0.41 -10.75
N LEU A 74 7.48 1.08 -9.67
CA LEU A 74 8.80 0.86 -9.09
C LEU A 74 9.92 1.08 -10.11
N GLU A 75 11.12 0.61 -9.79
CA GLU A 75 12.25 0.76 -10.67
C GLU A 75 12.34 -0.41 -11.64
N HIS A 76 11.66 -0.30 -12.76
CA HIS A 76 11.80 -1.27 -13.85
C HIS A 76 12.69 -0.68 -14.93
N HIS A 77 12.50 0.60 -15.18
CA HIS A 77 13.31 1.34 -16.14
C HIS A 77 12.95 2.82 -16.00
N HIS A 78 12.98 3.27 -14.74
CA HIS A 78 12.44 4.57 -14.35
C HIS A 78 10.92 4.57 -14.49
N HIS A 79 10.31 5.69 -14.15
CA HIS A 79 8.87 5.81 -14.24
C HIS A 79 8.49 6.47 -15.56
N HIS A 80 8.24 5.65 -16.57
CA HIS A 80 8.02 6.14 -17.92
C HIS A 80 6.56 6.53 -18.12
N HIS A 81 6.34 7.77 -18.52
CA HIS A 81 5.00 8.24 -18.83
C HIS A 81 4.78 8.14 -20.33
ZN ZN B . -10.56 -7.42 -10.77
ZN ZN C . 2.66 11.85 7.74
N MET A 1 -17.85 4.49 -2.13
CA MET A 1 -16.54 4.15 -2.71
C MET A 1 -16.00 2.85 -2.13
N GLU A 2 -16.11 1.78 -2.91
CA GLU A 2 -15.54 0.49 -2.51
C GLU A 2 -14.25 0.23 -3.25
N ILE A 3 -13.38 -0.58 -2.67
CA ILE A 3 -12.17 -0.98 -3.36
C ILE A 3 -12.49 -2.04 -4.41
N THR A 4 -12.08 -1.77 -5.63
CA THR A 4 -12.30 -2.70 -6.72
C THR A 4 -11.28 -2.48 -7.81
N CYS A 5 -10.82 -3.56 -8.41
CA CYS A 5 -9.93 -3.48 -9.55
C CYS A 5 -10.63 -2.74 -10.69
N PRO A 6 -10.00 -1.68 -11.22
CA PRO A 6 -10.62 -0.80 -12.22
C PRO A 6 -11.00 -1.52 -13.52
N VAL A 7 -10.01 -2.09 -14.18
CA VAL A 7 -10.25 -2.77 -15.46
C VAL A 7 -11.01 -4.07 -15.28
N CYS A 8 -10.93 -4.63 -14.08
CA CYS A 8 -11.65 -5.83 -13.75
C CYS A 8 -12.67 -5.54 -12.64
N HIS A 9 -13.55 -4.58 -12.92
CA HIS A 9 -14.50 -4.03 -11.95
C HIS A 9 -15.39 -5.11 -11.34
N HIS A 10 -15.44 -5.12 -10.00
CA HIS A 10 -16.32 -6.02 -9.25
C HIS A 10 -16.14 -5.75 -7.76
N ALA A 11 -14.91 -5.96 -7.31
CA ALA A 11 -14.50 -5.64 -5.94
C ALA A 11 -13.01 -5.91 -5.78
N LEU A 12 -12.50 -5.76 -4.56
CA LEU A 12 -11.13 -6.14 -4.24
C LEU A 12 -11.06 -6.72 -2.83
N GLU A 13 -10.19 -7.70 -2.66
CA GLU A 13 -10.00 -8.31 -1.36
C GLU A 13 -8.66 -7.88 -0.78
N ARG A 14 -8.69 -6.98 0.18
CA ARG A 14 -7.47 -6.52 0.82
C ARG A 14 -7.00 -7.51 1.87
N ASN A 15 -5.86 -8.13 1.62
CA ASN A 15 -5.30 -9.11 2.52
C ASN A 15 -4.40 -8.43 3.55
N GLY A 16 -4.24 -7.13 3.42
CA GLY A 16 -3.38 -6.38 4.30
C GLY A 16 -2.06 -6.05 3.64
N ASP A 17 -1.39 -7.09 3.16
CA ASP A 17 -0.12 -6.93 2.47
C ASP A 17 -0.34 -6.64 0.99
N THR A 18 -1.38 -7.24 0.44
CA THR A 18 -1.67 -7.09 -0.97
C THR A 18 -3.17 -6.96 -1.22
N ALA A 19 -3.51 -6.53 -2.43
CA ALA A 19 -4.90 -6.45 -2.85
C ALA A 19 -5.17 -7.49 -3.91
N HIS A 20 -5.95 -8.49 -3.55
CA HIS A 20 -6.18 -9.64 -4.41
C HIS A 20 -7.43 -9.44 -5.26
N CYS A 21 -7.30 -9.74 -6.55
CA CYS A 21 -8.42 -9.66 -7.47
C CYS A 21 -9.31 -10.89 -7.33
N GLU A 22 -10.58 -10.68 -7.61
CA GLU A 22 -11.64 -11.62 -7.29
C GLU A 22 -11.71 -12.78 -8.28
N THR A 23 -12.16 -12.49 -9.49
CA THR A 23 -12.32 -13.51 -10.50
C THR A 23 -11.21 -13.39 -11.55
N CYS A 24 -10.33 -12.44 -11.32
CA CYS A 24 -9.15 -12.26 -12.15
C CYS A 24 -7.91 -12.59 -11.33
N ALA A 25 -6.97 -13.30 -11.95
CA ALA A 25 -5.75 -13.71 -11.26
C ALA A 25 -4.75 -12.56 -11.19
N LYS A 26 -5.02 -11.62 -10.30
CA LYS A 26 -4.15 -10.45 -10.14
C LYS A 26 -3.98 -10.14 -8.66
N ASP A 27 -2.78 -9.75 -8.27
CA ASP A 27 -2.49 -9.32 -6.90
C ASP A 27 -1.70 -8.03 -6.93
N PHE A 28 -2.24 -7.00 -6.32
CA PHE A 28 -1.59 -5.69 -6.31
C PHE A 28 -0.84 -5.47 -5.00
N SER A 29 0.35 -4.89 -5.11
CA SER A 29 1.16 -4.58 -3.94
C SER A 29 0.65 -3.33 -3.24
N LEU A 30 0.34 -3.44 -1.96
CA LEU A 30 -0.13 -2.31 -1.18
C LEU A 30 1.00 -1.71 -0.36
N GLN A 31 1.15 -0.40 -0.42
CA GLN A 31 2.14 0.28 0.39
C GLN A 31 1.45 1.13 1.44
N ALA A 32 1.86 0.95 2.69
CA ALA A 32 1.33 1.74 3.78
C ALA A 32 1.74 3.20 3.61
N LEU A 33 0.83 3.99 3.09
CA LEU A 33 1.12 5.38 2.79
C LEU A 33 0.59 6.29 3.89
N CYS A 34 1.26 7.42 4.07
CA CYS A 34 0.81 8.42 5.00
C CYS A 34 -0.01 9.47 4.25
N PRO A 35 -1.33 9.50 4.46
CA PRO A 35 -2.26 10.33 3.69
C PRO A 35 -1.99 11.83 3.81
N ASP A 36 -1.83 12.33 5.04
CA ASP A 36 -1.61 13.75 5.28
C ASP A 36 -0.42 14.25 4.47
N CYS A 37 0.72 13.62 4.68
CA CYS A 37 1.89 13.88 3.86
C CYS A 37 2.10 12.70 2.93
N ARG A 38 1.41 12.71 1.78
CA ARG A 38 1.40 11.56 0.88
C ARG A 38 2.71 11.44 0.11
N GLN A 39 3.61 10.66 0.71
CA GLN A 39 4.94 10.37 0.19
C GLN A 39 5.56 9.30 1.07
N PRO A 40 6.66 8.65 0.61
CA PRO A 40 7.35 7.58 1.36
C PRO A 40 7.49 7.86 2.86
N LEU A 41 7.48 6.80 3.65
CA LEU A 41 7.55 6.91 5.11
C LEU A 41 8.87 6.36 5.62
N GLN A 42 8.97 6.26 6.93
CA GLN A 42 10.16 5.69 7.56
C GLN A 42 10.04 4.18 7.60
N VAL A 43 11.07 3.50 7.13
CA VAL A 43 11.05 2.05 7.08
C VAL A 43 11.37 1.47 8.45
N LEU A 44 10.35 0.99 9.12
CA LEU A 44 10.52 0.39 10.44
C LEU A 44 10.64 -1.12 10.30
N LYS A 45 11.66 -1.68 10.94
CA LYS A 45 11.92 -3.11 10.83
C LYS A 45 11.41 -3.86 12.04
N ALA A 46 10.60 -4.86 11.80
CA ALA A 46 10.12 -5.75 12.85
C ALA A 46 10.65 -7.16 12.58
N CYS A 47 10.48 -8.05 13.55
CA CYS A 47 10.98 -9.41 13.42
C CYS A 47 10.40 -10.11 12.19
N GLY A 48 9.11 -9.96 11.98
CA GLY A 48 8.47 -10.60 10.85
C GLY A 48 7.61 -9.65 10.05
N ALA A 49 7.99 -8.37 10.04
CA ALA A 49 7.22 -7.36 9.34
C ALA A 49 8.09 -6.15 9.01
N VAL A 50 7.67 -5.41 7.98
CA VAL A 50 8.33 -4.17 7.60
C VAL A 50 7.29 -3.07 7.47
N ASP A 51 7.26 -2.17 8.44
CA ASP A 51 6.21 -1.17 8.51
C ASP A 51 6.66 0.16 7.93
N TYR A 52 5.77 0.80 7.19
CA TYR A 52 5.99 2.17 6.77
C TYR A 52 5.28 3.11 7.73
N PHE A 53 6.06 3.81 8.53
CA PHE A 53 5.52 4.65 9.58
C PHE A 53 6.50 5.80 9.82
N CYS A 54 6.16 6.99 9.36
CA CYS A 54 7.10 8.09 9.44
C CYS A 54 7.11 8.69 10.83
N GLN A 55 7.96 8.14 11.70
CA GLN A 55 8.15 8.63 13.05
C GLN A 55 9.04 9.87 13.01
N ASN A 56 10.29 9.65 12.69
CA ASN A 56 11.23 10.74 12.54
C ASN A 56 11.21 11.24 11.10
N GLY A 57 10.71 12.44 10.91
CA GLY A 57 10.66 13.01 9.58
C GLY A 57 9.34 13.68 9.29
N HIS A 58 8.24 12.98 9.52
CA HIS A 58 6.92 13.53 9.22
C HIS A 58 6.11 13.68 10.51
N GLY A 59 5.91 12.57 11.21
CA GLY A 59 5.22 12.63 12.49
C GLY A 59 4.92 11.25 13.03
N LEU A 60 3.68 10.81 12.82
CA LEU A 60 3.23 9.46 13.16
C LEU A 60 1.75 9.32 12.81
N ILE A 61 1.49 8.58 11.75
CA ILE A 61 0.13 8.41 11.26
C ILE A 61 -0.53 7.24 11.95
N SER A 62 -1.69 7.48 12.56
CA SER A 62 -2.43 6.41 13.22
C SER A 62 -2.61 5.23 12.30
N LYS A 63 -2.34 4.02 12.80
CA LYS A 63 -2.32 2.82 11.97
C LYS A 63 -3.71 2.51 11.41
N LYS A 64 -4.73 3.16 11.95
CA LYS A 64 -6.09 2.97 11.46
C LYS A 64 -6.37 3.91 10.29
N ARG A 65 -5.50 4.90 10.12
CA ARG A 65 -5.69 5.91 9.09
C ARG A 65 -4.63 5.76 7.99
N VAL A 66 -3.67 4.88 8.22
CA VAL A 66 -2.65 4.57 7.22
C VAL A 66 -3.32 3.99 5.98
N ASN A 67 -3.16 4.67 4.86
CA ASN A 67 -3.83 4.27 3.63
C ASN A 67 -2.93 3.36 2.82
N PHE A 68 -3.19 2.06 2.91
CA PHE A 68 -2.43 1.09 2.14
C PHE A 68 -2.87 1.16 0.68
N VAL A 69 -2.05 1.78 -0.15
CA VAL A 69 -2.45 2.06 -1.52
C VAL A 69 -1.54 1.33 -2.51
N ILE A 70 -2.11 0.94 -3.65
CA ILE A 70 -1.35 0.31 -4.73
C ILE A 70 -0.34 1.31 -5.29
N SER A 71 0.91 0.89 -5.37
CA SER A 71 1.97 1.76 -5.86
C SER A 71 2.48 1.29 -7.22
N ASP A 72 3.24 2.14 -7.90
CA ASP A 72 3.81 1.81 -9.20
C ASP A 72 4.85 0.71 -9.08
N GLN A 73 4.48 -0.49 -9.50
CA GLN A 73 5.36 -1.66 -9.38
C GLN A 73 5.69 -2.22 -10.75
N LEU A 74 4.86 -1.90 -11.75
CA LEU A 74 4.99 -2.50 -13.07
C LEU A 74 6.01 -1.76 -13.93
N GLU A 75 7.02 -2.51 -14.38
CA GLU A 75 8.01 -2.07 -15.37
C GLU A 75 8.92 -0.94 -14.89
N HIS A 76 8.53 -0.25 -13.83
CA HIS A 76 9.29 0.92 -13.38
C HIS A 76 10.51 0.51 -12.57
N HIS A 77 10.81 -0.78 -12.57
CA HIS A 77 12.07 -1.27 -12.00
C HIS A 77 13.16 -1.17 -13.06
N HIS A 78 12.75 -0.84 -14.28
CA HIS A 78 13.70 -0.55 -15.34
C HIS A 78 14.16 0.89 -15.21
N HIS A 79 15.40 1.17 -15.59
CA HIS A 79 15.98 2.48 -15.34
C HIS A 79 17.04 2.84 -16.36
N HIS A 80 16.89 4.03 -16.93
CA HIS A 80 17.85 4.57 -17.90
C HIS A 80 17.78 6.09 -17.87
N HIS A 81 16.57 6.61 -17.76
CA HIS A 81 16.37 8.04 -17.55
C HIS A 81 15.58 8.25 -16.27
ZN ZN B . -12.07 -7.62 -10.45
ZN ZN C . 4.16 11.02 3.96
N MET A 1 -11.97 4.29 0.51
CA MET A 1 -11.82 3.50 1.77
C MET A 1 -11.45 2.06 1.46
N GLU A 2 -12.03 1.50 0.41
CA GLU A 2 -11.78 0.12 0.02
C GLU A 2 -11.19 0.07 -1.38
N ILE A 3 -10.06 -0.61 -1.51
CA ILE A 3 -9.39 -0.71 -2.80
C ILE A 3 -10.06 -1.72 -3.72
N THR A 4 -10.37 -1.27 -4.92
CA THR A 4 -11.01 -2.12 -5.92
C THR A 4 -10.08 -2.32 -7.10
N CYS A 5 -10.29 -3.42 -7.82
CA CYS A 5 -9.60 -3.63 -9.08
C CYS A 5 -10.24 -2.75 -10.14
N PRO A 6 -9.51 -1.74 -10.63
CA PRO A 6 -10.05 -0.72 -11.54
C PRO A 6 -10.61 -1.32 -12.83
N VAL A 7 -10.09 -2.48 -13.21
CA VAL A 7 -10.49 -3.11 -14.45
C VAL A 7 -11.65 -4.10 -14.24
N CYS A 8 -11.98 -4.36 -12.97
CA CYS A 8 -13.04 -5.33 -12.67
C CYS A 8 -14.15 -4.74 -11.82
N HIS A 9 -13.89 -3.59 -11.18
CA HIS A 9 -14.87 -2.94 -10.30
C HIS A 9 -15.19 -3.84 -9.10
N HIS A 10 -14.37 -4.86 -8.90
CA HIS A 10 -14.53 -5.79 -7.80
C HIS A 10 -13.57 -5.45 -6.68
N ALA A 11 -13.96 -5.76 -5.47
CA ALA A 11 -13.16 -5.42 -4.30
C ALA A 11 -11.94 -6.32 -4.19
N LEU A 12 -10.80 -5.71 -3.90
CA LEU A 12 -9.58 -6.45 -3.69
C LEU A 12 -9.51 -6.92 -2.25
N GLU A 13 -9.50 -8.23 -2.03
CA GLU A 13 -9.37 -8.73 -0.67
C GLU A 13 -7.97 -8.48 -0.16
N ARG A 14 -7.88 -7.72 0.91
CA ARG A 14 -6.60 -7.41 1.50
C ARG A 14 -6.18 -8.54 2.43
N ASN A 15 -5.13 -9.26 2.06
CA ASN A 15 -4.60 -10.32 2.89
C ASN A 15 -3.75 -9.70 3.99
N GLY A 16 -3.46 -8.42 3.83
CA GLY A 16 -2.65 -7.70 4.79
C GLY A 16 -1.66 -6.81 4.07
N ASP A 17 -0.59 -7.43 3.58
CA ASP A 17 0.46 -6.71 2.88
C ASP A 17 0.14 -6.63 1.39
N THR A 18 -0.81 -7.43 0.96
CA THR A 18 -1.13 -7.55 -0.46
C THR A 18 -2.65 -7.60 -0.67
N ALA A 19 -3.10 -7.03 -1.79
CA ALA A 19 -4.52 -7.05 -2.15
C ALA A 19 -4.71 -7.95 -3.36
N HIS A 20 -5.79 -8.71 -3.37
CA HIS A 20 -5.97 -9.76 -4.37
C HIS A 20 -7.31 -9.65 -5.09
N CYS A 21 -7.27 -9.67 -6.41
CA CYS A 21 -8.48 -9.68 -7.23
C CYS A 21 -8.81 -11.11 -7.65
N GLU A 22 -10.02 -11.56 -7.36
CA GLU A 22 -10.43 -12.92 -7.71
C GLU A 22 -10.77 -13.03 -9.19
N THR A 23 -11.21 -11.93 -9.78
CA THR A 23 -11.55 -11.90 -11.19
C THR A 23 -10.31 -11.63 -12.06
N CYS A 24 -9.14 -11.81 -11.47
CA CYS A 24 -7.88 -11.58 -12.17
C CYS A 24 -6.79 -12.56 -11.71
N ALA A 25 -6.79 -12.86 -10.41
CA ALA A 25 -5.73 -13.66 -9.77
C ALA A 25 -4.45 -12.83 -9.67
N LYS A 26 -4.60 -11.52 -9.81
CA LYS A 26 -3.48 -10.60 -9.68
C LYS A 26 -3.35 -10.13 -8.25
N ASP A 27 -2.11 -9.95 -7.80
CA ASP A 27 -1.84 -9.49 -6.45
C ASP A 27 -1.20 -8.10 -6.49
N PHE A 28 -1.73 -7.18 -5.72
CA PHE A 28 -1.26 -5.81 -5.72
C PHE A 28 -0.59 -5.47 -4.40
N SER A 29 0.55 -4.79 -4.48
CA SER A 29 1.26 -4.36 -3.28
C SER A 29 0.64 -3.09 -2.72
N LEU A 30 0.49 -3.04 -1.40
CA LEU A 30 -0.12 -1.90 -0.74
C LEU A 30 0.91 -1.14 0.09
N GLN A 31 0.91 0.18 -0.08
CA GLN A 31 1.81 1.03 0.68
C GLN A 31 1.01 1.90 1.65
N ALA A 32 1.50 2.02 2.87
CA ALA A 32 0.90 2.91 3.86
C ALA A 32 1.45 4.31 3.66
N LEU A 33 0.58 5.24 3.27
CA LEU A 33 1.00 6.60 2.97
C LEU A 33 0.46 7.59 3.99
N CYS A 34 1.24 8.63 4.25
CA CYS A 34 0.81 9.73 5.11
C CYS A 34 0.27 10.88 4.26
N PRO A 35 -0.68 11.66 4.81
CA PRO A 35 -1.23 12.83 4.11
C PRO A 35 -0.19 13.93 3.89
N ASP A 36 0.82 13.96 4.77
CA ASP A 36 1.85 14.97 4.70
C ASP A 36 2.99 14.53 3.78
N CYS A 37 3.18 13.22 3.71
CA CYS A 37 4.25 12.65 2.91
C CYS A 37 3.79 11.33 2.29
N ARG A 38 3.43 11.37 1.03
CA ARG A 38 2.97 10.17 0.34
C ARG A 38 4.14 9.43 -0.29
N GLN A 39 5.18 9.24 0.51
CA GLN A 39 6.32 8.43 0.16
C GLN A 39 6.21 7.08 0.88
N PRO A 40 7.13 6.13 0.66
CA PRO A 40 7.14 4.85 1.39
C PRO A 40 7.40 5.01 2.90
N LEU A 41 7.38 6.25 3.37
CA LEU A 41 7.56 6.57 4.79
C LEU A 41 8.85 5.96 5.34
N GLN A 42 8.73 4.86 6.09
CA GLN A 42 9.87 4.10 6.54
C GLN A 42 9.46 2.64 6.61
N VAL A 43 9.95 1.85 5.67
CA VAL A 43 9.52 0.47 5.55
C VAL A 43 10.08 -0.40 6.68
N LEU A 44 9.16 -1.02 7.40
CA LEU A 44 9.48 -1.93 8.47
C LEU A 44 9.00 -3.32 8.08
N LYS A 45 9.73 -4.36 8.48
CA LYS A 45 9.27 -5.72 8.23
C LYS A 45 9.43 -6.58 9.48
N ALA A 46 8.39 -7.33 9.81
CA ALA A 46 8.40 -8.20 10.97
C ALA A 46 7.94 -9.59 10.57
N CYS A 47 8.85 -10.56 10.69
CA CYS A 47 8.61 -11.94 10.29
C CYS A 47 8.34 -12.02 8.78
N GLY A 48 7.09 -11.86 8.38
CA GLY A 48 6.75 -11.91 6.97
C GLY A 48 5.85 -10.76 6.56
N ALA A 49 5.60 -9.86 7.51
CA ALA A 49 4.72 -8.72 7.26
C ALA A 49 5.54 -7.44 7.06
N VAL A 50 5.05 -6.57 6.21
CA VAL A 50 5.72 -5.30 5.93
C VAL A 50 4.79 -4.13 6.25
N ASP A 51 5.35 -3.06 6.77
CA ASP A 51 4.57 -1.91 7.19
C ASP A 51 5.33 -0.63 6.92
N TYR A 52 4.67 0.33 6.32
CA TYR A 52 5.28 1.62 6.03
C TYR A 52 4.90 2.61 7.13
N PHE A 53 5.84 2.85 8.02
CA PHE A 53 5.55 3.55 9.27
C PHE A 53 6.70 4.49 9.61
N CYS A 54 6.40 5.78 9.68
CA CYS A 54 7.41 6.79 9.97
C CYS A 54 7.93 6.61 11.40
N GLN A 55 9.24 6.57 11.56
CA GLN A 55 9.84 6.50 12.88
C GLN A 55 10.63 7.78 13.13
N ASN A 56 11.80 7.88 12.53
CA ASN A 56 12.64 9.07 12.68
C ASN A 56 12.38 10.04 11.55
N GLY A 57 11.82 11.20 11.88
CA GLY A 57 11.54 12.21 10.89
C GLY A 57 10.13 12.75 11.03
N HIS A 58 9.18 11.85 11.24
CA HIS A 58 7.79 12.24 11.42
C HIS A 58 7.28 11.72 12.76
N GLY A 59 7.18 10.40 12.86
CA GLY A 59 6.63 9.79 14.04
C GLY A 59 5.53 8.81 13.67
N LEU A 60 4.98 8.13 14.66
CA LEU A 60 3.98 7.11 14.41
C LEU A 60 2.66 7.73 13.99
N ILE A 61 2.02 7.10 13.01
CA ILE A 61 0.72 7.51 12.53
C ILE A 61 -0.30 6.43 12.81
N SER A 62 -1.44 6.81 13.37
CA SER A 62 -2.52 5.87 13.60
C SER A 62 -2.88 5.19 12.28
N LYS A 63 -2.62 3.89 12.20
CA LYS A 63 -2.70 3.17 10.93
C LYS A 63 -4.14 2.92 10.47
N LYS A 64 -5.10 3.50 11.17
CA LYS A 64 -6.47 3.52 10.69
C LYS A 64 -6.75 4.87 10.02
N ARG A 65 -5.72 5.70 9.93
CA ARG A 65 -5.82 6.99 9.27
C ARG A 65 -4.83 7.10 8.13
N VAL A 66 -4.06 6.05 7.92
CA VAL A 66 -3.10 6.02 6.80
C VAL A 66 -3.82 5.73 5.51
N ASN A 67 -3.24 6.15 4.40
CA ASN A 67 -3.81 5.87 3.10
C ASN A 67 -3.13 4.66 2.48
N PHE A 68 -3.76 3.51 2.57
CA PHE A 68 -3.26 2.30 1.93
C PHE A 68 -3.56 2.35 0.44
N VAL A 69 -2.53 2.53 -0.37
CA VAL A 69 -2.71 2.66 -1.81
C VAL A 69 -1.85 1.66 -2.56
N ILE A 70 -2.32 1.23 -3.73
CA ILE A 70 -1.55 0.36 -4.59
C ILE A 70 -0.46 1.15 -5.30
N SER A 71 0.79 0.94 -4.89
CA SER A 71 1.89 1.70 -5.43
C SER A 71 3.10 0.81 -5.66
N ASP A 72 4.18 1.41 -6.14
CA ASP A 72 5.45 0.72 -6.31
C ASP A 72 6.38 1.19 -5.20
N GLN A 73 7.63 0.75 -5.25
CA GLN A 73 8.61 1.15 -4.25
C GLN A 73 9.29 2.44 -4.67
N LEU A 74 9.82 2.45 -5.88
CA LEU A 74 10.52 3.62 -6.42
C LEU A 74 10.26 3.74 -7.92
N GLU A 75 10.20 4.96 -8.41
CA GLU A 75 9.95 5.21 -9.81
C GLU A 75 11.25 5.08 -10.61
N HIS A 76 11.31 4.06 -11.47
CA HIS A 76 12.46 3.85 -12.33
C HIS A 76 11.99 3.60 -13.75
N HIS A 77 11.20 2.55 -13.92
CA HIS A 77 10.76 2.09 -15.24
C HIS A 77 11.94 1.89 -16.17
N HIS A 78 12.17 2.88 -17.03
CA HIS A 78 13.28 2.86 -17.99
C HIS A 78 13.17 4.11 -18.87
N HIS A 79 14.30 4.78 -19.07
CA HIS A 79 14.32 6.06 -19.77
C HIS A 79 13.63 5.97 -21.14
N HIS A 80 14.20 5.18 -22.03
CA HIS A 80 13.57 4.95 -23.32
C HIS A 80 13.40 3.45 -23.56
N HIS A 81 14.44 2.82 -24.07
CA HIS A 81 14.43 1.37 -24.29
C HIS A 81 15.84 0.88 -24.56
ZN ZN B . -11.25 -8.29 -15.03
ZN ZN C . 5.05 12.73 6.96
N MET A 1 -11.15 3.31 2.63
CA MET A 1 -10.95 2.22 3.62
C MET A 1 -11.03 0.86 2.93
N GLU A 2 -12.01 0.71 2.04
CA GLU A 2 -12.14 -0.50 1.25
C GLU A 2 -11.36 -0.34 -0.05
N ILE A 3 -10.41 -1.23 -0.28
CA ILE A 3 -9.63 -1.19 -1.50
C ILE A 3 -10.43 -1.81 -2.64
N THR A 4 -10.86 -0.97 -3.57
CA THR A 4 -11.74 -1.40 -4.64
C THR A 4 -10.96 -1.61 -5.95
N CYS A 5 -11.27 -2.70 -6.65
CA CYS A 5 -10.68 -2.97 -7.96
C CYS A 5 -11.11 -1.92 -8.97
N PRO A 6 -10.15 -1.30 -9.68
CA PRO A 6 -10.45 -0.29 -10.70
C PRO A 6 -11.15 -0.90 -11.91
N VAL A 7 -10.97 -2.20 -12.11
CA VAL A 7 -11.53 -2.90 -13.26
C VAL A 7 -12.93 -3.41 -12.94
N CYS A 8 -13.02 -4.29 -11.94
CA CYS A 8 -14.28 -4.92 -11.60
C CYS A 8 -15.14 -4.03 -10.72
N HIS A 9 -14.53 -3.01 -10.13
CA HIS A 9 -15.21 -2.13 -9.16
C HIS A 9 -15.77 -2.97 -8.03
N HIS A 10 -14.94 -3.89 -7.57
CA HIS A 10 -15.30 -4.84 -6.53
C HIS A 10 -14.19 -4.86 -5.48
N ALA A 11 -14.57 -5.06 -4.22
CA ALA A 11 -13.62 -5.08 -3.11
C ALA A 11 -12.53 -6.13 -3.32
N LEU A 12 -11.29 -5.75 -3.06
CA LEU A 12 -10.16 -6.67 -3.20
C LEU A 12 -10.03 -7.54 -1.95
N GLU A 13 -9.44 -8.70 -2.12
CA GLU A 13 -9.16 -9.59 -1.00
C GLU A 13 -7.78 -9.23 -0.43
N ARG A 14 -7.78 -8.66 0.76
CA ARG A 14 -6.54 -8.20 1.38
C ARG A 14 -5.93 -9.31 2.23
N ASN A 15 -4.80 -9.81 1.76
CA ASN A 15 -4.09 -10.88 2.46
C ASN A 15 -3.02 -10.28 3.37
N GLY A 16 -2.79 -8.98 3.19
CA GLY A 16 -1.72 -8.32 3.91
C GLY A 16 -0.54 -8.11 3.01
N ASP A 17 -0.20 -6.84 2.76
CA ASP A 17 0.88 -6.46 1.83
C ASP A 17 0.45 -6.67 0.38
N THR A 18 -0.32 -7.72 0.13
CA THR A 18 -0.78 -8.02 -1.21
C THR A 18 -2.31 -7.94 -1.27
N ALA A 19 -2.81 -7.28 -2.31
CA ALA A 19 -4.23 -7.19 -2.55
C ALA A 19 -4.61 -7.99 -3.79
N HIS A 20 -5.39 -9.03 -3.61
CA HIS A 20 -5.75 -9.91 -4.71
C HIS A 20 -7.22 -9.75 -5.06
N CYS A 21 -7.52 -9.46 -6.31
CA CYS A 21 -8.91 -9.33 -6.73
C CYS A 21 -9.53 -10.70 -6.92
N GLU A 22 -10.68 -10.90 -6.31
CA GLU A 22 -11.40 -12.17 -6.41
C GLU A 22 -11.80 -12.45 -7.86
N THR A 23 -11.98 -11.38 -8.62
CA THR A 23 -12.45 -11.48 -9.99
C THR A 23 -11.35 -11.16 -10.99
N CYS A 24 -10.10 -11.18 -10.53
CA CYS A 24 -8.95 -10.96 -11.40
C CYS A 24 -7.84 -11.96 -11.06
N ALA A 25 -6.79 -11.96 -11.87
CA ALA A 25 -5.61 -12.75 -11.60
C ALA A 25 -4.45 -11.82 -11.28
N LYS A 26 -4.80 -10.62 -10.82
CA LYS A 26 -3.81 -9.60 -10.51
C LYS A 26 -3.55 -9.53 -9.01
N ASP A 27 -2.29 -9.28 -8.65
CA ASP A 27 -1.92 -9.05 -7.28
C ASP A 27 -1.33 -7.65 -7.14
N PHE A 28 -1.94 -6.83 -6.31
CA PHE A 28 -1.52 -5.45 -6.16
C PHE A 28 -0.74 -5.26 -4.86
N SER A 29 0.38 -4.57 -4.94
CA SER A 29 1.20 -4.29 -3.77
C SER A 29 0.63 -3.10 -3.00
N LEU A 30 0.30 -3.31 -1.75
CA LEU A 30 -0.24 -2.24 -0.91
C LEU A 30 0.85 -1.67 0.00
N GLN A 31 1.21 -0.43 -0.25
CA GLN A 31 2.22 0.25 0.54
C GLN A 31 1.55 1.37 1.34
N ALA A 32 1.98 1.51 2.59
CA ALA A 32 1.39 2.50 3.49
C ALA A 32 2.15 3.82 3.41
N LEU A 33 1.50 4.84 2.90
CA LEU A 33 2.07 6.19 2.90
C LEU A 33 1.28 7.06 3.86
N CYS A 34 1.84 8.20 4.26
CA CYS A 34 1.18 9.02 5.26
C CYS A 34 0.97 10.43 4.73
N PRO A 35 -0.02 11.16 5.29
CA PRO A 35 -0.34 12.53 4.90
C PRO A 35 0.90 13.42 4.84
N ASP A 36 0.87 14.37 3.91
CA ASP A 36 2.01 15.26 3.64
C ASP A 36 3.23 14.47 3.17
N CYS A 37 4.01 13.97 4.12
CA CYS A 37 5.24 13.29 3.77
C CYS A 37 4.97 11.83 3.40
N ARG A 38 4.47 11.65 2.17
CA ARG A 38 4.15 10.33 1.61
C ARG A 38 5.40 9.63 1.12
N GLN A 39 6.53 10.25 1.40
CA GLN A 39 7.83 9.65 1.10
C GLN A 39 8.52 9.32 2.41
N PRO A 40 8.73 10.33 3.31
CA PRO A 40 9.21 10.07 4.66
C PRO A 40 8.23 9.21 5.46
N LEU A 41 8.62 7.95 5.59
CA LEU A 41 8.03 6.99 6.50
C LEU A 41 9.12 6.03 6.95
N GLN A 42 8.99 5.46 8.12
CA GLN A 42 9.97 4.49 8.58
C GLN A 42 9.51 3.09 8.17
N VAL A 43 10.27 2.47 7.29
CA VAL A 43 9.95 1.13 6.80
C VAL A 43 10.36 0.10 7.83
N LEU A 44 9.46 -0.18 8.76
CA LEU A 44 9.72 -1.08 9.86
C LEU A 44 9.42 -2.52 9.45
N LYS A 45 10.45 -3.20 8.93
CA LYS A 45 10.30 -4.57 8.49
C LYS A 45 10.62 -5.53 9.63
N ALA A 46 9.59 -5.98 10.33
CA ALA A 46 9.77 -6.95 11.41
C ALA A 46 9.14 -8.27 11.03
N CYS A 47 9.57 -9.35 11.68
CA CYS A 47 9.04 -10.66 11.41
C CYS A 47 7.59 -10.77 11.84
N GLY A 48 6.69 -10.85 10.87
CA GLY A 48 5.28 -10.98 11.16
C GLY A 48 4.55 -9.64 11.10
N ALA A 49 5.31 -8.56 11.12
CA ALA A 49 4.72 -7.22 11.13
C ALA A 49 5.59 -6.23 10.37
N VAL A 50 5.21 -5.96 9.13
CA VAL A 50 5.89 -4.96 8.32
C VAL A 50 5.06 -3.70 8.27
N ASP A 51 5.59 -2.62 8.81
CA ASP A 51 4.84 -1.37 8.94
C ASP A 51 5.61 -0.19 8.39
N TYR A 52 4.99 0.55 7.48
CA TYR A 52 5.49 1.86 7.11
C TYR A 52 4.89 2.87 8.08
N PHE A 53 5.67 3.27 9.05
CA PHE A 53 5.11 4.02 10.18
C PHE A 53 6.12 5.05 10.69
N CYS A 54 5.73 6.32 10.61
CA CYS A 54 6.59 7.41 11.07
C CYS A 54 6.58 7.49 12.59
N GLN A 55 7.75 7.57 13.18
CA GLN A 55 7.87 7.75 14.62
C GLN A 55 8.62 9.04 14.91
N ASN A 56 9.63 9.30 14.10
CA ASN A 56 10.42 10.51 14.19
C ASN A 56 10.11 11.42 13.00
N GLY A 57 10.23 12.72 13.21
CA GLY A 57 9.99 13.67 12.13
C GLY A 57 8.53 14.01 11.99
N HIS A 58 7.79 13.15 11.32
CA HIS A 58 6.37 13.39 11.07
C HIS A 58 5.54 13.05 12.31
N GLY A 59 5.47 11.77 12.62
CA GLY A 59 4.72 11.34 13.78
C GLY A 59 3.88 10.13 13.46
N LEU A 60 3.33 9.49 14.48
CA LEU A 60 2.56 8.28 14.28
C LEU A 60 1.19 8.60 13.67
N ILE A 61 0.82 7.83 12.68
CA ILE A 61 -0.46 8.00 12.02
C ILE A 61 -1.36 6.81 12.36
N SER A 62 -2.56 7.09 12.86
CA SER A 62 -3.52 6.04 13.14
C SER A 62 -3.76 5.21 11.87
N LYS A 63 -3.69 3.89 12.01
CA LYS A 63 -3.71 2.99 10.85
C LYS A 63 -5.00 3.14 10.03
N LYS A 64 -6.06 3.61 10.67
CA LYS A 64 -7.33 3.84 9.98
C LYS A 64 -7.22 5.05 9.04
N ARG A 65 -6.14 5.80 9.17
CA ARG A 65 -5.90 6.98 8.34
C ARG A 65 -4.62 6.83 7.52
N VAL A 66 -3.94 5.70 7.68
CA VAL A 66 -2.76 5.41 6.89
C VAL A 66 -3.18 4.95 5.50
N ASN A 67 -2.58 5.53 4.48
CA ASN A 67 -2.99 5.22 3.11
C ASN A 67 -2.28 4.00 2.58
N PHE A 68 -2.90 2.84 2.75
CA PHE A 68 -2.42 1.62 2.13
C PHE A 68 -2.88 1.60 0.68
N VAL A 69 -1.99 2.01 -0.20
CA VAL A 69 -2.36 2.15 -1.61
C VAL A 69 -1.44 1.34 -2.51
N ILE A 70 -1.85 1.19 -3.75
CA ILE A 70 -1.06 0.47 -4.72
C ILE A 70 0.08 1.36 -5.21
N SER A 71 1.28 1.09 -4.73
CA SER A 71 2.45 1.91 -5.02
C SER A 71 3.06 1.58 -6.39
N ASP A 72 2.24 1.05 -7.28
CA ASP A 72 2.71 0.67 -8.61
C ASP A 72 2.01 1.55 -9.66
N GLN A 73 2.12 1.14 -10.92
CA GLN A 73 1.57 1.90 -12.04
C GLN A 73 2.29 3.22 -12.22
N LEU A 74 1.69 4.15 -12.94
CA LEU A 74 2.38 5.39 -13.27
C LEU A 74 1.52 6.62 -13.00
N GLU A 75 2.14 7.58 -12.34
CA GLU A 75 1.59 8.93 -12.23
C GLU A 75 1.83 9.65 -13.55
N HIS A 76 2.98 9.37 -14.15
CA HIS A 76 3.34 9.87 -15.49
C HIS A 76 3.55 11.38 -15.47
N HIS A 77 3.50 11.97 -14.28
CA HIS A 77 3.69 13.41 -14.11
C HIS A 77 2.64 14.19 -14.92
N HIS A 78 1.42 14.25 -14.41
CA HIS A 78 0.37 15.01 -15.07
C HIS A 78 0.25 16.40 -14.46
N HIS A 79 1.37 17.13 -14.49
CA HIS A 79 1.39 18.54 -14.14
C HIS A 79 1.65 19.33 -15.41
N HIS A 80 0.94 20.43 -15.57
CA HIS A 80 0.87 21.16 -16.85
C HIS A 80 0.19 20.25 -17.87
N HIS A 81 1.00 19.44 -18.55
CA HIS A 81 0.53 18.40 -19.45
C HIS A 81 1.74 17.72 -20.10
ZN ZN B . -13.01 -8.34 -13.56
ZN ZN C . 5.56 10.39 5.85
N MET A 1 -15.20 5.08 -2.71
CA MET A 1 -14.66 4.50 -1.47
C MET A 1 -14.15 3.09 -1.72
N GLU A 2 -13.22 2.65 -0.88
CA GLU A 2 -12.64 1.30 -0.95
C GLU A 2 -11.69 1.17 -2.14
N ILE A 3 -10.77 0.22 -2.05
CA ILE A 3 -9.86 -0.08 -3.14
C ILE A 3 -10.60 -0.76 -4.29
N THR A 4 -10.42 -0.22 -5.48
CA THR A 4 -11.10 -0.74 -6.65
C THR A 4 -10.08 -1.08 -7.74
N CYS A 5 -10.35 -2.14 -8.49
CA CYS A 5 -9.47 -2.54 -9.58
C CYS A 5 -9.71 -1.65 -10.79
N PRO A 6 -8.64 -1.12 -11.40
CA PRO A 6 -8.72 -0.22 -12.56
C PRO A 6 -9.02 -0.97 -13.86
N VAL A 7 -9.62 -2.14 -13.73
CA VAL A 7 -9.97 -2.98 -14.87
C VAL A 7 -11.38 -3.50 -14.67
N CYS A 8 -11.57 -4.19 -13.56
CA CYS A 8 -12.90 -4.64 -13.15
C CYS A 8 -13.39 -3.77 -12.01
N HIS A 9 -14.46 -3.03 -12.27
CA HIS A 9 -15.07 -2.17 -11.26
C HIS A 9 -15.73 -3.02 -10.17
N HIS A 10 -14.92 -3.48 -9.24
CA HIS A 10 -15.38 -4.26 -8.09
C HIS A 10 -14.52 -3.95 -6.87
N ALA A 11 -15.07 -4.20 -5.70
CA ALA A 11 -14.38 -3.87 -4.46
C ALA A 11 -13.37 -4.94 -4.11
N LEU A 12 -12.14 -4.53 -3.85
CA LEU A 12 -11.06 -5.45 -3.50
C LEU A 12 -10.99 -5.61 -1.98
N GLU A 13 -10.26 -6.61 -1.53
CA GLU A 13 -10.07 -6.83 -0.11
C GLU A 13 -8.59 -6.75 0.24
N ARG A 14 -8.30 -6.33 1.46
CA ARG A 14 -6.92 -6.16 1.90
C ARG A 14 -6.41 -7.45 2.55
N ASN A 15 -5.21 -7.86 2.15
CA ASN A 15 -4.59 -9.04 2.72
C ASN A 15 -3.29 -8.67 3.43
N GLY A 16 -3.29 -7.48 4.03
CA GLY A 16 -2.10 -7.00 4.70
C GLY A 16 -1.21 -6.20 3.78
N ASP A 17 -0.15 -6.84 3.30
CA ASP A 17 0.84 -6.18 2.46
C ASP A 17 0.47 -6.29 0.98
N THR A 18 -0.68 -6.89 0.72
CA THR A 18 -1.13 -7.10 -0.65
C THR A 18 -2.66 -7.02 -0.73
N ALA A 19 -3.17 -6.68 -1.90
CA ALA A 19 -4.60 -6.63 -2.13
C ALA A 19 -5.01 -7.74 -3.08
N HIS A 20 -6.20 -8.29 -2.85
CA HIS A 20 -6.69 -9.40 -3.66
C HIS A 20 -7.76 -8.94 -4.63
N CYS A 21 -7.66 -9.39 -5.87
CA CYS A 21 -8.65 -9.10 -6.89
C CYS A 21 -9.44 -10.36 -7.21
N GLU A 22 -10.77 -10.28 -7.06
CA GLU A 22 -11.64 -11.41 -7.39
C GLU A 22 -11.74 -11.59 -8.89
N THR A 23 -12.55 -10.75 -9.54
CA THR A 23 -12.61 -10.72 -10.98
C THR A 23 -11.24 -10.36 -11.53
N CYS A 24 -10.76 -11.14 -12.50
CA CYS A 24 -9.34 -11.14 -12.91
C CYS A 24 -8.45 -11.31 -11.68
N ALA A 25 -8.14 -12.56 -11.38
CA ALA A 25 -7.38 -12.92 -10.18
C ALA A 25 -6.01 -12.26 -10.19
N LYS A 26 -5.78 -11.42 -9.19
CA LYS A 26 -4.53 -10.70 -9.06
C LYS A 26 -4.23 -10.40 -7.60
N ASP A 27 -2.95 -10.20 -7.32
CA ASP A 27 -2.50 -9.78 -6.00
C ASP A 27 -1.55 -8.61 -6.16
N PHE A 28 -1.97 -7.45 -5.66
CA PHE A 28 -1.22 -6.23 -5.82
C PHE A 28 -0.38 -5.93 -4.59
N SER A 29 0.88 -5.56 -4.79
CA SER A 29 1.74 -5.19 -3.68
C SER A 29 1.31 -3.83 -3.13
N LEU A 30 1.02 -3.77 -1.85
CA LEU A 30 0.52 -2.55 -1.24
C LEU A 30 1.61 -1.80 -0.49
N GLN A 31 1.51 -0.48 -0.52
CA GLN A 31 2.46 0.39 0.12
C GLN A 31 1.72 1.32 1.07
N ALA A 32 2.18 1.39 2.31
CA ALA A 32 1.52 2.21 3.32
C ALA A 32 1.93 3.67 3.20
N LEU A 33 0.95 4.54 3.03
CA LEU A 33 1.17 5.97 2.97
C LEU A 33 0.18 6.66 3.91
N CYS A 34 0.50 7.84 4.41
CA CYS A 34 -0.39 8.48 5.36
C CYS A 34 -0.95 9.78 4.79
N PRO A 35 -2.28 9.89 4.80
CA PRO A 35 -3.01 11.02 4.23
C PRO A 35 -2.79 12.32 5.00
N ASP A 36 -2.20 12.18 6.18
CA ASP A 36 -1.97 13.32 7.06
C ASP A 36 -0.87 14.23 6.51
N CYS A 37 0.09 13.66 5.81
CA CYS A 37 1.17 14.44 5.21
C CYS A 37 1.58 13.88 3.86
N ARG A 38 1.60 12.56 3.74
CA ARG A 38 2.12 11.87 2.55
C ARG A 38 3.62 12.12 2.44
N GLN A 39 4.18 12.59 3.55
CA GLN A 39 5.61 12.88 3.64
C GLN A 39 6.33 11.60 4.05
N PRO A 40 7.07 11.00 3.07
CA PRO A 40 7.67 9.67 3.16
C PRO A 40 7.83 9.17 4.58
N LEU A 41 6.93 8.26 4.97
CA LEU A 41 6.78 7.85 6.36
C LEU A 41 8.10 7.43 7.00
N GLN A 42 8.45 6.18 6.81
CA GLN A 42 9.67 5.58 7.36
C GLN A 42 9.59 4.09 7.18
N VAL A 43 10.38 3.57 6.27
CA VAL A 43 10.39 2.15 6.01
C VAL A 43 11.09 1.40 7.14
N LEU A 44 10.30 0.67 7.90
CA LEU A 44 10.77 -0.05 9.06
C LEU A 44 10.84 -1.53 8.74
N LYS A 45 12.04 -2.10 8.76
CA LYS A 45 12.22 -3.48 8.35
C LYS A 45 12.50 -4.36 9.56
N ALA A 46 11.97 -5.57 9.54
CA ALA A 46 12.33 -6.57 10.52
C ALA A 46 12.97 -7.77 9.81
N CYS A 47 12.15 -8.73 9.43
CA CYS A 47 12.62 -9.86 8.65
C CYS A 47 11.50 -10.32 7.73
N GLY A 48 11.53 -9.82 6.50
CA GLY A 48 10.45 -10.09 5.57
C GLY A 48 9.37 -9.03 5.65
N ALA A 49 9.00 -8.67 6.87
CA ALA A 49 8.01 -7.64 7.10
C ALA A 49 8.59 -6.26 6.84
N VAL A 50 7.90 -5.49 6.00
CA VAL A 50 8.31 -4.13 5.68
C VAL A 50 7.19 -3.16 6.07
N ASP A 51 7.48 -2.25 6.96
CA ASP A 51 6.51 -1.27 7.41
C ASP A 51 6.83 0.12 6.90
N TYR A 52 5.83 0.97 6.86
CA TYR A 52 6.01 2.37 6.56
C TYR A 52 5.22 3.17 7.59
N PHE A 53 5.94 3.85 8.48
CA PHE A 53 5.30 4.52 9.61
C PHE A 53 6.14 5.71 10.06
N CYS A 54 5.57 6.92 9.99
CA CYS A 54 6.26 8.12 10.44
C CYS A 54 6.44 8.06 11.95
N GLN A 55 7.54 7.46 12.39
CA GLN A 55 7.75 7.28 13.82
C GLN A 55 8.21 8.59 14.45
N ASN A 56 8.93 9.38 13.68
CA ASN A 56 9.41 10.69 14.13
C ASN A 56 9.05 11.74 13.09
N GLY A 57 9.19 13.01 13.45
CA GLY A 57 8.89 14.09 12.53
C GLY A 57 7.40 14.36 12.44
N HIS A 58 6.66 13.38 11.95
CA HIS A 58 5.22 13.50 11.86
C HIS A 58 4.57 12.89 13.10
N GLY A 59 4.67 11.58 13.23
CA GLY A 59 4.07 10.91 14.36
C GLY A 59 3.30 9.69 13.92
N LEU A 60 3.20 8.71 14.81
CA LEU A 60 2.50 7.47 14.50
C LEU A 60 1.08 7.76 14.06
N ILE A 61 0.76 7.36 12.84
CA ILE A 61 -0.54 7.59 12.25
C ILE A 61 -1.51 6.53 12.76
N SER A 62 -2.79 6.89 12.85
CA SER A 62 -3.82 5.92 13.17
C SER A 62 -3.76 4.78 12.16
N LYS A 63 -3.48 3.57 12.66
CA LYS A 63 -3.20 2.41 11.81
C LYS A 63 -4.32 2.14 10.81
N LYS A 64 -5.56 2.44 11.19
CA LYS A 64 -6.71 2.18 10.32
C LYS A 64 -7.04 3.39 9.46
N ARG A 65 -6.16 4.38 9.44
CA ARG A 65 -6.29 5.51 8.52
C ARG A 65 -5.11 5.52 7.55
N VAL A 66 -4.20 4.57 7.72
CA VAL A 66 -3.06 4.44 6.81
C VAL A 66 -3.53 3.89 5.47
N ASN A 67 -3.31 4.65 4.42
CA ASN A 67 -3.76 4.24 3.10
C ASN A 67 -2.77 3.28 2.47
N PHE A 68 -3.09 2.00 2.56
CA PHE A 68 -2.35 0.97 1.86
C PHE A 68 -2.76 0.96 0.40
N VAL A 69 -1.97 1.63 -0.43
CA VAL A 69 -2.28 1.76 -1.84
C VAL A 69 -1.44 0.81 -2.68
N ILE A 70 -1.89 0.56 -3.89
CA ILE A 70 -1.14 -0.32 -4.80
C ILE A 70 0.15 0.37 -5.25
N SER A 71 1.27 -0.23 -4.88
CA SER A 71 2.57 0.35 -5.19
C SER A 71 2.86 0.20 -6.69
N ASP A 72 2.72 1.31 -7.41
CA ASP A 72 2.92 1.32 -8.84
C ASP A 72 3.55 2.63 -9.26
N GLN A 73 4.42 2.59 -10.25
CA GLN A 73 5.19 3.75 -10.66
C GLN A 73 4.81 4.25 -12.05
N LEU A 74 3.81 3.63 -12.66
CA LEU A 74 3.53 3.91 -14.07
C LEU A 74 2.05 4.14 -14.36
N GLU A 75 1.67 5.39 -14.42
CA GLU A 75 0.39 5.77 -15.02
C GLU A 75 0.66 6.23 -16.44
N HIS A 76 -0.08 5.67 -17.39
CA HIS A 76 0.12 5.98 -18.79
C HIS A 76 -0.44 7.36 -19.08
N HIS A 77 -1.69 7.52 -18.68
CA HIS A 77 -2.37 8.79 -18.70
C HIS A 77 -3.64 8.61 -17.91
N HIS A 78 -4.04 9.59 -17.13
CA HIS A 78 -5.09 9.39 -16.14
C HIS A 78 -6.49 9.39 -16.78
N HIS A 79 -6.57 9.04 -18.06
CA HIS A 79 -7.85 8.87 -18.72
C HIS A 79 -8.34 7.44 -18.49
N HIS A 80 -8.72 7.18 -17.26
CA HIS A 80 -9.23 5.87 -16.87
C HIS A 80 -10.54 6.03 -16.12
N HIS A 81 -11.11 7.23 -16.26
CA HIS A 81 -12.36 7.56 -15.60
C HIS A 81 -13.25 8.31 -16.57
ZN ZN B . -9.62 -7.74 -11.16
ZN ZN C . 6.52 11.27 6.94
N MET A 1 -11.71 -4.70 4.05
CA MET A 1 -13.18 -4.74 4.02
C MET A 1 -13.71 -4.65 2.59
N GLU A 2 -13.27 -3.63 1.87
CA GLU A 2 -13.74 -3.39 0.52
C GLU A 2 -12.56 -3.14 -0.42
N ILE A 3 -11.95 -1.95 -0.29
CA ILE A 3 -10.80 -1.56 -1.11
C ILE A 3 -11.17 -1.38 -2.57
N THR A 4 -11.38 -2.52 -3.25
CA THR A 4 -11.80 -2.59 -4.65
C THR A 4 -10.78 -1.99 -5.63
N CYS A 5 -10.57 -2.68 -6.74
CA CYS A 5 -9.68 -2.19 -7.78
C CYS A 5 -10.43 -1.29 -8.76
N PRO A 6 -9.78 -0.22 -9.24
CA PRO A 6 -10.37 0.72 -10.22
C PRO A 6 -10.88 0.01 -11.48
N VAL A 7 -10.15 -1.03 -11.87
CA VAL A 7 -10.58 -1.91 -12.94
C VAL A 7 -10.86 -3.27 -12.33
N CYS A 8 -11.62 -4.12 -13.02
CA CYS A 8 -12.07 -5.41 -12.47
C CYS A 8 -12.48 -5.22 -11.01
N HIS A 9 -13.31 -4.21 -10.78
CA HIS A 9 -13.73 -3.75 -9.45
C HIS A 9 -14.19 -4.89 -8.52
N HIS A 10 -15.51 -5.11 -8.48
CA HIS A 10 -16.17 -5.96 -7.47
C HIS A 10 -15.59 -5.75 -6.06
N ALA A 11 -14.56 -6.50 -5.71
CA ALA A 11 -13.95 -6.40 -4.39
C ALA A 11 -12.50 -6.87 -4.42
N LEU A 12 -11.78 -6.59 -3.34
CA LEU A 12 -10.40 -7.04 -3.20
C LEU A 12 -10.20 -7.75 -1.87
N GLU A 13 -9.32 -8.75 -1.88
CA GLU A 13 -9.04 -9.53 -0.69
C GLU A 13 -7.66 -9.20 -0.16
N ARG A 14 -7.51 -9.19 1.16
CA ARG A 14 -6.22 -8.98 1.76
C ARG A 14 -5.43 -10.28 1.80
N ASN A 15 -4.50 -10.42 0.87
CA ASN A 15 -3.65 -11.60 0.82
C ASN A 15 -2.43 -11.35 1.68
N GLY A 16 -2.68 -11.01 2.95
CA GLY A 16 -1.61 -10.70 3.86
C GLY A 16 -0.98 -9.35 3.55
N ASP A 17 0.22 -9.39 2.99
CA ASP A 17 0.94 -8.18 2.63
C ASP A 17 0.50 -7.69 1.26
N THR A 18 -0.18 -8.55 0.53
CA THR A 18 -0.54 -8.27 -0.85
C THR A 18 -2.04 -8.01 -0.97
N ALA A 19 -2.45 -7.38 -2.06
CA ALA A 19 -3.86 -7.16 -2.32
C ALA A 19 -4.29 -8.01 -3.49
N HIS A 20 -5.11 -9.00 -3.20
CA HIS A 20 -5.50 -9.98 -4.20
C HIS A 20 -6.84 -9.61 -4.80
N CYS A 21 -6.95 -9.73 -6.11
CA CYS A 21 -8.21 -9.47 -6.79
C CYS A 21 -9.15 -10.65 -6.64
N GLU A 22 -10.38 -10.37 -6.25
CA GLU A 22 -11.36 -11.42 -5.98
C GLU A 22 -11.91 -12.03 -7.27
N THR A 23 -12.50 -11.21 -8.11
CA THR A 23 -13.14 -11.70 -9.32
C THR A 23 -12.19 -11.52 -10.50
N CYS A 24 -10.93 -11.34 -10.17
CA CYS A 24 -9.91 -11.00 -11.14
C CYS A 24 -8.62 -11.72 -10.80
N ALA A 25 -7.91 -12.21 -11.81
CA ALA A 25 -6.64 -12.85 -11.59
C ALA A 25 -5.54 -11.80 -11.55
N LYS A 26 -5.42 -11.13 -10.41
CA LYS A 26 -4.47 -10.04 -10.25
C LYS A 26 -4.03 -9.92 -8.79
N ASP A 27 -2.80 -9.48 -8.59
CA ASP A 27 -2.29 -9.19 -7.27
C ASP A 27 -1.60 -7.82 -7.28
N PHE A 28 -1.99 -6.95 -6.37
CA PHE A 28 -1.45 -5.60 -6.32
C PHE A 28 -0.51 -5.42 -5.13
N SER A 29 0.49 -4.58 -5.31
CA SER A 29 1.36 -4.20 -4.21
C SER A 29 0.77 -2.99 -3.50
N LEU A 30 0.76 -3.01 -2.18
CA LEU A 30 0.19 -1.92 -1.41
C LEU A 30 1.28 -1.07 -0.78
N GLN A 31 1.17 0.23 -0.95
CA GLN A 31 2.11 1.17 -0.35
C GLN A 31 1.41 1.98 0.73
N ALA A 32 1.77 1.72 1.97
CA ALA A 32 1.17 2.42 3.11
C ALA A 32 1.83 3.78 3.30
N LEU A 33 1.20 4.81 2.77
CA LEU A 33 1.77 6.15 2.83
C LEU A 33 1.01 7.00 3.84
N CYS A 34 1.62 8.10 4.27
CA CYS A 34 0.96 9.00 5.18
C CYS A 34 0.30 10.14 4.40
N PRO A 35 -1.04 10.20 4.46
CA PRO A 35 -1.85 11.12 3.62
C PRO A 35 -1.85 12.55 4.13
N ASP A 36 -0.99 12.86 5.07
CA ASP A 36 -0.89 14.21 5.61
C ASP A 36 0.52 14.73 5.46
N CYS A 37 1.45 14.06 6.11
CA CYS A 37 2.87 14.39 6.02
C CYS A 37 3.53 13.54 4.93
N ARG A 38 2.92 13.51 3.75
CA ARG A 38 3.32 12.60 2.67
C ARG A 38 4.81 12.71 2.35
N GLN A 39 5.55 11.80 2.95
CA GLN A 39 6.99 11.64 2.74
C GLN A 39 7.33 10.18 2.95
N PRO A 40 8.44 9.67 2.41
CA PRO A 40 8.86 8.28 2.59
C PRO A 40 8.87 7.87 4.07
N LEU A 41 8.02 6.91 4.42
CA LEU A 41 7.93 6.43 5.80
C LEU A 41 9.08 5.47 6.10
N GLN A 42 9.10 4.91 7.29
CA GLN A 42 10.16 3.99 7.67
C GLN A 42 9.69 2.56 7.47
N VAL A 43 10.58 1.72 6.95
CA VAL A 43 10.28 0.32 6.76
C VAL A 43 10.44 -0.43 8.08
N LEU A 44 9.35 -0.59 8.81
CA LEU A 44 9.38 -1.29 10.09
C LEU A 44 9.25 -2.78 9.88
N LYS A 45 10.34 -3.49 10.07
CA LYS A 45 10.35 -4.94 9.89
C LYS A 45 10.14 -5.64 11.22
N ALA A 46 8.91 -6.06 11.47
CA ALA A 46 8.58 -6.79 12.68
C ALA A 46 8.63 -8.29 12.40
N CYS A 47 9.77 -8.90 12.73
CA CYS A 47 10.02 -10.31 12.43
C CYS A 47 10.01 -10.57 10.92
N GLY A 48 8.83 -10.76 10.36
CA GLY A 48 8.71 -10.98 8.94
C GLY A 48 7.62 -10.14 8.32
N ALA A 49 7.02 -9.27 9.13
CA ALA A 49 5.96 -8.39 8.66
C ALA A 49 6.46 -6.96 8.54
N VAL A 50 6.28 -6.38 7.36
CA VAL A 50 6.75 -5.03 7.10
C VAL A 50 5.62 -4.03 7.19
N ASP A 51 5.74 -3.10 8.13
CA ASP A 51 4.81 -1.98 8.23
C ASP A 51 5.50 -0.70 7.78
N TYR A 52 4.93 -0.04 6.80
CA TYR A 52 5.45 1.24 6.36
C TYR A 52 4.84 2.33 7.23
N PHE A 53 5.61 2.80 8.19
CA PHE A 53 5.08 3.64 9.26
C PHE A 53 6.05 4.76 9.60
N CYS A 54 5.51 5.93 9.90
CA CYS A 54 6.30 7.04 10.36
C CYS A 54 6.81 6.74 11.75
N GLN A 55 8.11 6.79 11.96
CA GLN A 55 8.66 6.54 13.29
C GLN A 55 10.03 7.20 13.41
N ASN A 56 10.34 7.66 14.63
CA ASN A 56 11.65 8.21 14.96
C ASN A 56 12.09 9.27 13.96
N GLY A 57 11.24 10.27 13.76
CA GLY A 57 11.57 11.32 12.84
C GLY A 57 10.38 11.73 11.99
N HIS A 58 9.84 10.77 11.25
CA HIS A 58 8.69 11.04 10.38
C HIS A 58 7.48 11.37 11.25
N GLY A 59 7.08 10.43 12.10
CA GLY A 59 6.08 10.73 13.10
C GLY A 59 5.35 9.48 13.52
N LEU A 60 4.08 9.39 13.10
CA LEU A 60 3.25 8.21 13.28
C LEU A 60 1.84 8.53 12.81
N ILE A 61 1.13 7.52 12.34
CA ILE A 61 -0.24 7.72 11.89
C ILE A 61 -1.14 6.70 12.57
N SER A 62 -2.37 7.07 12.83
CA SER A 62 -3.35 6.10 13.26
C SER A 62 -3.54 5.10 12.13
N LYS A 63 -3.48 3.80 12.47
CA LYS A 63 -3.53 2.76 11.45
C LYS A 63 -4.93 2.64 10.87
N LYS A 64 -5.80 3.57 11.24
CA LYS A 64 -7.14 3.66 10.69
C LYS A 64 -7.17 4.63 9.50
N ARG A 65 -6.15 5.48 9.40
CA ARG A 65 -6.14 6.53 8.38
C ARG A 65 -4.92 6.44 7.49
N VAL A 66 -4.32 5.27 7.42
CA VAL A 66 -3.16 5.06 6.55
C VAL A 66 -3.59 5.02 5.09
N ASN A 67 -2.87 5.72 4.23
CA ASN A 67 -3.23 5.79 2.82
C ASN A 67 -2.57 4.64 2.06
N PHE A 68 -3.32 3.57 1.86
CA PHE A 68 -2.83 2.43 1.11
C PHE A 68 -2.96 2.67 -0.38
N VAL A 69 -1.84 2.88 -1.04
CA VAL A 69 -1.83 3.14 -2.47
C VAL A 69 -1.58 1.85 -3.24
N ILE A 70 -2.41 1.58 -4.23
CA ILE A 70 -2.29 0.40 -5.05
C ILE A 70 -1.22 0.60 -6.11
N SER A 71 -0.15 -0.17 -6.03
CA SER A 71 0.96 -0.02 -6.96
C SER A 71 1.07 -1.23 -7.87
N ASP A 72 0.83 -1.03 -9.16
CA ASP A 72 1.06 -2.05 -10.16
C ASP A 72 2.37 -1.73 -10.86
N GLN A 73 3.36 -2.59 -10.70
CA GLN A 73 4.70 -2.32 -11.21
C GLN A 73 4.79 -2.58 -12.70
N LEU A 74 5.90 -2.17 -13.30
CA LEU A 74 6.07 -2.27 -14.74
C LEU A 74 7.07 -3.38 -15.10
N GLU A 75 7.22 -4.35 -14.22
CA GLU A 75 8.14 -5.45 -14.45
C GLU A 75 7.46 -6.56 -15.28
N HIS A 76 6.15 -6.69 -15.13
CA HIS A 76 5.41 -7.66 -15.95
C HIS A 76 5.11 -7.12 -17.34
N HIS A 77 6.02 -7.39 -18.28
CA HIS A 77 5.83 -6.98 -19.67
C HIS A 77 6.64 -7.87 -20.60
N HIS A 78 5.96 -8.80 -21.28
CA HIS A 78 6.59 -9.67 -22.28
C HIS A 78 5.58 -10.62 -22.90
N HIS A 79 5.90 -11.12 -24.11
CA HIS A 79 5.06 -12.07 -24.83
C HIS A 79 3.84 -11.41 -25.46
N HIS A 80 3.90 -11.21 -26.76
CA HIS A 80 2.74 -10.82 -27.53
C HIS A 80 2.60 -11.74 -28.73
N HIS A 81 2.01 -12.91 -28.50
CA HIS A 81 1.84 -13.92 -29.53
C HIS A 81 0.89 -14.99 -29.03
ZN ZN B . -10.33 -6.12 -9.97
ZN ZN C . 4.13 13.58 11.16
N MET A 1 -16.14 1.84 3.13
CA MET A 1 -14.78 1.78 2.56
C MET A 1 -14.49 0.43 1.90
N GLU A 2 -13.98 -0.53 2.70
CA GLU A 2 -13.58 -1.85 2.21
C GLU A 2 -12.48 -1.72 1.15
N ILE A 3 -12.21 -2.81 0.45
CA ILE A 3 -11.23 -2.81 -0.63
C ILE A 3 -11.82 -3.46 -1.88
N THR A 4 -11.80 -2.74 -2.99
CA THR A 4 -12.35 -3.22 -4.24
C THR A 4 -11.40 -2.96 -5.41
N CYS A 5 -11.61 -3.67 -6.50
CA CYS A 5 -10.82 -3.46 -7.71
C CYS A 5 -11.15 -2.09 -8.30
N PRO A 6 -10.17 -1.18 -8.39
CA PRO A 6 -10.38 0.16 -8.92
C PRO A 6 -10.70 0.16 -10.42
N VAL A 7 -10.24 -0.87 -11.11
CA VAL A 7 -10.40 -0.95 -12.55
C VAL A 7 -11.35 -2.09 -12.96
N CYS A 8 -11.29 -3.21 -12.23
CA CYS A 8 -12.09 -4.38 -12.59
C CYS A 8 -13.38 -4.46 -11.76
N HIS A 9 -13.47 -3.63 -10.72
CA HIS A 9 -14.55 -3.71 -9.73
C HIS A 9 -14.56 -5.07 -9.03
N HIS A 10 -15.55 -5.25 -8.14
CA HIS A 10 -15.59 -6.41 -7.22
C HIS A 10 -14.54 -6.23 -6.13
N ALA A 11 -14.66 -7.00 -5.06
CA ALA A 11 -13.82 -6.81 -3.89
C ALA A 11 -12.44 -7.44 -4.07
N LEU A 12 -11.54 -7.09 -3.15
CA LEU A 12 -10.19 -7.63 -3.13
C LEU A 12 -9.96 -8.44 -1.87
N GLU A 13 -9.00 -9.35 -1.91
CA GLU A 13 -8.60 -10.11 -0.74
C GLU A 13 -7.26 -9.59 -0.24
N ARG A 14 -7.17 -9.34 1.06
CA ARG A 14 -5.92 -8.86 1.64
C ARG A 14 -4.99 -10.04 1.90
N ASN A 15 -4.02 -10.21 1.00
CA ASN A 15 -3.01 -11.25 1.15
C ASN A 15 -2.07 -10.86 2.28
N GLY A 16 -1.92 -9.55 2.46
CA GLY A 16 -1.05 -9.02 3.49
C GLY A 16 -0.34 -7.78 3.01
N ASP A 17 0.66 -8.00 2.17
CA ASP A 17 1.39 -6.90 1.55
C ASP A 17 0.83 -6.63 0.16
N THR A 18 -0.05 -7.52 -0.28
CA THR A 18 -0.63 -7.42 -1.61
C THR A 18 -2.15 -7.61 -1.57
N ALA A 19 -2.83 -7.07 -2.56
CA ALA A 19 -4.27 -7.23 -2.69
C ALA A 19 -4.59 -8.12 -3.89
N HIS A 20 -5.34 -9.18 -3.64
CA HIS A 20 -5.63 -10.16 -4.68
C HIS A 20 -7.02 -9.94 -5.27
N CYS A 21 -7.10 -9.95 -6.60
CA CYS A 21 -8.36 -9.80 -7.30
C CYS A 21 -9.16 -11.12 -7.32
N GLU A 22 -10.46 -11.02 -7.11
CA GLU A 22 -11.33 -12.20 -7.19
C GLU A 22 -11.62 -12.58 -8.64
N THR A 23 -12.21 -11.66 -9.38
CA THR A 23 -12.73 -11.93 -10.71
C THR A 23 -11.66 -11.77 -11.78
N CYS A 24 -10.41 -11.71 -11.37
CA CYS A 24 -9.34 -11.35 -12.28
C CYS A 24 -7.98 -11.79 -11.73
N ALA A 25 -7.08 -12.18 -12.62
CA ALA A 25 -5.74 -12.58 -12.23
C ALA A 25 -4.83 -11.37 -12.14
N LYS A 26 -5.03 -10.59 -11.08
CA LYS A 26 -4.23 -9.41 -10.82
C LYS A 26 -3.98 -9.26 -9.33
N ASP A 27 -2.72 -9.12 -8.96
CA ASP A 27 -2.36 -8.85 -7.58
C ASP A 27 -1.70 -7.47 -7.49
N PHE A 28 -2.23 -6.64 -6.62
CA PHE A 28 -1.75 -5.28 -6.49
C PHE A 28 -0.84 -5.13 -5.28
N SER A 29 0.32 -4.51 -5.50
CA SER A 29 1.23 -4.22 -4.40
C SER A 29 0.70 -3.04 -3.60
N LEU A 30 0.54 -3.22 -2.30
CA LEU A 30 0.01 -2.18 -1.46
C LEU A 30 1.13 -1.47 -0.71
N GLN A 31 0.97 -0.17 -0.53
CA GLN A 31 1.97 0.61 0.17
C GLN A 31 1.29 1.53 1.17
N ALA A 32 1.69 1.41 2.43
CA ALA A 32 1.18 2.31 3.47
C ALA A 32 1.87 3.67 3.34
N LEU A 33 1.14 4.63 2.80
CA LEU A 33 1.70 5.94 2.51
C LEU A 33 1.09 6.99 3.42
N CYS A 34 1.80 8.09 3.62
CA CYS A 34 1.30 9.17 4.45
C CYS A 34 0.71 10.25 3.56
N PRO A 35 -0.40 10.88 4.00
CA PRO A 35 -1.11 11.90 3.21
C PRO A 35 -0.21 13.05 2.73
N ASP A 36 0.80 13.40 3.52
CA ASP A 36 1.66 14.54 3.17
C ASP A 36 3.00 14.10 2.60
N CYS A 37 3.51 12.97 3.08
CA CYS A 37 4.82 12.51 2.66
C CYS A 37 4.73 11.12 2.04
N ARG A 38 5.41 10.96 0.92
CA ARG A 38 5.30 9.75 0.12
C ARG A 38 6.62 9.00 0.09
N GLN A 39 7.48 9.32 1.05
CA GLN A 39 8.85 8.81 1.03
C GLN A 39 9.40 8.53 2.44
N PRO A 40 9.38 9.55 3.35
CA PRO A 40 10.05 9.45 4.67
C PRO A 40 9.35 8.52 5.67
N LEU A 41 8.60 7.54 5.20
CA LEU A 41 7.99 6.57 6.09
C LEU A 41 8.99 5.46 6.38
N GLN A 42 9.13 5.12 7.66
CA GLN A 42 10.08 4.11 8.08
C GLN A 42 9.48 2.72 7.94
N VAL A 43 10.29 1.77 7.52
CA VAL A 43 9.85 0.40 7.33
C VAL A 43 9.99 -0.38 8.62
N LEU A 44 8.90 -0.50 9.35
CA LEU A 44 8.90 -1.24 10.60
C LEU A 44 8.60 -2.71 10.31
N LYS A 45 9.54 -3.58 10.61
CA LYS A 45 9.37 -4.99 10.32
C LYS A 45 8.94 -5.77 11.55
N ALA A 46 7.76 -6.37 11.48
CA ALA A 46 7.27 -7.25 12.52
C ALA A 46 7.61 -8.69 12.16
N CYS A 47 8.84 -9.08 12.48
CA CYS A 47 9.39 -10.39 12.14
C CYS A 47 9.56 -10.53 10.62
N GLY A 48 8.46 -10.72 9.91
CA GLY A 48 8.51 -10.87 8.47
C GLY A 48 7.59 -9.89 7.75
N ALA A 49 6.65 -9.33 8.48
CA ALA A 49 5.69 -8.38 7.91
C ALA A 49 6.25 -6.97 7.97
N VAL A 50 5.92 -6.15 6.99
CA VAL A 50 6.42 -4.79 6.94
C VAL A 50 5.28 -3.79 7.09
N ASP A 51 5.53 -2.76 7.88
CA ASP A 51 4.55 -1.69 8.10
C ASP A 51 5.25 -0.34 7.97
N TYR A 52 4.76 0.50 7.07
CA TYR A 52 5.36 1.81 6.87
C TYR A 52 4.77 2.81 7.84
N PHE A 53 5.63 3.33 8.70
CA PHE A 53 5.23 4.14 9.83
C PHE A 53 6.33 5.14 10.13
N CYS A 54 6.14 6.37 9.66
CA CYS A 54 7.18 7.38 9.72
C CYS A 54 7.30 7.99 11.11
N GLN A 55 8.11 7.37 11.96
CA GLN A 55 8.36 7.91 13.29
C GLN A 55 9.34 9.07 13.19
N ASN A 56 10.26 8.95 12.24
CA ASN A 56 11.21 10.01 11.97
C ASN A 56 10.92 10.61 10.61
N GLY A 57 10.71 11.92 10.58
CA GLY A 57 10.33 12.58 9.35
C GLY A 57 8.87 12.96 9.36
N HIS A 58 8.21 12.68 10.47
CA HIS A 58 6.80 12.98 10.64
C HIS A 58 6.38 12.71 12.08
N GLY A 59 6.29 11.44 12.42
CA GLY A 59 5.77 11.03 13.70
C GLY A 59 4.72 9.96 13.53
N LEU A 60 4.43 9.23 14.59
CA LEU A 60 3.49 8.12 14.50
C LEU A 60 2.12 8.58 14.00
N ILE A 61 1.60 7.86 13.02
CA ILE A 61 0.30 8.14 12.44
C ILE A 61 -0.71 7.14 12.97
N SER A 62 -1.98 7.49 12.94
CA SER A 62 -3.01 6.51 13.21
C SER A 62 -3.10 5.58 12.00
N LYS A 63 -2.87 4.29 12.19
CA LYS A 63 -2.94 3.35 11.07
C LYS A 63 -4.38 3.08 10.64
N LYS A 64 -5.30 3.85 11.21
CA LYS A 64 -6.67 3.89 10.74
C LYS A 64 -6.83 5.02 9.73
N ARG A 65 -5.77 5.85 9.62
CA ARG A 65 -5.79 7.02 8.76
C ARG A 65 -4.77 6.90 7.63
N VAL A 66 -3.83 5.96 7.76
CA VAL A 66 -2.78 5.76 6.76
C VAL A 66 -3.39 5.39 5.42
N ASN A 67 -2.79 5.87 4.35
CA ASN A 67 -3.31 5.62 3.01
C ASN A 67 -2.58 4.48 2.34
N PHE A 68 -3.20 3.31 2.32
CA PHE A 68 -2.68 2.19 1.57
C PHE A 68 -2.96 2.38 0.09
N VAL A 69 -1.93 2.79 -0.64
CA VAL A 69 -2.07 3.07 -2.06
C VAL A 69 -1.63 1.88 -2.90
N ILE A 70 -2.26 1.73 -4.06
CA ILE A 70 -1.90 0.68 -4.99
C ILE A 70 -0.75 1.14 -5.87
N SER A 71 0.35 0.40 -5.82
CA SER A 71 1.52 0.74 -6.60
C SER A 71 1.39 0.24 -8.04
N ASP A 72 0.68 1.00 -8.87
CA ASP A 72 0.56 0.67 -10.28
C ASP A 72 1.31 1.70 -11.12
N GLN A 73 1.53 2.88 -10.54
CA GLN A 73 2.28 3.93 -11.21
C GLN A 73 3.76 3.82 -10.87
N LEU A 74 4.43 2.88 -11.51
CA LEU A 74 5.87 2.70 -11.32
C LEU A 74 6.61 3.21 -12.55
N GLU A 75 5.87 3.38 -13.63
CA GLU A 75 6.42 3.91 -14.86
C GLU A 75 6.56 5.41 -14.77
N HIS A 76 7.63 5.95 -15.35
CA HIS A 76 7.94 7.38 -15.26
C HIS A 76 8.10 7.75 -13.79
N HIS A 77 9.14 7.21 -13.18
CA HIS A 77 9.41 7.47 -11.77
C HIS A 77 9.74 8.95 -11.57
N HIS A 78 9.06 9.56 -10.61
CA HIS A 78 9.22 10.99 -10.36
C HIS A 78 10.66 11.39 -10.07
N HIS A 79 11.25 12.12 -11.00
CA HIS A 79 12.57 12.71 -10.83
C HIS A 79 12.73 13.81 -11.87
N HIS A 80 13.68 14.71 -11.67
CA HIS A 80 13.84 15.83 -12.58
C HIS A 80 14.85 15.50 -13.66
N HIS A 81 15.94 14.86 -13.27
CA HIS A 81 16.98 14.45 -14.21
C HIS A 81 17.88 13.43 -13.55
ZN ZN B . -9.56 -7.27 -10.08
ZN ZN C . 4.28 14.26 7.04
N MET A 1 -13.58 3.09 0.59
CA MET A 1 -12.77 2.13 -0.17
C MET A 1 -12.60 0.82 0.60
N GLU A 2 -13.10 -0.27 0.03
CA GLU A 2 -13.01 -1.59 0.65
C GLU A 2 -12.00 -2.45 -0.11
N ILE A 3 -10.96 -1.79 -0.61
CA ILE A 3 -9.98 -2.40 -1.50
C ILE A 3 -10.64 -2.75 -2.83
N THR A 4 -10.60 -1.81 -3.75
CA THR A 4 -11.31 -1.96 -5.01
C THR A 4 -10.37 -1.80 -6.21
N CYS A 5 -10.51 -2.69 -7.17
CA CYS A 5 -9.76 -2.62 -8.41
C CYS A 5 -10.36 -1.54 -9.31
N PRO A 6 -9.51 -0.75 -9.99
CA PRO A 6 -9.95 0.36 -10.86
C PRO A 6 -10.91 -0.08 -11.95
N VAL A 7 -10.88 -1.35 -12.30
CA VAL A 7 -11.75 -1.88 -13.34
C VAL A 7 -12.66 -2.97 -12.77
N CYS A 8 -12.54 -3.21 -11.48
CA CYS A 8 -13.34 -4.21 -10.80
C CYS A 8 -13.81 -3.67 -9.45
N HIS A 9 -14.69 -2.69 -9.52
CA HIS A 9 -15.18 -2.01 -8.33
C HIS A 9 -16.22 -2.86 -7.59
N HIS A 10 -15.76 -3.51 -6.52
CA HIS A 10 -16.66 -4.14 -5.56
C HIS A 10 -15.90 -4.54 -4.30
N ALA A 11 -14.81 -5.27 -4.51
CA ALA A 11 -13.95 -5.73 -3.43
C ALA A 11 -12.86 -6.62 -4.00
N LEU A 12 -11.75 -6.72 -3.30
CA LEU A 12 -10.67 -7.61 -3.73
C LEU A 12 -10.46 -8.71 -2.69
N GLU A 13 -9.58 -9.64 -3.00
CA GLU A 13 -9.28 -10.73 -2.10
C GLU A 13 -8.09 -10.39 -1.23
N ARG A 14 -8.31 -10.25 0.06
CA ARG A 14 -7.21 -10.00 0.98
C ARG A 14 -6.47 -11.29 1.26
N ASN A 15 -5.42 -11.51 0.48
CA ASN A 15 -4.62 -12.73 0.58
C ASN A 15 -3.27 -12.39 1.19
N GLY A 16 -3.09 -12.76 2.46
CA GLY A 16 -1.87 -12.44 3.16
C GLY A 16 -1.76 -10.96 3.44
N ASP A 17 -2.90 -10.35 3.76
CA ASP A 17 -2.99 -8.90 4.02
C ASP A 17 -2.67 -8.10 2.75
N THR A 18 -2.64 -8.80 1.63
CA THR A 18 -2.38 -8.19 0.33
C THR A 18 -3.65 -8.24 -0.51
N ALA A 19 -3.70 -7.51 -1.63
CA ALA A 19 -4.92 -7.44 -2.41
C ALA A 19 -4.78 -8.17 -3.74
N HIS A 20 -5.35 -9.35 -3.80
CA HIS A 20 -5.34 -10.13 -5.03
C HIS A 20 -6.66 -9.92 -5.76
N CYS A 21 -6.59 -9.48 -7.00
CA CYS A 21 -7.80 -9.27 -7.77
C CYS A 21 -8.33 -10.59 -8.31
N GLU A 22 -9.58 -10.86 -8.00
CA GLU A 22 -10.23 -12.11 -8.40
C GLU A 22 -10.23 -12.28 -9.92
N THR A 23 -10.60 -11.23 -10.64
CA THR A 23 -10.79 -11.32 -12.07
C THR A 23 -9.52 -11.02 -12.86
N CYS A 24 -8.73 -10.07 -12.39
CA CYS A 24 -7.52 -9.68 -13.11
C CYS A 24 -6.35 -10.60 -12.77
N ALA A 25 -6.48 -11.33 -11.65
CA ALA A 25 -5.45 -12.27 -11.19
C ALA A 25 -4.14 -11.53 -10.87
N LYS A 26 -4.24 -10.23 -10.70
CA LYS A 26 -3.07 -9.42 -10.36
C LYS A 26 -2.97 -9.25 -8.85
N ASP A 27 -1.75 -9.14 -8.35
CA ASP A 27 -1.53 -8.94 -6.92
C ASP A 27 -1.10 -7.52 -6.64
N PHE A 28 -1.96 -6.79 -5.96
CA PHE A 28 -1.70 -5.41 -5.61
C PHE A 28 -1.28 -5.32 -4.15
N SER A 29 -0.10 -4.79 -3.91
CA SER A 29 0.42 -4.68 -2.55
C SER A 29 -0.15 -3.44 -1.87
N LEU A 30 -0.33 -3.53 -0.56
CA LEU A 30 -0.85 -2.41 0.20
C LEU A 30 0.30 -1.71 0.90
N GLN A 31 0.55 -0.48 0.48
CA GLN A 31 1.63 0.30 1.05
C GLN A 31 1.06 1.47 1.83
N ALA A 32 1.60 1.69 3.02
CA ALA A 32 1.15 2.77 3.87
C ALA A 32 1.77 4.09 3.42
N LEU A 33 1.00 4.89 2.71
CA LEU A 33 1.48 6.17 2.21
C LEU A 33 1.02 7.31 3.12
N CYS A 34 1.89 8.29 3.27
CA CYS A 34 1.59 9.47 4.08
C CYS A 34 1.26 10.63 3.14
N PRO A 35 0.05 11.18 3.22
CA PRO A 35 -0.46 12.20 2.28
C PRO A 35 0.50 13.37 2.05
N ASP A 36 1.10 13.85 3.13
CA ASP A 36 2.00 15.01 3.05
C ASP A 36 3.35 14.64 2.44
N CYS A 37 3.68 13.36 2.45
CA CYS A 37 4.98 12.91 2.02
C CYS A 37 4.89 11.53 1.37
N ARG A 38 4.70 11.51 0.06
CA ARG A 38 4.67 10.26 -0.68
C ARG A 38 6.09 9.76 -0.91
N GLN A 39 6.60 9.10 0.11
CA GLN A 39 7.95 8.58 0.11
C GLN A 39 7.98 7.36 1.02
N PRO A 40 9.11 6.66 1.10
CA PRO A 40 9.28 5.62 2.13
C PRO A 40 9.27 6.24 3.52
N LEU A 41 8.08 6.22 4.15
CA LEU A 41 7.89 6.75 5.50
C LEU A 41 9.03 6.30 6.42
N GLN A 42 9.23 5.00 6.43
CA GLN A 42 10.31 4.32 7.14
C GLN A 42 10.00 2.84 7.07
N VAL A 43 10.79 2.09 6.33
CA VAL A 43 10.43 0.72 6.02
C VAL A 43 10.74 -0.21 7.19
N LEU A 44 9.72 -0.45 7.99
CA LEU A 44 9.84 -1.30 9.16
C LEU A 44 9.39 -2.70 8.79
N LYS A 45 10.32 -3.65 8.87
CA LYS A 45 10.06 -4.99 8.39
C LYS A 45 9.84 -5.96 9.54
N ALA A 46 8.82 -6.79 9.40
CA ALA A 46 8.50 -7.81 10.39
C ALA A 46 8.84 -9.20 9.84
N CYS A 47 8.17 -10.23 10.36
CA CYS A 47 8.40 -11.58 9.86
C CYS A 47 7.73 -11.76 8.49
N GLY A 48 6.42 -11.56 8.44
CA GLY A 48 5.70 -11.75 7.20
C GLY A 48 4.89 -10.53 6.81
N ALA A 49 5.49 -9.36 6.94
CA ALA A 49 4.82 -8.10 6.66
C ALA A 49 5.81 -6.95 6.65
N VAL A 50 5.68 -6.08 5.66
CA VAL A 50 6.47 -4.86 5.60
C VAL A 50 5.59 -3.65 5.86
N ASP A 51 6.01 -2.81 6.78
CA ASP A 51 5.20 -1.68 7.20
C ASP A 51 5.90 -0.36 6.90
N TYR A 52 5.14 0.63 6.50
CA TYR A 52 5.67 1.95 6.24
C TYR A 52 5.16 2.93 7.30
N PHE A 53 6.02 3.25 8.23
CA PHE A 53 5.65 4.08 9.39
C PHE A 53 6.68 5.17 9.59
N CYS A 54 6.24 6.43 9.56
CA CYS A 54 7.16 7.55 9.61
C CYS A 54 7.86 7.63 10.97
N GLN A 55 9.18 7.46 10.95
CA GLN A 55 9.99 7.70 12.12
C GLN A 55 10.88 8.93 11.90
N ASN A 56 11.70 8.87 10.85
CA ASN A 56 12.62 9.95 10.54
C ASN A 56 12.11 10.79 9.38
N GLY A 57 11.32 10.18 8.51
CA GLY A 57 10.84 10.85 7.31
C GLY A 57 9.74 11.86 7.59
N HIS A 58 9.20 11.85 8.79
CA HIS A 58 8.09 12.74 9.16
C HIS A 58 7.75 12.58 10.64
N GLY A 59 7.05 11.52 10.97
CA GLY A 59 6.56 11.31 12.31
C GLY A 59 5.39 10.36 12.33
N LEU A 60 5.13 9.73 13.47
CA LEU A 60 4.09 8.70 13.57
C LEU A 60 2.72 9.23 13.13
N ILE A 61 2.00 8.40 12.40
CA ILE A 61 0.66 8.74 11.93
C ILE A 61 -0.34 7.72 12.46
N SER A 62 -1.51 8.19 12.88
CA SER A 62 -2.60 7.29 13.27
C SER A 62 -2.86 6.29 12.15
N LYS A 63 -2.61 5.02 12.42
CA LYS A 63 -2.55 4.00 11.38
C LYS A 63 -3.88 3.79 10.67
N LYS A 64 -4.97 4.14 11.34
CA LYS A 64 -6.30 4.00 10.74
C LYS A 64 -6.53 5.10 9.70
N ARG A 65 -5.71 6.15 9.78
CA ARG A 65 -5.87 7.31 8.90
C ARG A 65 -4.77 7.33 7.85
N VAL A 66 -3.89 6.34 7.91
CA VAL A 66 -2.80 6.23 6.94
C VAL A 66 -3.33 5.64 5.63
N ASN A 67 -2.86 6.18 4.51
CA ASN A 67 -3.35 5.75 3.21
C ASN A 67 -2.72 4.43 2.79
N PHE A 68 -3.33 3.33 3.20
CA PHE A 68 -2.95 2.03 2.69
C PHE A 68 -3.55 1.86 1.30
N VAL A 69 -2.73 2.13 0.30
CA VAL A 69 -3.20 2.08 -1.07
C VAL A 69 -2.44 1.05 -1.87
N ILE A 70 -3.04 0.61 -2.97
CA ILE A 70 -2.41 -0.33 -3.86
C ILE A 70 -1.44 0.41 -4.79
N SER A 71 -0.35 0.89 -4.20
CA SER A 71 0.65 1.72 -4.87
C SER A 71 0.01 2.96 -5.53
N ASP A 72 0.77 3.63 -6.38
CA ASP A 72 0.29 4.84 -7.03
C ASP A 72 0.81 4.86 -8.46
N GLN A 73 0.46 5.89 -9.23
CA GLN A 73 0.87 6.00 -10.62
C GLN A 73 2.39 6.01 -10.71
N LEU A 74 3.00 7.11 -10.24
CA LEU A 74 4.44 7.24 -10.15
C LEU A 74 5.11 6.87 -11.48
N GLU A 75 6.33 6.34 -11.42
CA GLU A 75 6.98 5.78 -12.58
C GLU A 75 6.72 4.28 -12.63
N HIS A 76 6.47 3.77 -13.82
CA HIS A 76 6.18 2.35 -13.99
C HIS A 76 7.47 1.55 -14.14
N HIS A 77 8.57 2.16 -13.74
CA HIS A 77 9.87 1.49 -13.73
C HIS A 77 10.11 0.86 -12.37
N HIS A 78 10.13 -0.46 -12.33
CA HIS A 78 10.39 -1.18 -11.08
C HIS A 78 11.81 -0.94 -10.62
N HIS A 79 11.96 -0.55 -9.36
CA HIS A 79 13.27 -0.26 -8.80
C HIS A 79 13.93 -1.55 -8.35
N HIS A 80 14.42 -2.31 -9.31
CA HIS A 80 15.06 -3.60 -9.05
C HIS A 80 16.12 -3.87 -10.11
N HIS A 81 17.30 -4.27 -9.65
CA HIS A 81 18.39 -4.61 -10.56
C HIS A 81 19.16 -5.81 -10.00
ZN ZN B . -12.35 -7.04 -13.90
ZN ZN C . 4.02 12.80 6.18
N MET A 1 -17.44 -2.49 4.75
CA MET A 1 -16.18 -1.85 4.33
C MET A 1 -15.41 -2.79 3.42
N GLU A 2 -15.53 -2.57 2.12
CA GLU A 2 -14.91 -3.45 1.14
C GLU A 2 -13.77 -2.75 0.42
N ILE A 3 -12.63 -3.41 0.34
CA ILE A 3 -11.57 -2.94 -0.52
C ILE A 3 -11.85 -3.41 -1.94
N THR A 4 -12.11 -2.46 -2.83
CA THR A 4 -12.62 -2.79 -4.15
C THR A 4 -11.61 -2.40 -5.23
N CYS A 5 -11.34 -3.33 -6.17
CA CYS A 5 -10.46 -3.03 -7.29
C CYS A 5 -11.15 -2.05 -8.23
N PRO A 6 -10.42 -1.02 -8.69
CA PRO A 6 -10.99 0.07 -9.49
C PRO A 6 -11.49 -0.37 -10.87
N VAL A 7 -10.56 -0.61 -11.78
CA VAL A 7 -10.90 -0.90 -13.18
C VAL A 7 -11.60 -2.24 -13.33
N CYS A 8 -11.33 -3.15 -12.41
CA CYS A 8 -11.85 -4.50 -12.49
C CYS A 8 -12.98 -4.73 -11.48
N HIS A 9 -13.36 -3.61 -10.83
CA HIS A 9 -14.54 -3.49 -9.95
C HIS A 9 -15.00 -4.77 -9.27
N HIS A 10 -14.46 -5.03 -8.09
CA HIS A 10 -14.96 -6.06 -7.17
C HIS A 10 -14.05 -6.16 -5.95
N ALA A 11 -14.41 -6.98 -4.99
CA ALA A 11 -13.66 -7.10 -3.74
C ALA A 11 -12.23 -7.58 -3.97
N LEU A 12 -11.31 -6.95 -3.24
CA LEU A 12 -9.93 -7.38 -3.20
C LEU A 12 -9.71 -8.29 -2.00
N GLU A 13 -8.69 -9.13 -2.06
CA GLU A 13 -8.32 -9.96 -0.94
C GLU A 13 -6.87 -9.70 -0.55
N ARG A 14 -6.63 -9.50 0.74
CA ARG A 14 -5.28 -9.35 1.24
C ARG A 14 -4.68 -10.73 1.46
N ASN A 15 -4.09 -11.27 0.41
CA ASN A 15 -3.44 -12.56 0.47
C ASN A 15 -2.03 -12.37 1.00
N GLY A 16 -1.81 -12.77 2.25
CA GLY A 16 -0.59 -12.43 2.94
C GLY A 16 -0.52 -10.93 3.18
N ASP A 17 0.24 -10.24 2.35
CA ASP A 17 0.30 -8.78 2.39
C ASP A 17 0.17 -8.22 0.98
N THR A 18 -0.35 -9.05 0.09
CA THR A 18 -0.58 -8.66 -1.29
C THR A 18 -2.07 -8.50 -1.55
N ALA A 19 -2.44 -7.66 -2.52
CA ALA A 19 -3.84 -7.40 -2.79
C ALA A 19 -4.26 -8.00 -4.13
N HIS A 20 -4.93 -9.15 -4.06
CA HIS A 20 -5.35 -9.86 -5.26
C HIS A 20 -6.83 -9.56 -5.55
N CYS A 21 -7.14 -9.34 -6.81
CA CYS A 21 -8.50 -9.08 -7.22
C CYS A 21 -9.28 -10.39 -7.32
N GLU A 22 -10.44 -10.42 -6.72
CA GLU A 22 -11.26 -11.63 -6.70
C GLU A 22 -11.77 -11.97 -8.10
N THR A 23 -12.09 -10.95 -8.90
CA THR A 23 -12.65 -11.18 -10.23
C THR A 23 -11.58 -11.10 -11.31
N CYS A 24 -10.31 -11.07 -10.92
CA CYS A 24 -9.25 -10.77 -11.86
C CYS A 24 -7.98 -11.53 -11.52
N ALA A 25 -7.23 -11.92 -12.54
CA ALA A 25 -5.93 -12.54 -12.33
C ALA A 25 -4.88 -11.48 -12.03
N LYS A 26 -5.21 -10.59 -11.12
CA LYS A 26 -4.37 -9.44 -10.81
C LYS A 26 -4.14 -9.33 -9.31
N ASP A 27 -2.92 -8.99 -8.92
CA ASP A 27 -2.62 -8.67 -7.54
C ASP A 27 -1.55 -7.59 -7.48
N PHE A 28 -1.76 -6.64 -6.59
CA PHE A 28 -0.91 -5.46 -6.52
C PHE A 28 -0.10 -5.44 -5.23
N SER A 29 1.00 -4.70 -5.25
CA SER A 29 1.78 -4.47 -4.06
C SER A 29 1.18 -3.31 -3.28
N LEU A 30 0.97 -3.49 -1.98
CA LEU A 30 0.36 -2.47 -1.16
C LEU A 30 1.40 -1.70 -0.38
N GLN A 31 1.18 -0.40 -0.29
CA GLN A 31 2.04 0.46 0.50
C GLN A 31 1.18 1.36 1.37
N ALA A 32 1.29 1.17 2.67
CA ALA A 32 0.62 2.04 3.62
C ALA A 32 1.25 3.42 3.59
N LEU A 33 0.75 4.28 2.72
CA LEU A 33 1.35 5.59 2.51
C LEU A 33 0.72 6.58 3.47
N CYS A 34 1.44 7.66 3.77
CA CYS A 34 0.87 8.69 4.59
C CYS A 34 0.35 9.80 3.67
N PRO A 35 -0.88 10.19 3.89
CA PRO A 35 -1.60 11.15 3.03
C PRO A 35 -0.99 12.54 3.07
N ASP A 36 -0.36 12.89 4.18
CA ASP A 36 0.20 14.21 4.36
C ASP A 36 1.65 14.28 3.89
N CYS A 37 2.52 13.52 4.55
CA CYS A 37 3.93 13.52 4.18
C CYS A 37 4.14 12.85 2.83
N ARG A 38 3.50 11.70 2.66
CA ARG A 38 3.67 10.84 1.50
C ARG A 38 5.12 10.42 1.37
N GLN A 39 5.46 9.87 0.19
CA GLN A 39 6.81 9.41 -0.10
C GLN A 39 7.07 8.08 0.63
N PRO A 40 8.08 7.31 0.22
CA PRO A 40 8.41 6.05 0.88
C PRO A 40 8.61 6.24 2.38
N LEU A 41 7.70 5.69 3.18
CA LEU A 41 7.80 5.77 4.63
C LEU A 41 8.94 4.88 5.12
N GLN A 42 8.98 4.64 6.42
CA GLN A 42 9.97 3.75 6.99
C GLN A 42 9.38 2.36 7.10
N VAL A 43 9.94 1.43 6.33
CA VAL A 43 9.42 0.07 6.28
C VAL A 43 9.82 -0.70 7.54
N LEU A 44 8.91 -0.75 8.49
CA LEU A 44 9.15 -1.44 9.74
C LEU A 44 8.96 -2.93 9.56
N LYS A 45 9.72 -3.72 10.30
CA LYS A 45 9.68 -5.16 10.17
C LYS A 45 8.93 -5.76 11.35
N ALA A 46 7.93 -6.58 11.05
CA ALA A 46 7.17 -7.26 12.09
C ALA A 46 7.60 -8.71 12.18
N CYS A 47 8.73 -9.01 11.54
CA CYS A 47 9.28 -10.37 11.50
C CYS A 47 8.30 -11.31 10.80
N GLY A 48 8.36 -11.30 9.48
CA GLY A 48 7.43 -12.08 8.68
C GLY A 48 6.57 -11.17 7.84
N ALA A 49 6.11 -10.08 8.45
CA ALA A 49 5.33 -9.07 7.74
C ALA A 49 6.02 -7.72 7.86
N VAL A 50 5.60 -6.77 7.05
CA VAL A 50 6.17 -5.43 7.09
C VAL A 50 5.08 -4.39 7.25
N ASP A 51 5.47 -3.18 7.64
CA ASP A 51 4.52 -2.10 7.80
C ASP A 51 5.17 -0.77 7.44
N TYR A 52 4.37 0.16 6.94
CA TYR A 52 4.88 1.48 6.60
C TYR A 52 4.35 2.48 7.62
N PHE A 53 5.25 3.02 8.42
CA PHE A 53 4.84 3.92 9.50
C PHE A 53 5.88 5.03 9.69
N CYS A 54 5.42 6.25 9.81
CA CYS A 54 6.30 7.40 9.95
C CYS A 54 6.85 7.49 11.38
N GLN A 55 8.17 7.49 11.50
CA GLN A 55 8.82 7.76 12.78
C GLN A 55 9.46 9.14 12.73
N ASN A 56 10.35 9.34 11.75
CA ASN A 56 11.06 10.60 11.59
C ASN A 56 10.89 11.11 10.16
N GLY A 57 11.05 12.42 9.99
CA GLY A 57 11.00 13.01 8.66
C GLY A 57 9.59 13.09 8.10
N HIS A 58 8.63 12.63 8.88
CA HIS A 58 7.24 12.61 8.44
C HIS A 58 6.31 12.99 9.59
N GLY A 59 5.92 11.99 10.37
CA GLY A 59 5.02 12.19 11.48
C GLY A 59 4.08 11.01 11.62
N LEU A 60 4.11 10.35 12.77
CA LEU A 60 3.37 9.10 12.95
C LEU A 60 1.88 9.31 12.67
N ILE A 61 1.31 8.36 11.95
CA ILE A 61 -0.08 8.42 11.53
C ILE A 61 -0.85 7.23 12.08
N SER A 62 -1.92 7.51 12.80
CA SER A 62 -2.81 6.45 13.29
C SER A 62 -3.30 5.63 12.09
N LYS A 63 -3.64 4.37 12.31
CA LYS A 63 -3.91 3.45 11.20
C LYS A 63 -5.13 3.86 10.36
N LYS A 64 -6.01 4.68 10.91
CA LYS A 64 -7.12 5.23 10.10
C LYS A 64 -6.67 6.49 9.37
N ARG A 65 -5.57 7.07 9.82
CA ARG A 65 -4.97 8.22 9.15
C ARG A 65 -3.95 7.75 8.12
N VAL A 66 -3.72 6.45 8.09
CA VAL A 66 -2.84 5.85 7.09
C VAL A 66 -3.66 5.42 5.88
N ASN A 67 -3.18 5.76 4.70
CA ASN A 67 -3.90 5.41 3.48
C ASN A 67 -3.16 4.29 2.76
N PHE A 68 -3.69 3.08 2.86
CA PHE A 68 -3.11 1.92 2.20
C PHE A 68 -3.39 1.98 0.71
N VAL A 69 -2.41 2.45 -0.06
CA VAL A 69 -2.57 2.60 -1.49
C VAL A 69 -1.65 1.65 -2.24
N ILE A 70 -1.78 1.66 -3.56
CA ILE A 70 -0.94 0.83 -4.40
C ILE A 70 0.14 1.68 -5.04
N SER A 71 1.15 2.03 -4.24
CA SER A 71 2.24 2.91 -4.68
C SER A 71 1.67 4.27 -5.14
N ASP A 72 2.43 5.02 -5.92
CA ASP A 72 1.91 6.22 -6.55
C ASP A 72 1.28 5.82 -7.87
N GLN A 73 1.95 4.90 -8.55
CA GLN A 73 1.50 4.33 -9.81
C GLN A 73 2.08 2.93 -9.93
N LEU A 74 1.28 1.96 -10.35
CA LEU A 74 1.77 0.61 -10.54
C LEU A 74 1.72 0.24 -12.01
N GLU A 75 2.79 0.52 -12.72
CA GLU A 75 2.91 0.18 -14.13
C GLU A 75 3.99 -0.88 -14.33
N HIS A 76 4.86 -1.01 -13.34
CA HIS A 76 5.99 -1.94 -13.39
C HIS A 76 7.02 -1.46 -14.41
N HIS A 77 8.14 -0.97 -13.93
CA HIS A 77 9.13 -0.32 -14.78
C HIS A 77 9.80 -1.30 -15.72
N HIS A 78 10.43 -0.76 -16.76
CA HIS A 78 11.10 -1.57 -17.78
C HIS A 78 12.23 -2.38 -17.18
N HIS A 79 12.00 -3.68 -17.06
CA HIS A 79 12.98 -4.60 -16.49
C HIS A 79 12.69 -6.02 -16.99
N HIS A 80 11.93 -6.08 -18.09
CA HIS A 80 11.42 -7.34 -18.64
C HIS A 80 10.36 -7.91 -17.72
N HIS A 81 10.78 -8.49 -16.62
CA HIS A 81 9.87 -9.04 -15.63
C HIS A 81 10.32 -8.64 -14.22
ZN ZN B . -13.67 -7.58 -11.58
ZN ZN C . 8.37 14.52 3.05
N MET A 1 -13.04 3.82 2.28
CA MET A 1 -13.98 3.49 1.18
C MET A 1 -13.94 1.99 0.89
N GLU A 2 -13.03 1.59 0.00
CA GLU A 2 -12.84 0.17 -0.34
C GLU A 2 -11.76 0.02 -1.40
N ILE A 3 -11.04 -1.08 -1.36
CA ILE A 3 -10.09 -1.39 -2.40
C ILE A 3 -10.72 -2.36 -3.41
N THR A 4 -10.71 -1.97 -4.68
CA THR A 4 -11.36 -2.76 -5.70
C THR A 4 -10.61 -2.63 -7.03
N CYS A 5 -10.56 -3.73 -7.78
CA CYS A 5 -9.93 -3.73 -9.09
C CYS A 5 -10.67 -2.78 -10.04
N PRO A 6 -9.96 -1.86 -10.71
CA PRO A 6 -10.57 -0.79 -11.51
C PRO A 6 -11.29 -1.30 -12.77
N VAL A 7 -11.33 -2.60 -12.94
CA VAL A 7 -11.99 -3.22 -14.08
C VAL A 7 -12.80 -4.42 -13.63
N CYS A 8 -12.78 -4.66 -12.32
CA CYS A 8 -13.47 -5.79 -11.74
C CYS A 8 -14.27 -5.34 -10.53
N HIS A 9 -15.45 -4.79 -10.80
CA HIS A 9 -16.37 -4.38 -9.75
C HIS A 9 -16.76 -5.57 -8.87
N HIS A 10 -15.96 -5.77 -7.83
CA HIS A 10 -16.18 -6.84 -6.86
C HIS A 10 -15.63 -6.38 -5.52
N ALA A 11 -14.35 -6.64 -5.32
CA ALA A 11 -13.61 -6.22 -4.14
C ALA A 11 -12.20 -6.80 -4.23
N LEU A 12 -11.33 -6.42 -3.31
CA LEU A 12 -10.00 -6.98 -3.26
C LEU A 12 -9.78 -7.68 -1.92
N GLU A 13 -9.32 -8.91 -1.97
CA GLU A 13 -9.02 -9.67 -0.78
C GLU A 13 -7.73 -9.12 -0.16
N ARG A 14 -7.85 -8.49 1.00
CA ARG A 14 -6.68 -7.90 1.63
C ARG A 14 -5.95 -8.94 2.46
N ASN A 15 -4.75 -9.30 2.02
CA ASN A 15 -3.95 -10.30 2.70
C ASN A 15 -3.12 -9.65 3.80
N GLY A 16 -3.39 -8.37 4.04
CA GLY A 16 -2.65 -7.63 5.03
C GLY A 16 -1.45 -6.94 4.41
N ASP A 17 -0.67 -7.71 3.67
CA ASP A 17 0.50 -7.19 2.97
C ASP A 17 0.16 -6.81 1.54
N THR A 18 -0.59 -7.68 0.88
CA THR A 18 -0.94 -7.49 -0.52
C THR A 18 -2.46 -7.54 -0.71
N ALA A 19 -2.94 -7.07 -1.85
CA ALA A 19 -4.35 -7.19 -2.22
C ALA A 19 -4.50 -8.12 -3.41
N HIS A 20 -5.48 -9.01 -3.36
CA HIS A 20 -5.65 -10.01 -4.41
C HIS A 20 -7.03 -9.88 -5.07
N CYS A 21 -7.07 -10.03 -6.40
CA CYS A 21 -8.34 -10.02 -7.13
C CYS A 21 -8.74 -11.47 -7.44
N GLU A 22 -10.01 -11.81 -7.22
CA GLU A 22 -10.49 -13.15 -7.51
C GLU A 22 -10.70 -13.37 -9.00
N THR A 23 -10.80 -12.29 -9.76
CA THR A 23 -11.00 -12.40 -11.20
C THR A 23 -9.67 -12.57 -11.91
N CYS A 24 -8.71 -11.72 -11.57
CA CYS A 24 -7.39 -11.77 -12.16
C CYS A 24 -6.35 -11.99 -11.09
N ALA A 25 -5.36 -12.82 -11.39
CA ALA A 25 -4.37 -13.25 -10.42
C ALA A 25 -3.28 -12.20 -10.22
N LYS A 26 -3.66 -10.94 -10.30
CA LYS A 26 -2.74 -9.85 -10.07
C LYS A 26 -2.83 -9.41 -8.62
N ASP A 27 -1.68 -9.34 -7.96
CA ASP A 27 -1.64 -8.89 -6.58
C ASP A 27 -1.20 -7.43 -6.54
N PHE A 28 -1.91 -6.64 -5.78
CA PHE A 28 -1.66 -5.22 -5.71
C PHE A 28 -0.84 -4.90 -4.46
N SER A 29 0.37 -4.41 -4.67
CA SER A 29 1.22 -4.00 -3.57
C SER A 29 0.61 -2.79 -2.86
N LEU A 30 0.32 -2.95 -1.58
CA LEU A 30 -0.29 -1.89 -0.81
C LEU A 30 0.75 -1.17 0.02
N GLN A 31 0.83 0.15 -0.15
CA GLN A 31 1.76 0.95 0.61
C GLN A 31 1.02 1.85 1.57
N ALA A 32 1.31 1.68 2.85
CA ALA A 32 0.74 2.52 3.88
C ALA A 32 1.45 3.87 3.91
N LEU A 33 0.89 4.85 3.22
CA LEU A 33 1.51 6.16 3.13
C LEU A 33 0.94 7.09 4.21
N CYS A 34 1.78 8.00 4.68
CA CYS A 34 1.34 8.98 5.67
C CYS A 34 0.97 10.28 4.96
N PRO A 35 -0.31 10.67 5.06
CA PRO A 35 -0.84 11.90 4.47
C PRO A 35 -0.12 13.14 5.01
N ASP A 36 0.14 14.10 4.12
CA ASP A 36 0.88 15.33 4.46
C ASP A 36 2.36 15.05 4.62
N CYS A 37 2.68 13.86 5.07
CA CYS A 37 4.05 13.41 5.22
C CYS A 37 4.63 12.99 3.87
N ARG A 38 4.30 11.77 3.45
CA ARG A 38 4.86 11.15 2.25
C ARG A 38 6.39 11.18 2.30
N GLN A 39 6.92 11.30 3.50
CA GLN A 39 8.36 11.22 3.72
C GLN A 39 8.77 9.74 3.72
N PRO A 40 10.07 9.43 3.84
CA PRO A 40 10.52 8.03 3.90
C PRO A 40 9.96 7.28 5.10
N LEU A 41 8.74 6.76 4.97
CA LEU A 41 8.19 5.86 5.97
C LEU A 41 9.05 4.61 6.02
N GLN A 42 9.50 4.24 7.21
CA GLN A 42 10.35 3.08 7.36
C GLN A 42 9.59 1.83 6.99
N VAL A 43 10.15 1.07 6.05
CA VAL A 43 9.55 -0.19 5.65
C VAL A 43 9.83 -1.23 6.72
N LEU A 44 8.90 -1.35 7.65
CA LEU A 44 9.04 -2.29 8.75
C LEU A 44 8.88 -3.72 8.25
N LYS A 45 9.99 -4.41 8.12
CA LYS A 45 10.01 -5.73 7.52
C LYS A 45 9.99 -6.82 8.59
N ALA A 46 8.99 -7.68 8.51
CA ALA A 46 8.89 -8.82 9.40
C ALA A 46 8.94 -10.11 8.59
N CYS A 47 9.04 -11.23 9.26
CA CYS A 47 9.07 -12.52 8.59
C CYS A 47 7.67 -12.92 8.13
N GLY A 48 7.37 -12.60 6.87
CA GLY A 48 6.06 -12.90 6.33
C GLY A 48 5.46 -11.74 5.55
N ALA A 49 5.63 -10.54 6.07
CA ALA A 49 5.03 -9.35 5.46
C ALA A 49 5.75 -8.08 5.91
N VAL A 50 5.45 -6.97 5.24
CA VAL A 50 6.05 -5.69 5.61
C VAL A 50 4.96 -4.69 6.01
N ASP A 51 5.37 -3.56 6.56
CA ASP A 51 4.44 -2.52 6.97
C ASP A 51 5.10 -1.15 6.86
N TYR A 52 4.42 -0.20 6.23
CA TYR A 52 4.95 1.14 6.09
C TYR A 52 4.46 2.02 7.25
N PHE A 53 5.40 2.49 8.05
CA PHE A 53 5.08 3.23 9.27
C PHE A 53 6.30 4.06 9.66
N CYS A 54 6.17 5.38 9.60
CA CYS A 54 7.30 6.25 9.88
C CYS A 54 7.50 6.42 11.38
N GLN A 55 8.29 5.51 11.95
CA GLN A 55 8.58 5.52 13.37
C GLN A 55 9.57 6.65 13.71
N ASN A 56 10.74 6.60 13.08
CA ASN A 56 11.80 7.57 13.38
C ASN A 56 11.58 8.87 12.61
N GLY A 57 11.53 8.76 11.30
CA GLY A 57 11.25 9.92 10.47
C GLY A 57 9.80 10.34 10.56
N HIS A 58 9.57 11.64 10.65
CA HIS A 58 8.22 12.21 10.76
C HIS A 58 7.56 11.83 12.09
N GLY A 59 7.07 10.60 12.20
CA GLY A 59 6.43 10.17 13.42
C GLY A 59 5.25 9.25 13.14
N LEU A 60 4.91 8.42 14.11
CA LEU A 60 3.87 7.40 13.95
C LEU A 60 2.58 7.96 13.36
N ILE A 61 1.80 7.09 12.72
CA ILE A 61 0.52 7.48 12.15
C ILE A 61 -0.56 6.55 12.65
N SER A 62 -1.67 7.11 13.10
CA SER A 62 -2.82 6.30 13.41
C SER A 62 -3.23 5.54 12.16
N LYS A 63 -3.37 4.23 12.27
CA LYS A 63 -3.69 3.39 11.11
C LYS A 63 -5.04 3.76 10.52
N LYS A 64 -5.84 4.50 11.29
CA LYS A 64 -7.13 4.99 10.82
C LYS A 64 -6.96 6.19 9.90
N ARG A 65 -5.76 6.73 9.85
CA ARG A 65 -5.46 7.87 9.00
C ARG A 65 -4.39 7.51 7.98
N VAL A 66 -3.95 6.27 8.01
CA VAL A 66 -2.98 5.77 7.06
C VAL A 66 -3.63 5.62 5.68
N ASN A 67 -2.96 6.11 4.66
CA ASN A 67 -3.48 6.01 3.30
C ASN A 67 -2.84 4.84 2.58
N PHE A 68 -3.54 3.71 2.57
CA PHE A 68 -3.07 2.54 1.85
C PHE A 68 -3.30 2.71 0.36
N VAL A 69 -2.22 2.92 -0.38
CA VAL A 69 -2.31 3.14 -1.81
C VAL A 69 -1.97 1.89 -2.59
N ILE A 70 -2.61 1.72 -3.74
CA ILE A 70 -2.33 0.60 -4.62
C ILE A 70 -1.12 0.94 -5.50
N SER A 71 -0.03 0.24 -5.28
CA SER A 71 1.20 0.50 -6.01
C SER A 71 1.39 -0.51 -7.14
N ASP A 72 1.69 0.02 -8.32
CA ASP A 72 1.97 -0.80 -9.49
C ASP A 72 3.46 -0.67 -9.80
N GLN A 73 3.84 -0.82 -11.07
CA GLN A 73 5.23 -0.60 -11.49
C GLN A 73 6.18 -1.59 -10.80
N LEU A 74 5.74 -2.84 -10.69
CA LEU A 74 6.56 -3.89 -10.07
C LEU A 74 7.90 -4.01 -10.79
N GLU A 75 8.93 -4.39 -10.03
CA GLU A 75 10.32 -4.38 -10.51
C GLU A 75 10.82 -2.95 -10.65
N HIS A 76 11.31 -2.41 -9.54
CA HIS A 76 11.84 -1.06 -9.51
C HIS A 76 13.31 -1.06 -9.90
N HIS A 77 14.01 0.01 -9.55
CA HIS A 77 15.39 0.18 -9.95
C HIS A 77 16.31 -0.62 -9.02
N HIS A 78 17.34 -1.22 -9.59
CA HIS A 78 18.26 -2.05 -8.81
C HIS A 78 19.67 -1.48 -8.84
N HIS A 79 20.31 -1.49 -7.68
CA HIS A 79 21.68 -1.02 -7.55
C HIS A 79 22.34 -1.71 -6.36
N HIS A 80 23.59 -2.14 -6.54
CA HIS A 80 24.33 -2.79 -5.46
C HIS A 80 25.72 -2.20 -5.38
N HIS A 81 26.51 -2.43 -6.42
CA HIS A 81 27.85 -1.91 -6.53
C HIS A 81 28.39 -2.16 -7.92
ZN ZN B . -9.99 -8.65 -13.47
ZN ZN C . 2.28 10.77 12.87
N MET A 1 -12.41 0.52 3.25
CA MET A 1 -11.69 1.23 2.17
C MET A 1 -11.84 0.47 0.87
N GLU A 2 -12.54 1.06 -0.08
CA GLU A 2 -12.78 0.42 -1.36
C GLU A 2 -11.60 0.61 -2.30
N ILE A 3 -10.75 -0.41 -2.33
CA ILE A 3 -9.54 -0.37 -3.16
C ILE A 3 -9.92 -0.49 -4.62
N THR A 4 -10.67 -1.55 -4.93
CA THR A 4 -11.20 -1.83 -6.27
C THR A 4 -10.11 -2.03 -7.33
N CYS A 5 -10.47 -2.69 -8.42
CA CYS A 5 -9.57 -2.89 -9.54
C CYS A 5 -9.90 -1.90 -10.66
N PRO A 6 -8.88 -1.27 -11.25
CA PRO A 6 -9.07 -0.29 -12.33
C PRO A 6 -9.88 -0.83 -13.50
N VAL A 7 -9.73 -2.12 -13.79
CA VAL A 7 -10.38 -2.72 -14.95
C VAL A 7 -11.42 -3.77 -14.55
N CYS A 8 -11.93 -3.66 -13.34
CA CYS A 8 -13.00 -4.56 -12.89
C CYS A 8 -13.93 -3.87 -11.89
N HIS A 9 -13.46 -2.77 -11.32
CA HIS A 9 -14.10 -2.16 -10.15
C HIS A 9 -14.15 -3.20 -9.04
N HIS A 10 -15.31 -3.85 -8.89
CA HIS A 10 -15.45 -4.97 -7.96
C HIS A 10 -14.99 -4.57 -6.55
N ALA A 11 -14.74 -5.55 -5.72
CA ALA A 11 -14.06 -5.33 -4.46
C ALA A 11 -12.80 -6.17 -4.42
N LEU A 12 -11.76 -5.65 -3.78
CA LEU A 12 -10.51 -6.38 -3.65
C LEU A 12 -10.40 -6.96 -2.25
N GLU A 13 -10.26 -8.26 -2.18
CA GLU A 13 -10.14 -8.94 -0.90
C GLU A 13 -8.69 -8.95 -0.46
N ARG A 14 -8.43 -8.26 0.64
CA ARG A 14 -7.08 -8.09 1.15
C ARG A 14 -6.64 -9.30 1.95
N ASN A 15 -5.52 -9.89 1.57
CA ASN A 15 -4.98 -11.03 2.28
C ASN A 15 -3.98 -10.57 3.34
N GLY A 16 -3.72 -9.27 3.35
CA GLY A 16 -2.79 -8.69 4.30
C GLY A 16 -1.86 -7.70 3.64
N ASP A 17 -0.90 -8.21 2.92
CA ASP A 17 0.07 -7.38 2.19
C ASP A 17 -0.51 -7.04 0.82
N THR A 18 -1.16 -8.03 0.22
CA THR A 18 -1.68 -7.90 -1.12
C THR A 18 -3.20 -8.05 -1.15
N ALA A 19 -3.83 -7.42 -2.12
CA ALA A 19 -5.25 -7.57 -2.37
C ALA A 19 -5.45 -8.32 -3.68
N HIS A 20 -6.24 -9.38 -3.63
CA HIS A 20 -6.38 -10.26 -4.78
C HIS A 20 -7.65 -9.96 -5.56
N CYS A 21 -7.50 -9.60 -6.82
CA CYS A 21 -8.62 -9.44 -7.72
C CYS A 21 -9.00 -10.80 -8.29
N GLU A 22 -10.25 -11.18 -8.12
CA GLU A 22 -10.72 -12.48 -8.57
C GLU A 22 -10.98 -12.49 -10.07
N THR A 23 -11.51 -11.39 -10.57
CA THR A 23 -11.98 -11.31 -11.95
C THR A 23 -10.86 -11.56 -12.96
N CYS A 24 -9.82 -10.75 -12.94
CA CYS A 24 -8.73 -10.90 -13.90
C CYS A 24 -7.50 -11.55 -13.26
N ALA A 25 -7.68 -12.02 -12.02
CA ALA A 25 -6.61 -12.66 -11.26
C ALA A 25 -5.39 -11.75 -11.15
N LYS A 26 -5.48 -10.77 -10.27
CA LYS A 26 -4.41 -9.81 -10.09
C LYS A 26 -4.12 -9.60 -8.60
N ASP A 27 -2.87 -9.77 -8.21
CA ASP A 27 -2.46 -9.55 -6.83
C ASP A 27 -1.78 -8.20 -6.68
N PHE A 28 -2.47 -7.27 -6.05
CA PHE A 28 -1.95 -5.92 -5.88
C PHE A 28 -1.42 -5.72 -4.47
N SER A 29 -0.11 -5.56 -4.34
CA SER A 29 0.51 -5.29 -3.05
C SER A 29 0.24 -3.85 -2.63
N LEU A 30 -0.14 -3.67 -1.36
CA LEU A 30 -0.45 -2.35 -0.85
C LEU A 30 0.71 -1.80 -0.03
N GLN A 31 0.76 -0.48 0.09
CA GLN A 31 1.79 0.18 0.84
C GLN A 31 1.16 1.21 1.77
N ALA A 32 1.88 1.58 2.82
CA ALA A 32 1.38 2.54 3.79
C ALA A 32 1.90 3.94 3.46
N LEU A 33 0.99 4.83 3.09
CA LEU A 33 1.34 6.19 2.70
C LEU A 33 0.71 7.22 3.64
N CYS A 34 1.35 8.38 3.74
CA CYS A 34 0.80 9.51 4.49
C CYS A 34 0.11 10.47 3.54
N PRO A 35 -0.97 11.12 4.00
CA PRO A 35 -1.66 12.14 3.20
C PRO A 35 -0.77 13.37 2.99
N ASP A 36 0.14 13.60 3.91
CA ASP A 36 1.03 14.76 3.85
C ASP A 36 2.23 14.48 2.97
N CYS A 37 2.67 13.23 2.91
CA CYS A 37 3.86 12.89 2.16
C CYS A 37 3.77 11.50 1.54
N ARG A 38 3.84 11.43 0.22
CA ARG A 38 3.93 10.15 -0.45
C ARG A 38 5.36 9.64 -0.36
N GLN A 39 5.65 9.00 0.75
CA GLN A 39 6.97 8.46 1.02
C GLN A 39 6.82 7.01 1.44
N PRO A 40 7.93 6.29 1.62
CA PRO A 40 7.91 5.01 2.33
C PRO A 40 7.79 5.24 3.84
N LEU A 41 7.44 6.48 4.18
CA LEU A 41 7.33 6.95 5.56
C LEU A 41 8.66 6.78 6.29
N GLN A 42 8.82 5.62 6.89
CA GLN A 42 10.05 5.24 7.55
C GLN A 42 10.03 3.74 7.67
N VAL A 43 10.89 3.09 6.91
CA VAL A 43 10.88 1.64 6.81
C VAL A 43 11.35 1.02 8.12
N LEU A 44 10.43 0.36 8.80
CA LEU A 44 10.73 -0.29 10.04
C LEU A 44 10.82 -1.79 9.82
N LYS A 45 12.03 -2.29 9.68
CA LYS A 45 12.24 -3.69 9.41
C LYS A 45 12.38 -4.45 10.72
N ALA A 46 11.26 -4.97 11.20
CA ALA A 46 11.25 -5.72 12.45
C ALA A 46 11.31 -7.21 12.16
N CYS A 47 11.49 -8.00 13.20
CA CYS A 47 11.59 -9.44 13.02
C CYS A 47 10.19 -10.05 13.01
N GLY A 48 9.65 -10.22 11.81
CA GLY A 48 8.33 -10.81 11.67
C GLY A 48 7.42 -9.96 10.81
N ALA A 49 7.69 -8.66 10.76
CA ALA A 49 6.85 -7.74 10.00
C ALA A 49 7.64 -6.51 9.59
N VAL A 50 7.28 -5.94 8.45
CA VAL A 50 7.90 -4.71 7.99
C VAL A 50 6.85 -3.61 7.83
N ASP A 51 6.95 -2.58 8.65
CA ASP A 51 5.98 -1.50 8.65
C ASP A 51 6.58 -0.22 8.10
N TYR A 52 5.74 0.59 7.49
CA TYR A 52 6.14 1.92 7.06
C TYR A 52 5.46 2.93 7.97
N PHE A 53 6.25 3.65 8.73
CA PHE A 53 5.73 4.45 9.83
C PHE A 53 6.65 5.63 10.14
N CYS A 54 6.19 6.84 9.83
CA CYS A 54 6.97 8.05 10.10
C CYS A 54 7.01 8.30 11.60
N GLN A 55 7.98 7.72 12.29
CA GLN A 55 8.06 7.86 13.74
C GLN A 55 8.37 9.30 14.14
N ASN A 56 9.59 9.73 13.87
CA ASN A 56 10.03 11.05 14.29
C ASN A 56 10.05 12.04 13.12
N GLY A 57 10.26 11.51 11.92
CA GLY A 57 10.35 12.36 10.74
C GLY A 57 8.99 12.74 10.18
N HIS A 58 8.03 12.95 11.07
CA HIS A 58 6.66 13.32 10.71
C HIS A 58 5.77 13.21 11.95
N GLY A 59 5.60 11.99 12.41
CA GLY A 59 4.76 11.74 13.57
C GLY A 59 4.00 10.46 13.38
N LEU A 60 3.99 9.63 14.40
CA LEU A 60 3.36 8.32 14.31
C LEU A 60 1.86 8.44 14.02
N ILE A 61 1.52 8.32 12.75
CA ILE A 61 0.14 8.38 12.32
C ILE A 61 -0.55 7.06 12.65
N SER A 62 -1.72 7.13 13.25
CA SER A 62 -2.51 5.94 13.50
C SER A 62 -2.77 5.23 12.17
N LYS A 63 -2.47 3.93 12.10
CA LYS A 63 -2.59 3.21 10.84
C LYS A 63 -4.05 3.13 10.39
N LYS A 64 -4.95 3.42 11.31
CA LYS A 64 -6.36 3.60 11.00
C LYS A 64 -6.55 4.73 9.98
N ARG A 65 -5.67 5.71 10.02
CA ARG A 65 -5.76 6.87 9.14
C ARG A 65 -4.68 6.84 8.06
N VAL A 66 -3.85 5.81 8.07
CA VAL A 66 -2.79 5.68 7.08
C VAL A 66 -3.36 5.15 5.76
N ASN A 67 -2.87 5.67 4.66
CA ASN A 67 -3.37 5.30 3.35
C ASN A 67 -2.73 4.01 2.87
N PHE A 68 -3.37 2.89 3.16
CA PHE A 68 -2.95 1.62 2.61
C PHE A 68 -3.49 1.48 1.19
N VAL A 69 -2.65 1.79 0.22
CA VAL A 69 -3.06 1.79 -1.17
C VAL A 69 -2.09 1.02 -2.04
N ILE A 70 -2.50 0.68 -3.24
CA ILE A 70 -1.64 0.00 -4.19
C ILE A 70 -0.52 0.94 -4.63
N SER A 71 0.72 0.49 -4.53
CA SER A 71 1.85 1.34 -4.86
C SER A 71 2.18 1.29 -6.35
N ASP A 72 1.59 2.20 -7.11
CA ASP A 72 1.88 2.32 -8.53
C ASP A 72 3.10 3.20 -8.73
N GLN A 73 4.18 2.62 -9.22
CA GLN A 73 5.44 3.35 -9.38
C GLN A 73 6.40 2.54 -10.22
N LEU A 74 6.52 1.27 -9.89
CA LEU A 74 7.41 0.37 -10.60
C LEU A 74 6.59 -0.64 -11.40
N GLU A 75 6.76 -0.61 -12.72
CA GLU A 75 6.01 -1.48 -13.60
C GLU A 75 6.96 -2.21 -14.55
N HIS A 76 7.77 -1.43 -15.26
CA HIS A 76 8.70 -1.97 -16.24
C HIS A 76 9.84 -2.71 -15.57
N HIS A 77 10.35 -3.73 -16.25
CA HIS A 77 11.44 -4.55 -15.74
C HIS A 77 12.76 -3.81 -15.87
N HIS A 78 13.43 -3.61 -14.74
CA HIS A 78 14.65 -2.81 -14.69
C HIS A 78 15.33 -3.06 -13.35
N HIS A 79 16.67 -3.00 -13.32
CA HIS A 79 17.41 -3.19 -12.07
C HIS A 79 17.03 -2.14 -11.04
N HIS A 80 17.48 -0.91 -11.28
CA HIS A 80 17.06 0.22 -10.46
C HIS A 80 16.74 1.40 -11.36
N HIS A 81 17.76 2.15 -11.73
CA HIS A 81 17.63 3.23 -12.68
C HIS A 81 18.86 3.29 -13.57
ZN ZN B . -11.73 -5.98 -16.39
ZN ZN C . 6.93 12.53 5.19
#